data_2ED6
#
_entry.id   2ED6
#
_cell.length_a   105.330
_cell.length_b   106.710
_cell.length_c   200.370
_cell.angle_alpha   90.00
_cell.angle_beta   90.00
_cell.angle_gamma   90.00
#
_symmetry.space_group_name_H-M   'P 21 21 21'
#
loop_
_entity.id
_entity.type
_entity.pdbx_description
1 polymer '25kDa structural protein VP25'
2 water water
#
_entity_poly.entity_id   1
_entity_poly.type   'polypeptide(L)'
_entity_poly.pdbx_seq_one_letter_code
;TVTKTIETHTDNIETNMDENLRIPVTAEVGSGYFKMTDVSFDSDTLGKIKIRNGKSDAQMKEEDADLVITPVEGRALEVT
VGQNLTFEGTFKVWNNTSRKINITGMQMVPKINPSKAFVGSSNTSSFTPVSIDEDEVGTFVCGTTFGAPIAATAGGNLFD
MYVHVTYSGT
;
_entity_poly.pdbx_strand_id   A,B,C,D,E,F,G,H,I,J,K,L
#
# COMPACT_ATOMS: atom_id res chain seq x y z
N THR A 1 7.54 40.88 -33.38
CA THR A 1 6.93 40.24 -32.18
C THR A 1 7.66 38.96 -31.79
N VAL A 2 8.16 38.93 -30.56
CA VAL A 2 8.87 37.78 -30.05
C VAL A 2 7.92 36.58 -29.98
N THR A 3 6.67 36.85 -29.63
CA THR A 3 5.67 35.79 -29.53
C THR A 3 5.55 35.00 -30.82
N LYS A 4 5.44 35.70 -31.94
CA LYS A 4 5.30 35.03 -33.22
C LYS A 4 6.60 34.42 -33.73
N THR A 5 7.73 34.95 -33.28
CA THR A 5 9.03 34.41 -33.68
C THR A 5 9.21 33.07 -32.99
N ILE A 6 8.81 33.01 -31.72
CA ILE A 6 8.90 31.79 -30.94
C ILE A 6 7.98 30.74 -31.53
N GLU A 7 6.81 31.17 -32.00
CA GLU A 7 5.86 30.25 -32.61
C GLU A 7 6.46 29.69 -33.89
N THR A 8 7.17 30.55 -34.62
CA THR A 8 7.81 30.14 -35.86
C THR A 8 8.90 29.12 -35.55
N HIS A 9 9.70 29.40 -34.53
CA HIS A 9 10.77 28.50 -34.10
C HIS A 9 10.18 27.15 -33.73
N THR A 10 9.07 27.16 -33.00
CA THR A 10 8.42 25.92 -32.59
C THR A 10 8.10 25.08 -33.82
N ASP A 11 7.53 25.70 -34.85
CA ASP A 11 7.20 24.98 -36.07
C ASP A 11 8.44 24.49 -36.81
N ASN A 12 9.46 25.35 -36.92
CA ASN A 12 10.69 24.97 -37.62
C ASN A 12 11.46 23.86 -36.91
N ILE A 13 11.47 23.91 -35.59
CA ILE A 13 12.16 22.88 -34.81
C ILE A 13 11.45 21.56 -35.06
N GLU A 14 10.13 21.62 -35.12
CA GLU A 14 9.34 20.42 -35.36
C GLU A 14 9.67 19.86 -36.75
N THR A 15 9.71 20.72 -37.76
CA THR A 15 10.03 20.29 -39.11
C THR A 15 11.44 19.70 -39.19
N ASN A 16 12.33 20.10 -38.29
CA ASN A 16 13.70 19.59 -38.29
C ASN A 16 13.85 18.26 -37.54
N MET A 17 12.76 17.71 -37.03
CA MET A 17 12.85 16.42 -36.32
C MET A 17 13.11 15.29 -37.33
N ASP A 18 14.30 14.68 -37.21
CA ASP A 18 14.81 13.59 -38.07
C ASP A 18 15.11 12.39 -37.19
N GLU A 19 15.00 11.18 -37.73
CA GLU A 19 15.34 10.00 -36.94
C GLU A 19 15.53 8.72 -37.73
N ASN A 20 16.63 8.03 -37.49
CA ASN A 20 16.90 6.74 -38.15
C ASN A 20 16.63 5.69 -37.09
N LEU A 21 15.43 5.12 -37.14
CA LEU A 21 15.01 4.11 -36.17
C LEU A 21 15.69 2.76 -36.44
N ARG A 22 16.33 2.20 -35.42
CA ARG A 22 16.99 0.91 -35.59
C ARG A 22 16.10 -0.21 -35.06
N ILE A 23 15.69 -1.10 -35.96
CA ILE A 23 14.84 -2.22 -35.58
C ILE A 23 15.55 -3.54 -35.87
N PRO A 24 15.95 -4.26 -34.82
CA PRO A 24 16.63 -5.53 -35.07
C PRO A 24 15.63 -6.49 -35.70
N VAL A 25 16.06 -7.20 -36.74
CA VAL A 25 15.15 -8.12 -37.41
C VAL A 25 15.82 -9.45 -37.73
N THR A 26 14.99 -10.47 -37.94
CA THR A 26 15.47 -11.79 -38.28
C THR A 26 14.84 -12.23 -39.59
N ALA A 27 15.68 -12.53 -40.57
CA ALA A 27 15.19 -13.01 -41.86
C ALA A 27 14.86 -14.46 -41.58
N GLU A 28 13.58 -14.76 -41.39
CA GLU A 28 13.20 -16.14 -41.11
C GLU A 28 13.24 -17.02 -42.34
N VAL A 29 14.24 -17.88 -42.35
CA VAL A 29 14.48 -18.82 -43.44
C VAL A 29 13.21 -19.55 -43.86
N GLY A 30 12.91 -19.48 -45.16
CA GLY A 30 11.74 -20.16 -45.69
C GLY A 30 10.41 -19.42 -45.53
N SER A 31 10.45 -18.17 -45.06
CA SER A 31 9.22 -17.41 -44.88
C SER A 31 9.11 -16.18 -45.78
N GLY A 32 10.25 -15.69 -46.25
CA GLY A 32 10.22 -14.51 -47.11
C GLY A 32 9.93 -13.25 -46.30
N TYR A 33 10.06 -13.34 -44.99
CA TYR A 33 9.80 -12.19 -44.13
C TYR A 33 10.88 -11.90 -43.10
N PHE A 34 11.04 -10.60 -42.82
CA PHE A 34 11.95 -10.11 -41.80
C PHE A 34 11.05 -10.03 -40.57
N LYS A 35 11.39 -10.76 -39.51
CA LYS A 35 10.57 -10.75 -38.31
C LYS A 35 11.12 -9.77 -37.27
N MET A 36 10.24 -9.04 -36.60
CA MET A 36 10.67 -8.13 -35.56
C MET A 36 10.02 -8.52 -34.24
N THR A 37 10.73 -8.28 -33.15
CA THR A 37 10.26 -8.64 -31.82
C THR A 37 9.61 -7.46 -31.09
N ASP A 38 8.52 -7.74 -30.39
CA ASP A 38 7.81 -6.71 -29.63
C ASP A 38 8.82 -6.02 -28.71
N VAL A 39 8.82 -4.70 -28.75
CA VAL A 39 9.73 -3.92 -27.93
C VAL A 39 9.13 -2.55 -27.67
N SER A 40 9.64 -1.88 -26.65
CA SER A 40 9.18 -0.54 -26.29
C SER A 40 10.41 0.30 -25.99
N PHE A 41 10.54 1.44 -26.65
CA PHE A 41 11.69 2.31 -26.42
C PHE A 41 11.35 3.78 -26.58
N ASP A 42 12.26 4.62 -26.10
CA ASP A 42 12.08 6.06 -26.18
C ASP A 42 13.14 6.74 -27.03
N SER A 43 12.67 7.56 -27.96
CA SER A 43 13.54 8.32 -28.85
C SER A 43 13.50 9.78 -28.41
N ASP A 44 14.66 10.42 -28.28
CA ASP A 44 14.71 11.81 -27.89
C ASP A 44 13.93 12.66 -28.89
N THR A 45 13.85 12.19 -30.13
CA THR A 45 13.14 12.92 -31.17
C THR A 45 11.69 12.50 -31.34
N LEU A 46 11.46 11.21 -31.52
CA LEU A 46 10.11 10.69 -31.76
C LEU A 46 9.25 10.34 -30.54
N GLY A 47 9.87 10.20 -29.38
CA GLY A 47 9.10 9.86 -28.19
C GLY A 47 9.01 8.37 -27.93
N LYS A 48 7.88 7.94 -27.38
CA LYS A 48 7.64 6.54 -27.08
C LYS A 48 7.24 5.72 -28.30
N ILE A 49 8.03 4.71 -28.62
CA ILE A 49 7.75 3.85 -29.76
C ILE A 49 7.58 2.41 -29.30
N LYS A 50 6.55 1.75 -29.82
CA LYS A 50 6.29 0.37 -29.46
C LYS A 50 6.03 -0.51 -30.68
N ILE A 51 6.76 -1.61 -30.76
CA ILE A 51 6.59 -2.57 -31.85
C ILE A 51 5.64 -3.61 -31.27
N ARG A 52 4.51 -3.81 -31.95
CA ARG A 52 3.51 -4.77 -31.48
C ARG A 52 3.01 -5.67 -32.60
N ASN A 53 3.42 -6.93 -32.56
CA ASN A 53 3.03 -7.94 -33.55
C ASN A 53 1.56 -8.32 -33.44
N GLY A 54 0.97 -8.68 -34.57
CA GLY A 54 -0.41 -9.13 -34.64
C GLY A 54 -1.54 -8.19 -34.26
N LYS A 55 -1.30 -6.89 -34.29
CA LYS A 55 -2.35 -5.93 -33.94
C LYS A 55 -3.14 -5.41 -35.13
N SER A 56 -4.46 -5.30 -34.97
CA SER A 56 -5.31 -4.76 -36.02
C SER A 56 -5.17 -3.26 -35.83
N ASP A 57 -5.60 -2.47 -36.81
CA ASP A 57 -5.50 -1.02 -36.69
C ASP A 57 -6.12 -0.51 -35.39
N ALA A 58 -7.31 -1.01 -35.06
CA ALA A 58 -7.99 -0.60 -33.84
C ALA A 58 -7.18 -0.92 -32.59
N GLN A 59 -6.59 -2.10 -32.55
CA GLN A 59 -5.79 -2.51 -31.40
C GLN A 59 -4.55 -1.62 -31.25
N MET A 60 -3.96 -1.22 -32.36
CA MET A 60 -2.78 -0.35 -32.32
C MET A 60 -3.09 0.92 -31.55
N LYS A 61 -4.26 1.51 -31.82
CA LYS A 61 -4.66 2.75 -31.17
C LYS A 61 -4.93 2.65 -29.67
N GLU A 62 -4.94 1.44 -29.13
CA GLU A 62 -5.17 1.25 -27.70
C GLU A 62 -3.86 1.33 -26.94
N GLU A 63 -2.75 1.26 -27.67
CA GLU A 63 -1.43 1.31 -27.09
C GLU A 63 -1.07 2.71 -26.60
N ASP A 64 -0.32 2.78 -25.51
CA ASP A 64 0.09 4.06 -24.97
C ASP A 64 1.47 4.40 -25.51
N ALA A 65 1.51 5.09 -26.64
CA ALA A 65 2.77 5.47 -27.27
C ALA A 65 2.56 6.56 -28.29
N ASP A 66 3.65 7.17 -28.74
CA ASP A 66 3.58 8.21 -29.74
C ASP A 66 3.46 7.55 -31.11
N LEU A 67 4.15 6.43 -31.28
CA LEU A 67 4.13 5.68 -32.52
C LEU A 67 4.06 4.18 -32.25
N VAL A 68 3.20 3.49 -32.99
CA VAL A 68 3.08 2.05 -32.84
C VAL A 68 3.43 1.44 -34.20
N ILE A 69 4.32 0.44 -34.17
CA ILE A 69 4.77 -0.23 -35.38
C ILE A 69 4.33 -1.69 -35.36
N THR A 70 3.65 -2.11 -36.42
CA THR A 70 3.17 -3.48 -36.51
C THR A 70 3.50 -4.08 -37.86
N PRO A 71 4.31 -5.14 -37.88
CA PRO A 71 4.68 -5.77 -39.16
C PRO A 71 3.45 -6.37 -39.83
N VAL A 72 3.43 -6.37 -41.16
CA VAL A 72 2.31 -6.92 -41.90
C VAL A 72 2.76 -8.02 -42.87
N GLU A 73 2.19 -9.21 -42.69
CA GLU A 73 2.51 -10.35 -43.54
C GLU A 73 1.46 -10.36 -44.66
N GLY A 74 1.51 -9.38 -45.53
CA GLY A 74 0.54 -9.31 -46.61
C GLY A 74 1.13 -9.55 -47.99
N ARG A 75 2.35 -10.06 -48.04
CA ARG A 75 3.03 -10.36 -49.30
C ARG A 75 2.94 -9.19 -50.27
N ALA A 76 3.34 -8.00 -49.82
CA ALA A 76 3.33 -6.81 -50.67
C ALA A 76 4.51 -6.89 -51.62
N LEU A 77 5.35 -7.90 -51.42
CA LEU A 77 6.52 -8.13 -52.24
C LEU A 77 6.44 -9.56 -52.77
N GLU A 78 6.59 -9.70 -54.08
CA GLU A 78 6.54 -11.02 -54.74
C GLU A 78 7.83 -11.77 -54.44
N VAL A 79 7.72 -12.98 -53.92
CA VAL A 79 8.91 -13.77 -53.59
C VAL A 79 8.72 -15.28 -53.69
N THR A 80 9.80 -16.00 -54.03
CA THR A 80 9.78 -17.45 -54.08
C THR A 80 10.45 -17.85 -52.76
N VAL A 81 9.63 -18.05 -51.75
CA VAL A 81 10.05 -18.39 -50.40
C VAL A 81 11.22 -19.35 -50.22
N GLY A 82 11.25 -20.42 -51.00
CA GLY A 82 12.32 -21.39 -50.87
C GLY A 82 13.70 -20.93 -51.31
N GLN A 83 13.78 -19.83 -52.05
CA GLN A 83 15.07 -19.34 -52.54
C GLN A 83 15.85 -18.58 -51.46
N ASN A 84 15.13 -17.99 -50.51
CA ASN A 84 15.75 -17.23 -49.43
C ASN A 84 16.68 -16.12 -49.91
N LEU A 85 16.27 -15.44 -50.98
CA LEU A 85 17.05 -14.33 -51.53
C LEU A 85 16.41 -12.99 -51.23
N THR A 86 15.09 -12.95 -51.22
CA THR A 86 14.35 -11.72 -50.96
C THR A 86 13.46 -11.83 -49.73
N PHE A 87 13.58 -10.86 -48.82
CA PHE A 87 12.77 -10.85 -47.61
C PHE A 87 12.02 -9.53 -47.47
N GLU A 88 10.77 -9.63 -47.03
CA GLU A 88 9.91 -8.46 -46.86
C GLU A 88 9.85 -7.99 -45.41
N GLY A 89 9.98 -6.68 -45.20
CA GLY A 89 9.94 -6.12 -43.86
C GLY A 89 8.78 -5.16 -43.68
N THR A 90 7.82 -5.21 -44.60
CA THR A 90 6.66 -4.33 -44.56
C THR A 90 6.01 -4.24 -43.18
N PHE A 91 5.70 -3.02 -42.76
CA PHE A 91 5.06 -2.78 -41.48
C PHE A 91 4.17 -1.55 -41.59
N LYS A 92 3.21 -1.44 -40.68
CA LYS A 92 2.32 -0.29 -40.67
C LYS A 92 2.57 0.46 -39.38
N VAL A 93 2.26 1.74 -39.36
CA VAL A 93 2.47 2.52 -38.15
C VAL A 93 1.32 3.48 -37.86
N TRP A 94 0.97 3.54 -36.58
CA TRP A 94 -0.09 4.42 -36.13
C TRP A 94 0.58 5.69 -35.64
N ASN A 95 0.21 6.82 -36.25
CA ASN A 95 0.78 8.11 -35.89
C ASN A 95 -0.05 8.78 -34.80
N ASN A 96 0.31 8.53 -33.54
CA ASN A 96 -0.40 9.11 -32.41
C ASN A 96 0.29 10.42 -32.03
N THR A 97 0.69 11.19 -33.05
CA THR A 97 1.37 12.46 -32.86
C THR A 97 0.59 13.62 -33.48
N SER A 98 0.88 14.84 -33.01
CA SER A 98 0.20 16.03 -33.49
C SER A 98 0.60 16.54 -34.87
N ARG A 99 1.37 15.75 -35.62
CA ARG A 99 1.77 16.18 -36.94
C ARG A 99 2.01 15.02 -37.89
N LYS A 100 1.71 15.26 -39.16
CA LYS A 100 1.89 14.28 -40.22
C LYS A 100 3.33 13.80 -40.19
N ILE A 101 3.54 12.49 -40.19
CA ILE A 101 4.88 11.93 -40.15
C ILE A 101 5.20 11.23 -41.46
N ASN A 102 6.48 11.18 -41.83
CA ASN A 102 6.89 10.56 -43.08
C ASN A 102 7.95 9.47 -42.90
N ILE A 103 7.73 8.31 -43.51
CA ILE A 103 8.67 7.19 -43.47
C ILE A 103 9.21 7.17 -44.89
N THR A 104 10.45 7.61 -45.06
CA THR A 104 11.03 7.73 -46.39
C THR A 104 12.31 7.00 -46.74
N GLY A 105 12.72 6.02 -45.94
CA GLY A 105 13.95 5.32 -46.27
C GLY A 105 14.17 4.09 -45.41
N MET A 106 14.97 3.16 -45.94
CA MET A 106 15.27 1.93 -45.22
C MET A 106 16.57 1.33 -45.73
N GLN A 107 17.37 0.82 -44.79
CA GLN A 107 18.63 0.18 -45.11
C GLN A 107 18.74 -1.05 -44.22
N MET A 108 19.16 -2.16 -44.79
CA MET A 108 19.29 -3.42 -44.04
C MET A 108 20.75 -3.75 -43.78
N VAL A 109 21.16 -3.61 -42.53
CA VAL A 109 22.54 -3.85 -42.15
C VAL A 109 22.80 -5.22 -41.52
N PRO A 110 23.68 -6.02 -42.12
CA PRO A 110 24.02 -7.36 -41.62
C PRO A 110 24.65 -7.24 -40.23
N LYS A 111 24.17 -8.05 -39.28
CA LYS A 111 24.71 -7.98 -37.92
C LYS A 111 26.04 -8.71 -37.79
N ILE A 112 27.02 -8.05 -37.17
CA ILE A 112 28.33 -8.66 -36.96
C ILE A 112 28.16 -9.71 -35.88
N ASN A 113 28.54 -10.96 -36.17
CA ASN A 113 28.38 -12.02 -35.18
C ASN A 113 29.52 -12.08 -34.17
N PRO A 114 29.39 -12.95 -33.15
CA PRO A 114 30.42 -13.08 -32.12
C PRO A 114 31.79 -13.42 -32.69
N SER A 115 31.81 -14.06 -33.85
CA SER A 115 33.06 -14.44 -34.50
C SER A 115 33.62 -13.29 -35.33
N LYS A 116 33.00 -12.12 -35.20
CA LYS A 116 33.42 -10.92 -35.91
C LYS A 116 33.27 -10.97 -37.43
N ALA A 117 32.26 -11.68 -37.90
CA ALA A 117 32.00 -11.79 -39.32
C ALA A 117 30.58 -11.30 -39.61
N PHE A 118 30.31 -10.97 -40.87
CA PHE A 118 28.99 -10.51 -41.26
C PHE A 118 28.72 -10.87 -42.72
N VAL A 119 27.45 -11.08 -43.07
CA VAL A 119 27.09 -11.43 -44.44
C VAL A 119 27.41 -10.25 -45.35
N GLY A 120 28.38 -10.44 -46.24
CA GLY A 120 28.79 -9.38 -47.14
C GLY A 120 28.44 -9.50 -48.62
N SER A 121 27.42 -10.28 -48.94
CA SER A 121 27.02 -10.43 -50.34
C SER A 121 26.27 -9.15 -50.76
N SER A 122 25.89 -9.04 -52.03
CA SER A 122 25.15 -7.86 -52.46
C SER A 122 23.93 -7.74 -51.58
N ASN A 123 23.56 -6.49 -51.28
CA ASN A 123 22.46 -6.18 -50.40
C ASN A 123 21.73 -4.98 -51.02
N THR A 124 20.55 -5.22 -51.59
CA THR A 124 19.79 -4.15 -52.24
C THR A 124 18.36 -4.05 -51.71
N SER A 125 18.04 -2.95 -51.04
CA SER A 125 16.70 -2.77 -50.49
C SER A 125 15.84 -1.86 -51.34
N SER A 126 14.52 -2.00 -51.18
CA SER A 126 13.57 -1.17 -51.89
C SER A 126 12.44 -0.89 -50.91
N PHE A 127 11.71 0.19 -51.15
CA PHE A 127 10.61 0.56 -50.27
C PHE A 127 9.73 1.60 -50.94
N THR A 128 8.55 1.82 -50.38
CA THR A 128 7.63 2.80 -50.91
C THR A 128 7.34 3.79 -49.79
N PRO A 129 7.88 5.01 -49.91
CA PRO A 129 7.66 6.03 -48.88
C PRO A 129 6.18 6.23 -48.60
N VAL A 130 5.86 6.60 -47.36
CA VAL A 130 4.48 6.82 -46.99
C VAL A 130 4.41 7.96 -45.97
N SER A 131 3.38 8.78 -46.09
CA SER A 131 3.16 9.89 -45.17
C SER A 131 1.90 9.53 -44.40
N ILE A 132 1.94 9.67 -43.09
CA ILE A 132 0.81 9.30 -42.25
C ILE A 132 0.30 10.48 -41.44
N ASP A 133 -0.96 10.85 -41.65
CA ASP A 133 -1.56 11.97 -40.94
C ASP A 133 -1.85 11.62 -39.48
N GLU A 134 -2.14 12.64 -38.69
CA GLU A 134 -2.45 12.47 -37.28
C GLU A 134 -3.52 11.41 -37.04
N ASP A 135 -3.22 10.49 -36.13
CA ASP A 135 -4.11 9.39 -35.76
C ASP A 135 -4.35 8.33 -36.84
N GLU A 136 -3.78 8.53 -38.03
CA GLU A 136 -3.97 7.54 -39.10
C GLU A 136 -2.98 6.39 -38.99
N VAL A 137 -3.23 5.34 -39.77
CA VAL A 137 -2.37 4.17 -39.82
C VAL A 137 -1.94 4.00 -41.26
N GLY A 138 -0.64 4.01 -41.50
CA GLY A 138 -0.15 3.87 -42.86
C GLY A 138 0.82 2.70 -42.98
N THR A 139 0.93 2.14 -44.18
CA THR A 139 1.82 1.01 -44.39
C THR A 139 3.08 1.39 -45.17
N PHE A 140 4.22 0.92 -44.68
CA PHE A 140 5.50 1.18 -45.31
C PHE A 140 6.00 -0.13 -45.90
N VAL A 141 5.77 -0.33 -47.19
CA VAL A 141 6.21 -1.54 -47.87
C VAL A 141 7.72 -1.46 -48.06
N CYS A 142 8.44 -2.50 -47.70
CA CYS A 142 9.89 -2.52 -47.85
C CYS A 142 10.43 -3.94 -47.85
N GLY A 143 11.63 -4.11 -48.38
CA GLY A 143 12.24 -5.43 -48.45
C GLY A 143 13.66 -5.35 -48.95
N THR A 144 14.34 -6.49 -48.94
CA THR A 144 15.73 -6.56 -49.37
C THR A 144 16.01 -7.83 -50.15
N THR A 145 16.84 -7.71 -51.18
CA THR A 145 17.24 -8.86 -51.98
C THR A 145 18.74 -9.02 -51.81
N PHE A 146 19.18 -10.23 -51.48
CA PHE A 146 20.59 -10.53 -51.26
C PHE A 146 21.19 -11.30 -52.43
N GLY A 147 22.50 -11.15 -52.61
CA GLY A 147 23.20 -11.83 -53.69
C GLY A 147 23.41 -13.31 -53.49
N ALA A 148 23.20 -13.79 -52.27
CA ALA A 148 23.34 -15.21 -51.96
C ALA A 148 22.23 -15.58 -50.98
N PRO A 149 21.82 -16.86 -50.97
CA PRO A 149 20.76 -17.30 -50.06
C PRO A 149 21.09 -17.02 -48.60
N ILE A 150 20.08 -16.58 -47.85
CA ILE A 150 20.25 -16.31 -46.43
C ILE A 150 20.08 -17.60 -45.64
N ALA A 151 20.93 -17.80 -44.64
CA ALA A 151 20.87 -18.98 -43.79
C ALA A 151 21.08 -18.52 -42.34
N ALA A 152 20.53 -19.26 -41.39
CA ALA A 152 20.65 -18.92 -39.98
C ALA A 152 22.04 -19.20 -39.42
N THR A 153 22.81 -20.01 -40.14
CA THR A 153 24.16 -20.36 -39.74
C THR A 153 24.99 -19.12 -39.42
N ALA A 154 25.74 -19.18 -38.32
CA ALA A 154 26.61 -18.09 -37.89
C ALA A 154 25.90 -16.74 -37.77
N GLY A 155 24.63 -16.78 -37.39
CA GLY A 155 23.85 -15.55 -37.25
C GLY A 155 23.68 -14.84 -38.58
N GLY A 156 23.76 -15.59 -39.66
CA GLY A 156 23.64 -15.03 -41.00
C GLY A 156 22.28 -14.49 -41.40
N ASN A 157 21.28 -14.65 -40.55
CA ASN A 157 19.94 -14.15 -40.86
C ASN A 157 19.55 -13.01 -39.92
N LEU A 158 20.54 -12.48 -39.21
CA LEU A 158 20.30 -11.38 -38.28
C LEU A 158 20.71 -10.05 -38.88
N PHE A 159 19.83 -9.05 -38.76
CA PHE A 159 20.09 -7.73 -39.32
C PHE A 159 19.52 -6.64 -38.44
N ASP A 160 19.92 -5.41 -38.72
CA ASP A 160 19.41 -4.24 -38.04
C ASP A 160 18.80 -3.41 -39.16
N MET A 161 17.48 -3.26 -39.14
CA MET A 161 16.78 -2.47 -40.15
C MET A 161 16.69 -1.04 -39.68
N TYR A 162 17.24 -0.13 -40.46
CA TYR A 162 17.20 1.29 -40.12
C TYR A 162 16.13 1.96 -40.97
N VAL A 163 15.15 2.58 -40.33
CA VAL A 163 14.08 3.25 -41.07
C VAL A 163 14.15 4.76 -40.82
N HIS A 164 14.20 5.53 -41.90
CA HIS A 164 14.28 6.98 -41.77
C HIS A 164 12.90 7.58 -41.59
N VAL A 165 12.72 8.29 -40.49
CA VAL A 165 11.45 8.92 -40.16
C VAL A 165 11.65 10.43 -40.05
N THR A 166 10.76 11.19 -40.68
CA THR A 166 10.89 12.65 -40.63
C THR A 166 9.56 13.38 -40.61
N TYR A 167 9.55 14.51 -39.91
CA TYR A 167 8.35 15.34 -39.83
C TYR A 167 8.37 16.42 -40.91
N SER A 168 9.44 16.47 -41.70
CA SER A 168 9.53 17.47 -42.76
C SER A 168 8.33 17.27 -43.68
N GLY A 169 8.50 16.50 -44.74
CA GLY A 169 7.37 16.28 -45.64
C GLY A 169 7.43 17.14 -46.90
N THR A 170 7.04 16.54 -48.03
CA THR A 170 7.05 17.23 -49.30
C THR A 170 5.74 17.03 -50.03
N THR B 1 5.43 30.62 -19.59
CA THR B 1 6.72 31.32 -19.35
C THR B 1 7.64 31.21 -20.56
N VAL B 2 8.03 32.36 -21.10
CA VAL B 2 8.91 32.42 -22.26
C VAL B 2 10.27 31.83 -21.90
N THR B 3 10.71 32.08 -20.67
CA THR B 3 11.99 31.57 -20.20
C THR B 3 12.07 30.05 -20.35
N LYS B 4 11.05 29.34 -19.89
CA LYS B 4 11.07 27.89 -19.97
C LYS B 4 10.82 27.37 -21.39
N THR B 5 10.16 28.18 -22.22
CA THR B 5 9.91 27.77 -23.60
C THR B 5 11.23 27.83 -24.36
N ILE B 6 12.01 28.87 -24.08
CA ILE B 6 13.30 29.04 -24.71
C ILE B 6 14.24 27.92 -24.26
N GLU B 7 14.13 27.51 -23.01
CA GLU B 7 14.95 26.43 -22.49
C GLU B 7 14.56 25.15 -23.22
N THR B 8 13.26 24.97 -23.45
CA THR B 8 12.77 23.79 -24.15
C THR B 8 13.32 23.78 -25.58
N HIS B 9 13.25 24.93 -26.24
CA HIS B 9 13.76 25.06 -27.60
C HIS B 9 15.24 24.73 -27.63
N THR B 10 15.99 25.23 -26.65
CA THR B 10 17.43 24.95 -26.58
C THR B 10 17.66 23.44 -26.58
N ASP B 11 16.92 22.72 -25.75
CA ASP B 11 17.06 21.26 -25.68
C ASP B 11 16.63 20.57 -26.98
N ASN B 12 15.51 21.00 -27.55
CA ASN B 12 15.01 20.39 -28.79
C ASN B 12 15.91 20.65 -29.99
N ILE B 13 16.49 21.84 -30.05
CA ILE B 13 17.39 22.18 -31.14
C ILE B 13 18.60 21.29 -31.03
N GLU B 14 19.05 21.06 -29.80
CA GLU B 14 20.21 20.21 -29.56
C GLU B 14 19.89 18.78 -30.01
N THR B 15 18.72 18.27 -29.63
CA THR B 15 18.33 16.93 -30.03
C THR B 15 18.21 16.80 -31.55
N ASN B 16 17.95 17.90 -32.24
CA ASN B 16 17.83 17.88 -33.70
C ASN B 16 19.18 17.98 -34.43
N MET B 17 20.28 18.03 -33.69
CA MET B 17 21.59 18.12 -34.35
C MET B 17 21.93 16.77 -34.99
N ASP B 18 21.99 16.77 -36.33
CA ASP B 18 22.28 15.60 -37.20
C ASP B 18 23.52 15.92 -38.03
N GLU B 19 24.29 14.90 -38.40
CA GLU B 19 25.46 15.14 -39.23
C GLU B 19 26.05 13.88 -39.88
N ASN B 20 26.29 13.96 -41.19
CA ASN B 20 26.91 12.86 -41.93
C ASN B 20 28.35 13.29 -42.17
N LEU B 21 29.25 12.83 -41.31
CA LEU B 21 30.66 13.19 -41.40
C LEU B 21 31.36 12.46 -42.54
N ARG B 22 31.99 13.21 -43.43
CA ARG B 22 32.71 12.61 -44.54
C ARG B 22 34.19 12.47 -44.22
N ILE B 23 34.65 11.22 -44.16
CA ILE B 23 36.05 10.95 -43.88
C ILE B 23 36.68 10.22 -45.05
N PRO B 24 37.59 10.89 -45.77
CA PRO B 24 38.23 10.23 -46.91
C PRO B 24 39.11 9.11 -46.35
N VAL B 25 39.04 7.93 -46.97
CA VAL B 25 39.82 6.81 -46.50
C VAL B 25 40.49 6.04 -47.64
N THR B 26 41.54 5.32 -47.29
CA THR B 26 42.26 4.51 -48.26
C THR B 26 42.26 3.06 -47.81
N ALA B 27 41.71 2.18 -48.63
CA ALA B 27 41.72 0.75 -48.31
C ALA B 27 43.14 0.31 -48.62
N GLU B 28 43.97 0.15 -47.59
CA GLU B 28 45.34 -0.25 -47.83
C GLU B 28 45.46 -1.72 -48.18
N VAL B 29 45.78 -1.96 -49.45
CA VAL B 29 45.92 -3.30 -49.98
C VAL B 29 46.81 -4.18 -49.11
N GLY B 30 46.28 -5.33 -48.72
CA GLY B 30 47.03 -6.28 -47.90
C GLY B 30 47.02 -6.00 -46.41
N SER B 31 46.22 -5.04 -45.96
CA SER B 31 46.18 -4.73 -44.54
C SER B 31 44.83 -5.02 -43.88
N GLY B 32 43.78 -5.07 -44.69
CA GLY B 32 42.45 -5.31 -44.13
C GLY B 32 41.93 -4.09 -43.39
N TYR B 33 42.56 -2.94 -43.62
CA TYR B 33 42.12 -1.70 -42.97
C TYR B 33 41.95 -0.50 -43.88
N PHE B 34 40.97 0.33 -43.51
CA PHE B 34 40.68 1.58 -44.18
C PHE B 34 41.54 2.57 -43.38
N LYS B 35 42.46 3.26 -44.03
CA LYS B 35 43.33 4.20 -43.35
C LYS B 35 42.80 5.63 -43.49
N MET B 36 42.88 6.42 -42.44
CA MET B 36 42.45 7.81 -42.52
C MET B 36 43.63 8.72 -42.18
N THR B 37 43.61 9.92 -42.75
CA THR B 37 44.69 10.88 -42.55
C THR B 37 44.33 11.94 -41.52
N ASP B 38 45.32 12.28 -40.70
CA ASP B 38 45.12 13.30 -39.68
C ASP B 38 44.60 14.56 -40.33
N VAL B 39 43.51 15.09 -39.79
CA VAL B 39 42.91 16.30 -40.34
C VAL B 39 42.16 17.03 -39.24
N SER B 40 41.89 18.30 -39.48
CA SER B 40 41.17 19.12 -38.53
C SER B 40 40.15 19.94 -39.31
N PHE B 41 38.88 19.86 -38.94
CA PHE B 41 37.85 20.61 -39.63
C PHE B 41 36.72 21.05 -38.71
N ASP B 42 35.92 21.98 -39.21
CA ASP B 42 34.81 22.52 -38.45
C ASP B 42 33.47 22.21 -39.09
N SER B 43 32.55 21.66 -38.29
CA SER B 43 31.21 21.33 -38.72
C SER B 43 30.25 22.34 -38.10
N ASP B 44 29.35 22.90 -38.91
CA ASP B 44 28.39 23.87 -38.39
C ASP B 44 27.56 23.24 -37.28
N THR B 45 27.41 21.92 -37.34
CA THR B 45 26.63 21.20 -36.35
C THR B 45 27.46 20.66 -35.18
N LEU B 46 28.50 19.90 -35.49
CA LEU B 46 29.32 19.28 -34.46
C LEU B 46 30.48 20.07 -33.89
N GLY B 47 30.89 21.14 -34.56
CA GLY B 47 31.99 21.93 -34.06
C GLY B 47 33.35 21.50 -34.60
N LYS B 48 34.38 21.63 -33.77
CA LYS B 48 35.74 21.27 -34.17
C LYS B 48 35.99 19.77 -34.07
N ILE B 49 36.35 19.16 -35.19
CA ILE B 49 36.62 17.73 -35.23
C ILE B 49 38.05 17.48 -35.70
N LYS B 50 38.75 16.61 -35.00
CA LYS B 50 40.13 16.28 -35.36
C LYS B 50 40.36 14.78 -35.43
N ILE B 51 40.93 14.33 -36.54
CA ILE B 51 41.27 12.93 -36.72
C ILE B 51 42.74 12.84 -36.32
N ARG B 52 43.04 11.99 -35.35
CA ARG B 52 44.41 11.83 -34.85
C ARG B 52 44.82 10.37 -34.73
N ASN B 53 45.69 9.94 -35.63
CA ASN B 53 46.18 8.57 -35.63
C ASN B 53 47.11 8.29 -34.45
N GLY B 54 47.11 7.03 -34.01
CA GLY B 54 47.99 6.59 -32.91
C GLY B 54 47.85 7.15 -31.52
N LYS B 55 46.70 7.74 -31.20
CA LYS B 55 46.50 8.31 -29.87
C LYS B 55 45.85 7.36 -28.87
N SER B 56 46.35 7.36 -27.65
CA SER B 56 45.78 6.54 -26.58
C SER B 56 44.61 7.39 -26.10
N ASP B 57 43.70 6.81 -25.32
CA ASP B 57 42.55 7.55 -24.83
C ASP B 57 42.98 8.84 -24.12
N ALA B 58 44.00 8.75 -23.28
CA ALA B 58 44.50 9.91 -22.54
C ALA B 58 45.00 10.99 -23.48
N GLN B 59 45.74 10.60 -24.51
CA GLN B 59 46.26 11.57 -25.46
C GLN B 59 45.14 12.27 -26.22
N MET B 60 44.07 11.53 -26.54
CA MET B 60 42.94 12.12 -27.27
C MET B 60 42.39 13.33 -26.50
N LYS B 61 42.27 13.16 -25.18
CA LYS B 61 41.72 14.21 -24.33
C LYS B 61 42.59 15.46 -24.20
N GLU B 62 43.80 15.41 -24.73
CA GLU B 62 44.70 16.57 -24.67
C GLU B 62 44.45 17.48 -25.87
N GLU B 63 43.76 16.94 -26.86
CA GLU B 63 43.47 17.67 -28.09
C GLU B 63 42.43 18.77 -27.85
N ASP B 64 42.57 19.88 -28.56
CA ASP B 64 41.63 20.99 -28.43
C ASP B 64 40.57 20.83 -29.52
N ALA B 65 39.48 20.15 -29.19
CA ALA B 65 38.41 19.93 -30.15
C ALA B 65 37.15 19.47 -29.47
N ASP B 66 36.04 19.49 -30.20
CA ASP B 66 34.78 19.04 -29.65
C ASP B 66 34.72 17.52 -29.74
N LEU B 67 35.27 16.98 -30.83
CA LEU B 67 35.31 15.54 -31.04
C LEU B 67 36.67 15.12 -31.61
N VAL B 68 37.24 14.05 -31.06
CA VAL B 68 38.50 13.54 -31.57
C VAL B 68 38.23 12.13 -32.07
N ILE B 69 38.70 11.84 -33.28
CA ILE B 69 38.51 10.54 -33.91
C ILE B 69 39.84 9.86 -34.11
N THR B 70 39.97 8.65 -33.61
CA THR B 70 41.20 7.89 -33.74
C THR B 70 40.94 6.46 -34.22
N PRO B 71 41.46 6.10 -35.39
CA PRO B 71 41.25 4.75 -35.90
C PRO B 71 41.91 3.72 -34.99
N VAL B 72 41.31 2.54 -34.92
CA VAL B 72 41.83 1.47 -34.08
C VAL B 72 42.10 0.20 -34.88
N GLU B 73 43.36 -0.24 -34.89
CA GLU B 73 43.76 -1.45 -35.59
C GLU B 73 43.67 -2.61 -34.59
N GLY B 74 42.46 -2.93 -34.16
CA GLY B 74 42.29 -4.01 -33.20
C GLY B 74 41.65 -5.27 -33.76
N ARG B 75 41.54 -5.34 -35.09
CA ARG B 75 40.94 -6.50 -35.75
C ARG B 75 39.59 -6.85 -35.14
N ALA B 76 38.70 -5.87 -35.05
CA ALA B 76 37.36 -6.11 -34.51
C ALA B 76 36.53 -6.82 -35.57
N LEU B 77 37.11 -6.96 -36.74
CA LEU B 77 36.47 -7.63 -37.86
C LEU B 77 37.41 -8.73 -38.34
N GLU B 78 36.87 -9.94 -38.48
CA GLU B 78 37.63 -11.10 -38.93
C GLU B 78 37.87 -10.98 -40.45
N VAL B 79 39.12 -11.06 -40.86
CA VAL B 79 39.42 -10.93 -42.29
C VAL B 79 40.66 -11.70 -42.74
N THR B 80 40.65 -12.14 -44.01
CA THR B 80 41.81 -12.83 -44.57
C THR B 80 42.44 -11.74 -45.43
N VAL B 81 43.40 -11.04 -44.82
CA VAL B 81 44.12 -9.93 -45.42
C VAL B 81 44.52 -10.03 -46.90
N GLY B 82 45.00 -11.19 -47.32
CA GLY B 82 45.42 -11.35 -48.69
C GLY B 82 44.31 -11.35 -49.74
N GLN B 83 43.06 -11.49 -49.31
CA GLN B 83 41.95 -11.51 -50.26
C GLN B 83 41.54 -10.11 -50.71
N ASN B 84 41.77 -9.12 -49.86
CA ASN B 84 41.41 -7.74 -50.17
C ASN B 84 39.94 -7.56 -50.54
N LEU B 85 39.07 -8.25 -49.80
CA LEU B 85 37.63 -8.16 -50.04
C LEU B 85 36.95 -7.39 -48.91
N THR B 86 37.44 -7.57 -47.69
CA THR B 86 36.86 -6.90 -46.53
C THR B 86 37.84 -5.98 -45.82
N PHE B 87 37.46 -4.74 -45.60
CA PHE B 87 38.31 -3.78 -44.92
C PHE B 87 37.62 -3.19 -43.70
N GLU B 88 38.38 -3.01 -42.62
CA GLU B 88 37.86 -2.48 -41.37
C GLU B 88 38.17 -1.01 -41.20
N GLY B 89 37.17 -0.25 -40.78
CA GLY B 89 37.35 1.18 -40.58
C GLY B 89 37.11 1.61 -39.14
N THR B 90 37.09 0.63 -38.25
CA THR B 90 36.87 0.88 -36.82
C THR B 90 37.66 2.05 -36.26
N PHE B 91 36.99 2.92 -35.52
CA PHE B 91 37.64 4.06 -34.90
C PHE B 91 36.96 4.37 -33.58
N LYS B 92 37.67 5.08 -32.71
CA LYS B 92 37.10 5.45 -31.43
C LYS B 92 36.99 6.95 -31.41
N VAL B 93 36.10 7.49 -30.59
CA VAL B 93 35.94 8.93 -30.53
C VAL B 93 35.75 9.44 -29.11
N TRP B 94 36.44 10.54 -28.82
CA TRP B 94 36.34 11.18 -27.53
C TRP B 94 35.28 12.27 -27.64
N ASN B 95 34.24 12.17 -26.81
CA ASN B 95 33.15 13.13 -26.81
C ASN B 95 33.45 14.27 -25.84
N ASN B 96 34.05 15.34 -26.34
CA ASN B 96 34.39 16.50 -25.51
C ASN B 96 33.23 17.50 -25.60
N THR B 97 32.01 16.98 -25.62
CA THR B 97 30.81 17.81 -25.72
C THR B 97 29.91 17.65 -24.50
N SER B 98 29.02 18.61 -24.28
CA SER B 98 28.12 18.62 -23.14
C SER B 98 26.93 17.67 -23.22
N ARG B 99 26.93 16.78 -24.20
CA ARG B 99 25.83 15.83 -24.32
C ARG B 99 26.24 14.52 -24.97
N LYS B 100 25.59 13.45 -24.51
CA LYS B 100 25.82 12.11 -25.04
C LYS B 100 25.64 12.15 -26.55
N ILE B 101 26.62 11.61 -27.28
CA ILE B 101 26.54 11.61 -28.74
C ILE B 101 26.38 10.17 -29.24
N ASN B 102 25.76 10.02 -30.40
CA ASN B 102 25.53 8.69 -30.97
C ASN B 102 26.05 8.53 -32.40
N ILE B 103 26.79 7.46 -32.64
CA ILE B 103 27.34 7.16 -33.96
C ILE B 103 26.50 5.95 -34.39
N THR B 104 25.59 6.18 -35.33
CA THR B 104 24.67 5.13 -35.73
C THR B 104 24.57 4.69 -37.18
N GLY B 105 25.56 5.03 -37.99
CA GLY B 105 25.50 4.61 -39.39
C GLY B 105 26.79 4.84 -40.14
N MET B 106 26.99 4.10 -41.22
CA MET B 106 28.19 4.25 -42.03
C MET B 106 27.92 3.73 -43.43
N GLN B 107 28.45 4.45 -44.41
CA GLN B 107 28.32 4.07 -45.81
C GLN B 107 29.67 4.34 -46.45
N MET B 108 30.15 3.42 -47.27
CA MET B 108 31.44 3.56 -47.96
C MET B 108 31.22 3.86 -49.43
N VAL B 109 31.55 5.08 -49.84
CA VAL B 109 31.36 5.51 -51.22
C VAL B 109 32.65 5.53 -52.03
N PRO B 110 32.68 4.79 -53.14
CA PRO B 110 33.85 4.70 -54.03
C PRO B 110 34.15 6.07 -54.63
N LYS B 111 35.40 6.50 -54.57
CA LYS B 111 35.76 7.81 -55.11
C LYS B 111 35.86 7.80 -56.63
N ILE B 112 35.25 8.79 -57.27
CA ILE B 112 35.32 8.88 -58.73
C ILE B 112 36.72 9.37 -59.07
N ASN B 113 37.44 8.63 -59.90
CA ASN B 113 38.81 9.02 -60.25
C ASN B 113 38.88 10.06 -61.38
N PRO B 114 40.11 10.56 -61.67
CA PRO B 114 40.27 11.57 -62.73
C PRO B 114 39.73 11.12 -64.08
N SER B 115 39.72 9.81 -64.31
CA SER B 115 39.24 9.25 -65.56
C SER B 115 37.71 9.08 -65.54
N LYS B 116 37.09 9.63 -64.50
CA LYS B 116 35.64 9.57 -64.36
C LYS B 116 35.04 8.17 -64.15
N ALA B 117 35.81 7.30 -63.50
CA ALA B 117 35.35 5.94 -63.22
C ALA B 117 35.36 5.70 -61.71
N PHE B 118 34.64 4.68 -61.27
CA PHE B 118 34.60 4.33 -59.86
C PHE B 118 34.33 2.83 -59.68
N VAL B 119 34.84 2.26 -58.60
CA VAL B 119 34.63 0.85 -58.34
C VAL B 119 33.14 0.60 -58.10
N GLY B 120 32.52 -0.14 -59.02
CA GLY B 120 31.09 -0.41 -58.91
C GLY B 120 30.65 -1.82 -58.59
N SER B 121 31.52 -2.60 -57.95
CA SER B 121 31.15 -3.96 -57.57
C SER B 121 30.25 -3.88 -56.34
N SER B 122 29.73 -5.02 -55.87
CA SER B 122 28.87 -5.01 -54.69
C SER B 122 29.65 -4.34 -53.56
N ASN B 123 28.93 -3.60 -52.73
CA ASN B 123 29.52 -2.83 -51.64
C ASN B 123 28.56 -2.95 -50.47
N THR B 124 28.95 -3.71 -49.45
CA THR B 124 28.09 -3.93 -48.28
C THR B 124 28.84 -3.64 -46.99
N SER B 125 28.37 -2.63 -46.26
CA SER B 125 28.99 -2.25 -45.00
C SER B 125 28.21 -2.73 -43.79
N SER B 126 28.90 -2.86 -42.67
CA SER B 126 28.28 -3.26 -41.42
C SER B 126 28.96 -2.44 -40.34
N PHE B 127 28.27 -2.29 -39.21
CA PHE B 127 28.81 -1.50 -38.10
C PHE B 127 28.02 -1.78 -36.84
N THR B 128 28.56 -1.35 -35.71
CA THR B 128 27.89 -1.53 -34.43
C THR B 128 27.72 -0.15 -33.81
N PRO B 129 26.48 0.36 -33.80
CA PRO B 129 26.21 1.68 -33.24
C PRO B 129 26.77 1.80 -31.83
N VAL B 130 27.16 3.01 -31.44
CA VAL B 130 27.69 3.25 -30.12
C VAL B 130 27.27 4.63 -29.64
N SER B 131 26.95 4.74 -28.36
CA SER B 131 26.58 6.00 -27.76
C SER B 131 27.71 6.33 -26.80
N ILE B 132 28.18 7.57 -26.83
CA ILE B 132 29.29 7.98 -26.00
C ILE B 132 28.91 9.16 -25.11
N ASP B 133 29.01 8.95 -23.80
CA ASP B 133 28.67 9.99 -22.82
C ASP B 133 29.72 11.08 -22.78
N GLU B 134 29.39 12.19 -22.13
CA GLU B 134 30.29 13.33 -22.00
C GLU B 134 31.65 12.92 -21.48
N ASP B 135 32.69 13.36 -22.18
CA ASP B 135 34.09 13.09 -21.84
C ASP B 135 34.54 11.64 -22.01
N GLU B 136 33.62 10.75 -22.39
CA GLU B 136 33.99 9.36 -22.56
C GLU B 136 34.59 9.09 -23.95
N VAL B 137 35.19 7.91 -24.10
CA VAL B 137 35.76 7.49 -25.37
C VAL B 137 35.06 6.18 -25.74
N GLY B 138 34.43 6.16 -26.92
CA GLY B 138 33.73 4.97 -27.35
C GLY B 138 34.25 4.48 -28.71
N THR B 139 34.10 3.19 -28.98
CA THR B 139 34.57 2.65 -30.24
C THR B 139 33.42 2.29 -31.18
N PHE B 140 33.55 2.69 -32.43
CA PHE B 140 32.55 2.43 -33.46
C PHE B 140 33.16 1.41 -34.42
N VAL B 141 32.82 0.14 -34.24
CA VAL B 141 33.32 -0.92 -35.09
C VAL B 141 32.55 -0.83 -36.42
N CYS B 142 33.28 -0.87 -37.53
CA CYS B 142 32.65 -0.79 -38.84
C CYS B 142 33.58 -1.35 -39.91
N GLY B 143 33.01 -1.72 -41.05
CA GLY B 143 33.80 -2.25 -42.14
C GLY B 143 32.95 -2.47 -43.38
N THR B 144 33.60 -2.85 -44.46
CA THR B 144 32.91 -3.05 -45.72
C THR B 144 33.47 -4.24 -46.48
N THR B 145 32.59 -4.99 -47.13
CA THR B 145 33.00 -6.14 -47.93
C THR B 145 32.61 -5.83 -49.38
N PHE B 146 33.56 -6.03 -50.29
CA PHE B 146 33.34 -5.75 -51.71
C PHE B 146 33.20 -7.02 -52.53
N GLY B 147 32.47 -6.93 -53.64
CA GLY B 147 32.25 -8.09 -54.50
C GLY B 147 33.45 -8.53 -55.30
N ALA B 148 34.47 -7.68 -55.37
CA ALA B 148 35.70 -7.99 -56.11
C ALA B 148 36.87 -7.45 -55.31
N PRO B 149 38.06 -8.06 -55.47
CA PRO B 149 39.23 -7.59 -54.73
C PRO B 149 39.55 -6.11 -54.96
N ILE B 150 39.94 -5.41 -53.91
CA ILE B 150 40.30 -4.01 -54.02
C ILE B 150 41.76 -3.90 -54.44
N ALA B 151 42.04 -2.98 -55.36
CA ALA B 151 43.40 -2.73 -55.84
C ALA B 151 43.61 -1.22 -55.91
N ALA B 152 44.85 -0.78 -55.76
CA ALA B 152 45.17 0.64 -55.80
C ALA B 152 45.10 1.21 -57.22
N THR B 153 45.14 0.33 -58.22
CA THR B 153 45.08 0.74 -59.61
C THR B 153 43.90 1.69 -59.87
N ALA B 154 44.17 2.73 -60.64
CA ALA B 154 43.15 3.73 -61.01
C ALA B 154 42.39 4.31 -59.81
N GLY B 155 43.09 4.47 -58.69
CA GLY B 155 42.47 5.00 -57.49
C GLY B 155 41.36 4.11 -56.97
N GLY B 156 41.43 2.82 -57.29
CA GLY B 156 40.41 1.87 -56.87
C GLY B 156 40.33 1.54 -55.40
N ASN B 157 41.24 2.08 -54.60
CA ASN B 157 41.22 1.82 -53.15
C ASN B 157 40.89 3.09 -52.38
N LEU B 158 40.40 4.10 -53.10
CA LEU B 158 40.05 5.38 -52.48
C LEU B 158 38.54 5.47 -52.26
N PHE B 159 38.14 5.88 -51.06
CA PHE B 159 36.73 6.00 -50.72
C PHE B 159 36.47 7.20 -49.81
N ASP B 160 35.19 7.51 -49.64
CA ASP B 160 34.76 8.54 -48.73
C ASP B 160 33.83 7.83 -47.77
N MET B 161 34.25 7.71 -46.51
CA MET B 161 33.43 7.05 -45.51
C MET B 161 32.54 8.09 -44.85
N TYR B 162 31.22 7.88 -44.94
CA TYR B 162 30.27 8.79 -44.33
C TYR B 162 29.76 8.16 -43.03
N VAL B 163 29.92 8.86 -41.93
CA VAL B 163 29.47 8.35 -40.64
C VAL B 163 28.34 9.22 -40.08
N HIS B 164 27.23 8.60 -39.75
CA HIS B 164 26.10 9.35 -39.24
C HIS B 164 26.22 9.58 -37.74
N VAL B 165 26.25 10.86 -37.34
CA VAL B 165 26.38 11.23 -35.95
C VAL B 165 25.14 12.01 -35.51
N THR B 166 24.60 11.67 -34.35
CA THR B 166 23.41 12.35 -33.88
C THR B 166 23.36 12.51 -32.38
N TYR B 167 22.76 13.62 -31.93
CA TYR B 167 22.60 13.87 -30.51
C TYR B 167 21.23 13.39 -30.02
N SER B 168 20.42 12.86 -30.93
CA SER B 168 19.10 12.37 -30.55
C SER B 168 19.32 11.29 -29.49
N GLY B 169 19.37 10.04 -29.90
CA GLY B 169 19.57 8.99 -28.91
C GLY B 169 18.31 8.25 -28.53
N THR B 170 18.43 6.93 -28.37
CA THR B 170 17.29 6.10 -28.03
C THR B 170 17.62 5.16 -26.87
N THR C 1 20.81 37.95 -22.75
CA THR C 1 19.84 38.65 -23.65
C THR C 1 19.02 37.66 -24.47
N VAL C 2 17.70 37.77 -24.33
CA VAL C 2 16.78 36.91 -25.05
C VAL C 2 16.91 37.16 -26.55
N THR C 3 17.13 38.43 -26.91
CA THR C 3 17.27 38.82 -28.30
C THR C 3 18.37 38.04 -29.00
N LYS C 4 19.54 37.97 -28.37
CA LYS C 4 20.66 37.26 -28.97
C LYS C 4 20.51 35.74 -28.90
N THR C 5 19.76 35.26 -27.92
CA THR C 5 19.54 33.82 -27.80
C THR C 5 18.63 33.40 -28.95
N ILE C 6 17.62 34.22 -29.24
CA ILE C 6 16.70 33.91 -30.32
C ILE C 6 17.43 33.95 -31.65
N GLU C 7 18.37 34.88 -31.78
CA GLU C 7 19.14 34.99 -33.01
C GLU C 7 20.00 33.73 -33.17
N THR C 8 20.53 33.24 -32.05
CA THR C 8 21.33 32.03 -32.06
C THR C 8 20.47 30.85 -32.48
N HIS C 9 19.28 30.75 -31.89
CA HIS C 9 18.35 29.67 -32.23
C HIS C 9 18.05 29.72 -33.72
N THR C 10 17.81 30.91 -34.24
CA THR C 10 17.50 31.05 -35.66
C THR C 10 18.60 30.43 -36.51
N ASP C 11 19.85 30.72 -36.15
CA ASP C 11 20.98 30.19 -36.89
C ASP C 11 21.11 28.67 -36.73
N ASN C 12 20.95 28.18 -35.50
CA ASN C 12 21.05 26.75 -35.22
C ASN C 12 19.94 25.94 -35.88
N ILE C 13 18.74 26.50 -35.91
CA ILE C 13 17.60 25.82 -36.53
C ILE C 13 17.91 25.69 -38.02
N GLU C 14 18.48 26.75 -38.57
CA GLU C 14 18.83 26.76 -39.98
C GLU C 14 19.88 25.68 -40.27
N THR C 15 20.91 25.61 -39.42
CA THR C 15 21.95 24.61 -39.61
C THR C 15 21.39 23.18 -39.49
N ASN C 16 20.31 23.02 -38.74
CA ASN C 16 19.68 21.71 -38.57
C ASN C 16 18.74 21.30 -39.71
N MET C 17 18.59 22.15 -40.73
CA MET C 17 17.72 21.81 -41.86
C MET C 17 18.37 20.69 -42.68
N ASP C 18 17.72 19.52 -42.69
CA ASP C 18 18.15 18.29 -43.39
C ASP C 18 17.05 17.87 -44.37
N GLU C 19 17.41 17.22 -45.47
CA GLU C 19 16.37 16.76 -46.39
C GLU C 19 16.84 15.72 -47.41
N ASN C 20 16.09 14.63 -47.52
CA ASN C 20 16.39 13.60 -48.50
C ASN C 20 15.37 13.79 -49.62
N LEU C 21 15.78 14.48 -50.67
CA LEU C 21 14.91 14.77 -51.81
C LEU C 21 14.70 13.53 -52.67
N ARG C 22 13.44 13.21 -52.94
CA ARG C 22 13.15 12.05 -53.78
C ARG C 22 12.84 12.49 -55.20
N ILE C 23 13.69 12.06 -56.13
CA ILE C 23 13.50 12.40 -57.52
C ILE C 23 13.30 11.15 -58.36
N PRO C 24 12.08 10.94 -58.86
CA PRO C 24 11.86 9.74 -59.67
C PRO C 24 12.67 9.86 -60.95
N VAL C 25 13.34 8.78 -61.33
CA VAL C 25 14.16 8.82 -62.54
C VAL C 25 13.99 7.59 -63.40
N THR C 26 14.34 7.71 -64.67
CA THR C 26 14.27 6.61 -65.62
C THR C 26 15.64 6.38 -66.24
N ALA C 27 16.17 5.17 -66.08
CA ALA C 27 17.45 4.83 -66.67
C ALA C 27 17.10 4.59 -68.13
N GLU C 28 17.38 5.56 -68.98
CA GLU C 28 17.05 5.38 -70.39
C GLU C 28 18.03 4.46 -71.08
N VAL C 29 17.54 3.27 -71.40
CA VAL C 29 18.30 2.23 -72.06
C VAL C 29 19.07 2.76 -73.27
N GLY C 30 20.36 2.48 -73.30
CA GLY C 30 21.20 2.93 -74.41
C GLY C 30 21.69 4.38 -74.35
N SER C 31 21.43 5.08 -73.25
CA SER C 31 21.85 6.47 -73.15
C SER C 31 22.89 6.73 -72.06
N GLY C 32 22.97 5.84 -71.10
CA GLY C 32 23.92 6.02 -70.01
C GLY C 32 23.49 7.12 -69.06
N TYR C 33 22.22 7.52 -69.15
CA TYR C 33 21.71 8.58 -68.28
C TYR C 33 20.41 8.26 -67.57
N PHE C 34 20.28 8.83 -66.38
CA PHE C 34 19.08 8.72 -65.58
C PHE C 34 18.32 9.99 -65.98
N LYS C 35 17.12 9.83 -66.51
CA LYS C 35 16.34 10.99 -66.94
C LYS C 35 15.33 11.40 -65.87
N MET C 36 15.18 12.70 -65.66
CA MET C 36 14.19 13.18 -64.70
C MET C 36 13.17 14.07 -65.41
N THR C 37 11.95 14.05 -64.91
CA THR C 37 10.86 14.83 -65.51
C THR C 37 10.62 16.15 -64.80
N ASP C 38 10.37 17.20 -65.59
CA ASP C 38 10.10 18.52 -65.03
C ASP C 38 8.99 18.40 -64.00
N VAL C 39 9.22 18.97 -62.81
CA VAL C 39 8.25 18.90 -61.74
C VAL C 39 8.44 20.09 -60.80
N SER C 40 7.42 20.39 -60.03
CA SER C 40 7.47 21.50 -59.07
C SER C 40 6.85 21.01 -57.78
N PHE C 41 7.60 21.11 -56.68
CA PHE C 41 7.06 20.67 -55.40
C PHE C 41 7.56 21.50 -54.23
N ASP C 42 6.89 21.34 -53.10
CA ASP C 42 7.25 22.09 -51.90
C ASP C 42 7.72 21.19 -50.77
N SER C 43 8.86 21.54 -50.19
CA SER C 43 9.45 20.82 -49.09
C SER C 43 9.29 21.65 -47.83
N ASP C 44 8.83 21.05 -46.74
CA ASP C 44 8.66 21.79 -45.50
C ASP C 44 10.00 22.37 -45.06
N THR C 45 11.09 21.71 -45.46
CA THR C 45 12.41 22.17 -45.09
C THR C 45 13.07 23.09 -46.12
N LEU C 46 13.13 22.64 -47.36
CA LEU C 46 13.79 23.40 -48.42
C LEU C 46 12.94 24.41 -49.19
N GLY C 47 11.63 24.35 -49.07
CA GLY C 47 10.79 25.30 -49.78
C GLY C 47 10.37 24.85 -51.17
N LYS C 48 10.26 25.78 -52.10
CA LYS C 48 9.85 25.48 -53.47
C LYS C 48 11.00 24.94 -54.32
N ILE C 49 10.83 23.74 -54.83
CA ILE C 49 11.86 23.12 -55.67
C ILE C 49 11.29 22.81 -57.04
N LYS C 50 12.06 23.14 -58.08
CA LYS C 50 11.61 22.89 -59.44
C LYS C 50 12.68 22.22 -60.28
N ILE C 51 12.32 21.12 -60.92
CA ILE C 51 13.22 20.39 -61.80
C ILE C 51 12.90 20.94 -63.20
N ARG C 52 13.93 21.46 -63.86
CA ARG C 52 13.75 22.05 -65.19
C ARG C 52 14.83 21.59 -66.17
N ASN C 53 14.43 20.73 -67.10
CA ASN C 53 15.33 20.20 -68.12
C ASN C 53 15.74 21.27 -69.14
N GLY C 54 16.95 21.12 -69.67
CA GLY C 54 17.47 22.00 -70.69
C GLY C 54 17.72 23.47 -70.40
N LYS C 55 17.83 23.83 -69.13
CA LYS C 55 18.07 25.23 -68.78
C LYS C 55 19.52 25.59 -68.63
N SER C 56 19.90 26.76 -69.15
CA SER C 56 21.26 27.24 -69.01
C SER C 56 21.25 27.86 -67.62
N ASP C 57 22.44 28.15 -67.08
CA ASP C 57 22.52 28.76 -65.75
C ASP C 57 21.65 30.01 -65.64
N ALA C 58 21.72 30.87 -66.64
CA ALA C 58 20.96 32.11 -66.65
C ALA C 58 19.46 31.83 -66.61
N GLN C 59 19.01 30.85 -67.41
CA GLN C 59 17.59 30.52 -67.44
C GLN C 59 17.10 29.98 -66.10
N MET C 60 17.95 29.23 -65.41
CA MET C 60 17.59 28.67 -64.11
C MET C 60 17.18 29.79 -63.16
N LYS C 61 17.97 30.86 -63.16
CA LYS C 61 17.74 32.00 -62.28
C LYS C 61 16.46 32.78 -62.55
N GLU C 62 15.79 32.49 -63.66
CA GLU C 62 14.55 33.18 -64.01
C GLU C 62 13.37 32.48 -63.35
N GLU C 63 13.60 31.26 -62.88
CA GLU C 63 12.57 30.45 -62.26
C GLU C 63 12.20 30.99 -60.87
N ASP C 64 10.93 30.87 -60.52
CA ASP C 64 10.46 31.32 -59.22
C ASP C 64 10.48 30.13 -58.27
N ALA C 65 11.59 29.95 -57.57
CA ALA C 65 11.73 28.84 -56.64
C ALA C 65 12.93 29.06 -55.72
N ASP C 66 13.00 28.27 -54.66
CA ASP C 66 14.09 28.36 -53.71
C ASP C 66 15.29 27.60 -54.27
N LEU C 67 15.01 26.49 -54.95
CA LEU C 67 16.04 25.68 -55.57
C LEU C 67 15.58 25.20 -56.95
N VAL C 68 16.47 25.28 -57.92
CA VAL C 68 16.17 24.80 -59.26
C VAL C 68 17.18 23.70 -59.58
N ILE C 69 16.67 22.57 -60.06
CA ILE C 69 17.50 21.41 -60.39
C ILE C 69 17.42 21.15 -61.90
N THR C 70 18.58 21.08 -62.54
CA THR C 70 18.65 20.82 -63.97
C THR C 70 19.67 19.73 -64.28
N PRO C 71 19.20 18.61 -64.84
CA PRO C 71 20.14 17.53 -65.17
C PRO C 71 21.13 17.97 -66.23
N VAL C 72 22.34 17.42 -66.18
CA VAL C 72 23.37 17.78 -67.15
C VAL C 72 23.91 16.56 -67.88
N GLU C 73 23.78 16.56 -69.20
CA GLU C 73 24.27 15.46 -70.03
C GLU C 73 25.69 15.82 -70.47
N GLY C 74 26.61 15.87 -69.52
CA GLY C 74 27.98 16.23 -69.84
C GLY C 74 28.97 15.08 -69.74
N ARG C 75 28.47 13.86 -69.62
CA ARG C 75 29.30 12.68 -69.53
C ARG C 75 30.41 12.86 -68.48
N ALA C 76 30.01 13.24 -67.25
CA ALA C 76 30.97 13.41 -66.16
C ALA C 76 31.36 12.04 -65.64
N LEU C 77 30.70 11.01 -66.17
CA LEU C 77 30.98 9.64 -65.80
C LEU C 77 31.30 8.86 -67.08
N GLU C 78 32.40 8.13 -67.07
CA GLU C 78 32.81 7.33 -68.22
C GLU C 78 31.91 6.09 -68.30
N VAL C 79 31.32 5.85 -69.46
CA VAL C 79 30.44 4.70 -69.62
C VAL C 79 30.39 4.16 -71.06
N THR C 80 30.17 2.86 -71.18
CA THR C 80 30.02 2.22 -72.49
C THR C 80 28.52 2.03 -72.60
N VAL C 81 27.86 3.01 -73.21
CA VAL C 81 26.41 3.08 -73.37
C VAL C 81 25.65 1.79 -73.68
N GLY C 82 26.19 0.99 -74.60
CA GLY C 82 25.52 -0.24 -74.97
C GLY C 82 25.46 -1.33 -73.91
N GLN C 83 26.28 -1.21 -72.86
CA GLN C 83 26.28 -2.23 -71.81
C GLN C 83 25.12 -2.07 -70.84
N ASN C 84 24.63 -0.85 -70.70
CA ASN C 84 23.51 -0.57 -69.79
C ASN C 84 23.75 -1.03 -68.36
N LEU C 85 24.98 -0.84 -67.89
CA LEU C 85 25.34 -1.21 -66.51
C LEU C 85 25.51 0.03 -65.64
N THR C 86 26.03 1.11 -66.21
CA THR C 86 26.25 2.33 -65.46
C THR C 86 25.47 3.52 -66.02
N PHE C 87 24.73 4.20 -65.15
CA PHE C 87 23.95 5.36 -65.56
C PHE C 87 24.30 6.60 -64.73
N GLU C 88 24.37 7.73 -65.42
CA GLU C 88 24.72 9.01 -64.79
C GLU C 88 23.48 9.84 -64.47
N GLY C 89 23.44 10.39 -63.26
CA GLY C 89 22.33 11.22 -62.85
C GLY C 89 22.73 12.64 -62.54
N THR C 90 23.94 13.00 -62.96
CA THR C 90 24.49 14.34 -62.73
C THR C 90 23.50 15.47 -63.01
N PHE C 91 23.42 16.42 -62.09
CA PHE C 91 22.55 17.58 -62.24
C PHE C 91 23.17 18.78 -61.53
N LYS C 92 22.75 19.97 -61.95
CA LYS C 92 23.24 21.19 -61.33
C LYS C 92 22.07 21.83 -60.61
N VAL C 93 22.37 22.65 -59.61
CA VAL C 93 21.31 23.32 -58.88
C VAL C 93 21.63 24.77 -58.57
N TRP C 94 20.62 25.61 -58.74
CA TRP C 94 20.76 27.03 -58.47
C TRP C 94 20.25 27.25 -57.05
N ASN C 95 21.11 27.77 -56.19
CA ASN C 95 20.76 28.03 -54.80
C ASN C 95 20.20 29.44 -54.65
N ASN C 96 18.87 29.56 -54.75
CA ASN C 96 18.20 30.84 -54.62
C ASN C 96 17.79 31.02 -53.15
N THR C 97 18.66 30.61 -52.24
CA THR C 97 18.42 30.69 -50.81
C THR C 97 19.46 31.57 -50.12
N SER C 98 19.11 32.07 -48.93
CA SER C 98 19.99 32.94 -48.16
C SER C 98 21.16 32.27 -47.47
N ARG C 99 21.43 31.01 -47.77
CA ARG C 99 22.55 30.33 -47.14
C ARG C 99 23.14 29.23 -48.01
N LYS C 100 24.45 29.05 -47.87
CA LYS C 100 25.20 28.04 -48.61
C LYS C 100 24.54 26.68 -48.37
N ILE C 101 24.26 25.96 -49.45
CA ILE C 101 23.61 24.66 -49.32
C ILE C 101 24.58 23.55 -49.75
N ASN C 102 24.41 22.37 -49.17
CA ASN C 102 25.30 21.24 -49.48
C ASN C 102 24.57 19.99 -49.97
N ILE C 103 25.06 19.42 -51.08
CA ILE C 103 24.49 18.20 -51.63
C ILE C 103 25.57 17.17 -51.32
N THR C 104 25.28 16.29 -50.37
CA THR C 104 26.29 15.33 -49.93
C THR C 104 26.00 13.84 -49.96
N GLY C 105 24.97 13.42 -50.68
CA GLY C 105 24.69 12.00 -50.73
C GLY C 105 23.64 11.65 -51.77
N MET C 106 23.67 10.39 -52.20
CA MET C 106 22.72 9.90 -53.18
C MET C 106 22.59 8.39 -53.09
N GLN C 107 21.36 7.92 -53.22
CA GLN C 107 21.06 6.50 -53.21
C GLN C 107 20.03 6.24 -54.30
N MET C 108 20.23 5.19 -55.08
CA MET C 108 19.31 4.83 -56.17
C MET C 108 18.46 3.63 -55.79
N VAL C 109 17.18 3.87 -55.56
CA VAL C 109 16.26 2.82 -55.14
C VAL C 109 15.37 2.28 -56.27
N PRO C 110 15.48 0.97 -56.55
CA PRO C 110 14.69 0.32 -57.61
C PRO C 110 13.20 0.44 -57.28
N LYS C 111 12.40 0.88 -58.24
CA LYS C 111 10.96 1.03 -58.00
C LYS C 111 10.24 -0.31 -58.04
N ILE C 112 9.39 -0.55 -57.05
CA ILE C 112 8.61 -1.80 -56.99
C ILE C 112 7.53 -1.68 -58.06
N ASN C 113 7.46 -2.65 -58.96
CA ASN C 113 6.46 -2.58 -60.03
C ASN C 113 5.08 -3.08 -59.62
N PRO C 114 4.07 -2.95 -60.51
CA PRO C 114 2.72 -3.40 -60.19
C PRO C 114 2.66 -4.89 -59.85
N SER C 115 3.62 -5.66 -60.34
CA SER C 115 3.66 -7.09 -60.06
C SER C 115 4.40 -7.37 -58.75
N LYS C 116 4.69 -6.31 -58.00
CA LYS C 116 5.35 -6.42 -56.71
C LYS C 116 6.78 -6.94 -56.75
N ALA C 117 7.48 -6.63 -57.83
CA ALA C 117 8.86 -7.05 -57.99
C ALA C 117 9.75 -5.82 -58.17
N PHE C 118 11.05 -5.98 -57.94
CA PHE C 118 11.98 -4.88 -58.11
C PHE C 118 13.37 -5.42 -58.49
N VAL C 119 14.13 -4.62 -59.24
CA VAL C 119 15.47 -5.05 -59.65
C VAL C 119 16.36 -5.18 -58.42
N GLY C 120 16.77 -6.41 -58.13
CA GLY C 120 17.58 -6.67 -56.96
C GLY C 120 19.04 -7.05 -57.16
N SER C 121 19.61 -6.70 -58.29
CA SER C 121 21.01 -7.00 -58.54
C SER C 121 21.87 -6.01 -57.73
N SER C 122 23.19 -6.17 -57.76
CA SER C 122 24.05 -5.26 -57.02
C SER C 122 23.74 -3.85 -57.51
N ASN C 123 23.80 -2.90 -56.58
CA ASN C 123 23.46 -1.51 -56.84
C ASN C 123 24.48 -0.67 -56.07
N THR C 124 25.41 -0.05 -56.80
CA THR C 124 26.45 0.76 -56.17
C THR C 124 26.53 2.15 -56.78
N SER C 125 26.22 3.17 -55.99
CA SER C 125 26.26 4.55 -56.46
C SER C 125 27.51 5.28 -56.00
N SER C 126 27.85 6.33 -56.73
CA SER C 126 28.99 7.18 -56.39
C SER C 126 28.56 8.60 -56.70
N PHE C 127 29.22 9.56 -56.09
CA PHE C 127 28.90 10.97 -56.30
C PHE C 127 30.02 11.83 -55.75
N THR C 128 29.99 13.10 -56.12
CA THR C 128 30.98 14.06 -55.65
C THR C 128 30.21 15.17 -54.96
N PRO C 129 30.30 15.24 -53.62
CA PRO C 129 29.60 16.28 -52.85
C PRO C 129 29.94 17.66 -53.37
N VAL C 130 29.02 18.58 -53.26
CA VAL C 130 29.24 19.94 -53.71
C VAL C 130 28.52 20.91 -52.78
N SER C 131 29.14 22.05 -52.52
CA SER C 131 28.54 23.08 -51.68
C SER C 131 28.27 24.24 -52.62
N ILE C 132 27.08 24.82 -52.54
CA ILE C 132 26.71 25.91 -53.43
C ILE C 132 26.35 27.18 -52.67
N ASP C 133 27.08 28.25 -52.91
CA ASP C 133 26.83 29.52 -52.23
C ASP C 133 25.56 30.20 -52.73
N GLU C 134 25.11 31.20 -52.01
CA GLU C 134 23.92 31.95 -52.36
C GLU C 134 23.95 32.44 -53.81
N ASP C 135 22.88 32.16 -54.53
CA ASP C 135 22.72 32.56 -55.93
C ASP C 135 23.62 31.84 -56.92
N GLU C 136 24.53 30.99 -56.43
CA GLU C 136 25.42 30.27 -57.33
C GLU C 136 24.77 29.02 -57.91
N VAL C 137 25.40 28.45 -58.93
CA VAL C 137 24.93 27.23 -59.57
C VAL C 137 26.07 26.21 -59.46
N GLY C 138 25.80 25.08 -58.81
CA GLY C 138 26.83 24.06 -58.65
C GLY C 138 26.38 22.74 -59.24
N THR C 139 27.34 21.90 -59.63
CA THR C 139 27.01 20.61 -60.22
C THR C 139 27.31 19.46 -59.27
N PHE C 140 26.35 18.54 -59.19
CA PHE C 140 26.47 17.36 -58.34
C PHE C 140 26.61 16.15 -59.25
N VAL C 141 27.84 15.71 -59.47
CA VAL C 141 28.11 14.55 -60.30
C VAL C 141 27.71 13.31 -59.51
N CYS C 142 26.95 12.42 -60.14
CA CYS C 142 26.52 11.19 -59.48
C CYS C 142 26.10 10.15 -60.50
N GLY C 143 26.09 8.89 -60.07
CA GLY C 143 25.73 7.80 -60.97
C GLY C 143 25.66 6.48 -60.22
N THR C 144 25.21 5.45 -60.92
CA THR C 144 25.05 4.14 -60.33
C THR C 144 25.47 3.03 -61.28
N THR C 145 26.10 1.99 -60.74
CA THR C 145 26.50 0.84 -61.55
C THR C 145 25.75 -0.37 -61.00
N PHE C 146 25.09 -1.10 -61.90
CA PHE C 146 24.31 -2.27 -61.53
C PHE C 146 25.01 -3.56 -61.90
N GLY C 147 24.71 -4.63 -61.15
CA GLY C 147 25.32 -5.92 -61.39
C GLY C 147 24.81 -6.65 -62.62
N ALA C 148 23.71 -6.19 -63.19
CA ALA C 148 23.13 -6.79 -64.38
C ALA C 148 22.61 -5.68 -65.28
N PRO C 149 22.59 -5.91 -66.60
CA PRO C 149 22.11 -4.87 -67.52
C PRO C 149 20.69 -4.40 -67.20
N ILE C 150 20.47 -3.09 -67.30
CA ILE C 150 19.16 -2.52 -67.04
C ILE C 150 18.31 -2.60 -68.31
N ALA C 151 17.04 -2.97 -68.15
CA ALA C 151 16.12 -3.07 -69.26
C ALA C 151 14.80 -2.44 -68.82
N ALA C 152 14.02 -1.95 -69.78
CA ALA C 152 12.73 -1.33 -69.49
C ALA C 152 11.66 -2.34 -69.13
N THR C 153 11.91 -3.61 -69.45
CA THR C 153 10.95 -4.67 -69.17
C THR C 153 10.53 -4.65 -67.70
N ALA C 154 9.23 -4.84 -67.46
CA ALA C 154 8.66 -4.88 -66.12
C ALA C 154 9.04 -3.68 -65.24
N GLY C 155 9.16 -2.51 -65.87
CA GLY C 155 9.53 -1.30 -65.15
C GLY C 155 10.91 -1.39 -64.53
N GLY C 156 11.76 -2.24 -65.12
CA GLY C 156 13.11 -2.45 -64.60
C GLY C 156 14.07 -1.29 -64.73
N ASN C 157 13.65 -0.21 -65.37
CA ASN C 157 14.53 0.95 -65.52
C ASN C 157 14.01 2.15 -64.73
N LEU C 158 13.06 1.88 -63.84
CA LEU C 158 12.46 2.94 -63.02
C LEU C 158 13.05 2.94 -61.63
N PHE C 159 13.44 4.12 -61.16
CA PHE C 159 14.05 4.26 -59.84
C PHE C 159 13.62 5.56 -59.17
N ASP C 160 13.91 5.65 -57.88
CA ASP C 160 13.67 6.85 -57.11
C ASP C 160 15.05 7.24 -56.60
N MET C 161 15.55 8.38 -57.06
CA MET C 161 16.86 8.86 -56.64
C MET C 161 16.69 9.76 -55.42
N TYR C 162 17.32 9.38 -54.32
CA TYR C 162 17.24 10.18 -53.09
C TYR C 162 18.53 10.97 -52.96
N VAL C 163 18.42 12.30 -52.88
CA VAL C 163 19.60 13.14 -52.75
C VAL C 163 19.59 13.84 -51.41
N HIS C 164 20.66 13.67 -50.64
CA HIS C 164 20.73 14.30 -49.33
C HIS C 164 21.20 15.74 -49.44
N VAL C 165 20.37 16.66 -48.95
CA VAL C 165 20.66 18.09 -48.98
C VAL C 165 20.71 18.62 -47.55
N THR C 166 21.73 19.41 -47.25
CA THR C 166 21.86 19.96 -45.91
C THR C 166 22.46 21.35 -45.87
N TYR C 167 21.98 22.15 -44.91
CA TYR C 167 22.51 23.50 -44.74
C TYR C 167 23.65 23.52 -43.71
N SER C 168 23.97 22.36 -43.14
CA SER C 168 25.04 22.29 -42.16
C SER C 168 26.32 22.79 -42.83
N GLY C 169 27.09 21.88 -43.41
CA GLY C 169 28.31 22.31 -44.07
C GLY C 169 29.56 22.13 -43.22
N THR C 170 30.65 21.71 -43.87
CA THR C 170 31.91 21.48 -43.19
C THR C 170 33.05 22.15 -43.96
N THR D 1 -37.87 -36.42 -37.44
CA THR D 1 -36.43 -36.28 -37.76
C THR D 1 -35.68 -35.53 -36.66
N VAL D 2 -34.67 -36.19 -36.09
CA VAL D 2 -33.86 -35.60 -35.04
C VAL D 2 -33.12 -34.37 -35.57
N THR D 3 -32.69 -34.47 -36.82
CA THR D 3 -31.96 -33.37 -37.46
C THR D 3 -32.75 -32.07 -37.43
N LYS D 4 -34.02 -32.13 -37.81
CA LYS D 4 -34.85 -30.93 -37.81
C LYS D 4 -35.30 -30.50 -36.43
N THR D 5 -35.33 -31.43 -35.48
CA THR D 5 -35.71 -31.09 -34.11
C THR D 5 -34.56 -30.30 -33.49
N ILE D 6 -33.35 -30.73 -33.78
CA ILE D 6 -32.17 -30.06 -33.27
C ILE D 6 -32.08 -28.67 -33.88
N GLU D 7 -32.44 -28.56 -35.15
CA GLU D 7 -32.41 -27.26 -35.82
C GLU D 7 -33.43 -26.36 -35.16
N THR D 8 -34.57 -26.94 -34.77
CA THR D 8 -35.62 -26.16 -34.12
C THR D 8 -35.14 -25.68 -32.76
N HIS D 9 -34.50 -26.58 -32.01
CA HIS D 9 -33.95 -26.25 -30.71
C HIS D 9 -32.94 -25.12 -30.85
N THR D 10 -32.09 -25.21 -31.87
CA THR D 10 -31.08 -24.18 -32.09
C THR D 10 -31.75 -22.81 -32.21
N ASP D 11 -32.81 -22.74 -33.01
CA ASP D 11 -33.53 -21.48 -33.19
C ASP D 11 -34.23 -21.02 -31.91
N ASN D 12 -34.88 -21.94 -31.21
CA ASN D 12 -35.58 -21.60 -29.98
C ASN D 12 -34.63 -21.16 -28.87
N ILE D 13 -33.47 -21.81 -28.77
CA ILE D 13 -32.48 -21.45 -27.76
C ILE D 13 -32.02 -20.02 -28.06
N GLU D 14 -31.84 -19.74 -29.34
CA GLU D 14 -31.40 -18.41 -29.76
C GLU D 14 -32.45 -17.37 -29.37
N THR D 15 -33.71 -17.68 -29.65
CA THR D 15 -34.78 -16.74 -29.30
C THR D 15 -34.87 -16.53 -27.79
N ASN D 16 -34.42 -17.50 -26.99
CA ASN D 16 -34.45 -17.38 -25.53
C ASN D 16 -33.27 -16.62 -24.93
N MET D 17 -32.36 -16.12 -25.78
CA MET D 17 -31.21 -15.38 -25.28
C MET D 17 -31.67 -14.00 -24.75
N ASP D 18 -31.56 -13.83 -23.43
CA ASP D 18 -31.96 -12.62 -22.68
C ASP D 18 -30.71 -12.07 -21.99
N GLU D 19 -30.66 -10.76 -21.74
CA GLU D 19 -29.52 -10.20 -21.02
C GLU D 19 -29.72 -8.77 -20.51
N ASN D 20 -29.43 -8.56 -19.23
CA ASN D 20 -29.52 -7.23 -18.64
C ASN D 20 -28.09 -6.74 -18.53
N LEU D 21 -27.67 -5.93 -19.49
CA LEU D 21 -26.30 -5.41 -19.52
C LEU D 21 -26.10 -4.30 -18.50
N ARG D 22 -25.08 -4.43 -17.67
CA ARG D 22 -24.81 -3.41 -16.66
C ARG D 22 -23.71 -2.47 -17.14
N ILE D 23 -24.06 -1.21 -17.32
CA ILE D 23 -23.10 -0.22 -17.76
C ILE D 23 -22.93 0.88 -16.71
N PRO D 24 -21.78 0.92 -16.04
CA PRO D 24 -21.59 1.96 -15.03
C PRO D 24 -21.55 3.32 -15.73
N VAL D 25 -22.25 4.29 -15.18
CA VAL D 25 -22.29 5.61 -15.81
C VAL D 25 -22.14 6.73 -14.81
N THR D 26 -21.72 7.90 -15.31
CA THR D 26 -21.56 9.07 -14.48
C THR D 26 -22.44 10.21 -15.02
N ALA D 27 -23.34 10.71 -14.19
CA ALA D 27 -24.18 11.82 -14.60
C ALA D 27 -23.27 13.03 -14.47
N GLU D 28 -22.74 13.50 -15.59
CA GLU D 28 -21.84 14.63 -15.53
C GLU D 28 -22.59 15.93 -15.30
N VAL D 29 -22.41 16.43 -14.10
CA VAL D 29 -23.01 17.65 -13.63
C VAL D 29 -22.85 18.80 -14.64
N GLY D 30 -23.96 19.41 -15.02
CA GLY D 30 -23.94 20.52 -15.97
C GLY D 30 -23.87 20.13 -17.44
N SER D 31 -24.00 18.84 -17.75
CA SER D 31 -23.91 18.41 -19.15
C SER D 31 -25.21 17.80 -19.68
N GLY D 32 -26.05 17.31 -18.78
CA GLY D 32 -27.29 16.69 -19.19
C GLY D 32 -27.06 15.32 -19.79
N TYR D 33 -25.87 14.76 -19.56
CA TYR D 33 -25.54 13.44 -20.10
C TYR D 33 -24.96 12.47 -19.10
N PHE D 34 -25.28 11.19 -19.33
CA PHE D 34 -24.75 10.09 -18.54
C PHE D 34 -23.52 9.68 -19.35
N LYS D 35 -22.35 9.73 -18.74
CA LYS D 35 -21.13 9.36 -19.44
C LYS D 35 -20.73 7.91 -19.16
N MET D 36 -20.26 7.20 -20.18
CA MET D 36 -19.80 5.83 -19.96
C MET D 36 -18.33 5.73 -20.38
N THR D 37 -17.60 4.85 -19.70
CA THR D 37 -16.18 4.66 -19.96
C THR D 37 -15.91 3.47 -20.89
N ASP D 38 -14.95 3.64 -21.79
CA ASP D 38 -14.58 2.58 -22.72
C ASP D 38 -14.25 1.33 -21.94
N VAL D 39 -14.85 0.22 -22.33
CA VAL D 39 -14.62 -1.05 -21.65
C VAL D 39 -14.86 -2.21 -22.59
N SER D 40 -14.31 -3.36 -22.26
CA SER D 40 -14.48 -4.55 -23.06
C SER D 40 -14.79 -5.71 -22.12
N PHE D 41 -15.89 -6.41 -22.37
CA PHE D 41 -16.26 -7.53 -21.52
C PHE D 41 -16.96 -8.64 -22.29
N ASP D 42 -17.08 -9.80 -21.66
CA ASP D 42 -17.71 -10.96 -22.27
C ASP D 42 -18.96 -11.40 -21.52
N SER D 43 -20.03 -11.59 -22.26
CA SER D 43 -21.30 -12.03 -21.72
C SER D 43 -21.53 -13.47 -22.16
N ASP D 44 -21.90 -14.34 -21.24
CA ASP D 44 -22.15 -15.73 -21.59
C ASP D 44 -23.23 -15.81 -22.66
N THR D 45 -24.13 -14.84 -22.66
CA THR D 45 -25.22 -14.81 -23.63
C THR D 45 -24.92 -14.03 -24.90
N LEU D 46 -24.49 -12.78 -24.74
CA LEU D 46 -24.22 -11.90 -25.88
C LEU D 46 -22.83 -11.95 -26.51
N GLY D 47 -21.86 -12.50 -25.80
CA GLY D 47 -20.52 -12.59 -26.35
C GLY D 47 -19.65 -11.39 -26.00
N LYS D 48 -18.75 -11.01 -26.90
CA LYS D 48 -17.85 -9.89 -26.68
C LYS D 48 -18.51 -8.54 -26.91
N ILE D 49 -18.52 -7.71 -25.86
CA ILE D 49 -19.13 -6.39 -25.96
C ILE D 49 -18.09 -5.32 -25.65
N LYS D 50 -18.07 -4.28 -26.48
CA LYS D 50 -17.13 -3.18 -26.28
C LYS D 50 -17.80 -1.82 -26.34
N ILE D 51 -17.54 -1.01 -25.32
CA ILE D 51 -18.07 0.34 -25.28
C ILE D 51 -16.94 1.21 -25.83
N ARG D 52 -17.23 1.95 -26.89
CA ARG D 52 -16.23 2.80 -27.53
C ARG D 52 -16.73 4.22 -27.80
N ASN D 53 -16.26 5.17 -27.02
CA ASN D 53 -16.64 6.57 -27.16
C ASN D 53 -16.09 7.20 -28.44
N GLY D 54 -16.84 8.18 -28.96
CA GLY D 54 -16.44 8.92 -30.16
C GLY D 54 -16.30 8.20 -31.50
N LYS D 55 -16.92 7.05 -31.66
CA LYS D 55 -16.80 6.31 -32.92
C LYS D 55 -17.93 6.60 -33.90
N SER D 56 -17.58 6.73 -35.17
CA SER D 56 -18.57 6.95 -36.21
C SER D 56 -19.07 5.55 -36.51
N ASP D 57 -20.18 5.42 -37.22
CA ASP D 57 -20.71 4.11 -37.56
C ASP D 57 -19.64 3.23 -38.22
N ALA D 58 -18.92 3.79 -39.18
CA ALA D 58 -17.88 3.05 -39.88
C ALA D 58 -16.80 2.54 -38.94
N GLN D 59 -16.38 3.39 -38.02
CA GLN D 59 -15.34 3.02 -37.05
C GLN D 59 -15.80 1.91 -36.12
N MET D 60 -17.08 1.93 -35.76
CA MET D 60 -17.64 0.90 -34.89
C MET D 60 -17.41 -0.48 -35.52
N LYS D 61 -17.69 -0.59 -36.81
CA LYS D 61 -17.57 -1.85 -37.53
C LYS D 61 -16.14 -2.39 -37.65
N GLU D 62 -15.14 -1.59 -37.28
CA GLU D 62 -13.76 -2.02 -37.35
C GLU D 62 -13.36 -2.77 -36.07
N GLU D 63 -14.19 -2.62 -35.05
CA GLU D 63 -13.94 -3.24 -33.76
C GLU D 63 -14.16 -4.75 -33.81
N ASP D 64 -13.36 -5.50 -33.05
CA ASP D 64 -13.51 -6.94 -33.01
C ASP D 64 -14.40 -7.32 -31.83
N ALA D 65 -15.70 -7.39 -32.08
CA ALA D 65 -16.64 -7.73 -31.02
C ALA D 65 -17.98 -8.14 -31.63
N ASP D 66 -18.83 -8.72 -30.80
CA ASP D 66 -20.15 -9.14 -31.23
C ASP D 66 -21.08 -7.92 -31.23
N LEU D 67 -20.88 -7.06 -30.24
CA LEU D 67 -21.67 -5.84 -30.11
C LEU D 67 -20.78 -4.65 -29.71
N VAL D 68 -20.98 -3.52 -30.36
CA VAL D 68 -20.22 -2.32 -30.04
C VAL D 68 -21.23 -1.26 -29.61
N ILE D 69 -20.95 -0.64 -28.47
CA ILE D 69 -21.83 0.39 -27.91
C ILE D 69 -21.12 1.74 -27.90
N THR D 70 -21.76 2.73 -28.49
CA THR D 70 -21.18 4.07 -28.55
C THR D 70 -22.20 5.13 -28.14
N PRO D 71 -21.92 5.86 -27.06
CA PRO D 71 -22.85 6.90 -26.61
C PRO D 71 -22.96 8.01 -27.64
N VAL D 72 -24.12 8.64 -27.71
CA VAL D 72 -24.34 9.70 -28.68
C VAL D 72 -24.83 10.96 -27.99
N GLU D 73 -24.06 12.04 -28.16
CA GLU D 73 -24.40 13.34 -27.58
C GLU D 73 -25.18 14.11 -28.63
N GLY D 74 -26.39 13.64 -28.94
CA GLY D 74 -27.19 14.30 -29.95
C GLY D 74 -28.42 15.01 -29.41
N ARG D 75 -28.48 15.18 -28.10
CA ARG D 75 -29.61 15.85 -27.45
C ARG D 75 -30.95 15.29 -27.94
N ALA D 76 -31.12 13.98 -27.87
CA ALA D 76 -32.37 13.35 -28.30
C ALA D 76 -33.41 13.58 -27.21
N LEU D 77 -32.96 14.13 -26.09
CA LEU D 77 -33.82 14.44 -24.96
C LEU D 77 -33.68 15.92 -24.65
N GLU D 78 -34.81 16.61 -24.53
CA GLU D 78 -34.81 18.04 -24.24
C GLU D 78 -34.48 18.23 -22.77
N VAL D 79 -33.50 19.08 -22.47
CA VAL D 79 -33.09 19.31 -21.09
C VAL D 79 -32.51 20.70 -20.83
N THR D 80 -32.72 21.21 -19.61
CA THR D 80 -32.15 22.49 -19.20
C THR D 80 -30.95 22.06 -18.36
N VAL D 81 -29.81 21.97 -19.01
CA VAL D 81 -28.54 21.54 -18.43
C VAL D 81 -28.19 22.00 -17.01
N GLY D 82 -28.43 23.27 -16.71
CA GLY D 82 -28.10 23.78 -15.39
C GLY D 82 -28.97 23.27 -14.24
N GLN D 83 -30.11 22.66 -14.57
CA GLN D 83 -30.99 22.15 -13.52
C GLN D 83 -30.52 20.83 -12.92
N ASN D 84 -29.79 20.04 -13.72
CA ASN D 84 -29.27 18.75 -13.28
C ASN D 84 -30.33 17.80 -12.75
N LEU D 85 -31.48 17.79 -13.41
CA LEU D 85 -32.59 16.92 -13.02
C LEU D 85 -32.75 15.78 -14.02
N THR D 86 -32.50 16.05 -15.29
CA THR D 86 -32.65 15.05 -16.34
C THR D 86 -31.35 14.79 -17.09
N PHE D 87 -30.97 13.52 -17.19
CA PHE D 87 -29.75 13.16 -17.91
C PHE D 87 -30.05 12.15 -19.00
N GLU D 88 -29.38 12.33 -20.14
CA GLU D 88 -29.55 11.46 -21.30
C GLU D 88 -28.45 10.40 -21.39
N GLY D 89 -28.85 9.17 -21.66
CA GLY D 89 -27.89 8.08 -21.78
C GLY D 89 -27.90 7.44 -23.16
N THR D 90 -28.54 8.12 -24.10
CA THR D 90 -28.63 7.64 -25.48
C THR D 90 -27.32 7.10 -26.04
N PHE D 91 -27.40 5.92 -26.67
CA PHE D 91 -26.23 5.30 -27.27
C PHE D 91 -26.67 4.50 -28.49
N LYS D 92 -25.73 4.22 -29.38
CA LYS D 92 -26.04 3.44 -30.57
C LYS D 92 -25.26 2.16 -30.47
N VAL D 93 -25.71 1.13 -31.17
CA VAL D 93 -25.00 -0.15 -31.11
C VAL D 93 -24.93 -0.84 -32.46
N TRP D 94 -23.76 -1.39 -32.75
CA TRP D 94 -23.53 -2.10 -33.99
C TRP D 94 -23.76 -3.58 -33.70
N ASN D 95 -24.70 -4.17 -34.43
CA ASN D 95 -25.03 -5.58 -34.26
C ASN D 95 -24.18 -6.45 -35.18
N ASN D 96 -23.04 -6.90 -34.68
CA ASN D 96 -22.13 -7.75 -35.45
C ASN D 96 -22.49 -9.22 -35.17
N THR D 97 -23.80 -9.49 -35.08
CA THR D 97 -24.29 -10.84 -34.80
C THR D 97 -25.18 -11.36 -35.93
N SER D 98 -25.33 -12.68 -35.99
CA SER D 98 -26.12 -13.33 -37.03
C SER D 98 -27.64 -13.22 -36.88
N ARG D 99 -28.11 -12.38 -35.96
CA ARG D 99 -29.55 -12.24 -35.79
C ARG D 99 -29.95 -10.87 -35.28
N LYS D 100 -31.12 -10.42 -35.72
CA LYS D 100 -31.67 -9.14 -35.32
C LYS D 100 -31.72 -9.09 -33.79
N ILE D 101 -31.22 -8.01 -33.22
CA ILE D 101 -31.20 -7.89 -31.76
C ILE D 101 -32.12 -6.75 -31.33
N ASN D 102 -32.66 -6.84 -30.13
CA ASN D 102 -33.59 -5.84 -29.62
C ASN D 102 -33.17 -5.25 -28.28
N ILE D 103 -33.19 -3.92 -28.18
CA ILE D 103 -32.85 -3.20 -26.95
C ILE D 103 -34.21 -2.66 -26.52
N THR D 104 -34.78 -3.24 -25.48
CA THR D 104 -36.13 -2.89 -25.06
C THR D 104 -36.38 -2.41 -23.63
N GLY D 105 -35.35 -2.03 -22.91
CA GLY D 105 -35.58 -1.57 -21.54
C GLY D 105 -34.35 -0.96 -20.91
N MET D 106 -34.57 -0.12 -19.91
CA MET D 106 -33.47 0.52 -19.20
C MET D 106 -33.91 0.96 -17.81
N GLN D 107 -33.01 0.78 -16.84
CA GLN D 107 -33.27 1.18 -15.47
C GLN D 107 -31.97 1.80 -14.96
N MET D 108 -32.10 2.92 -14.23
CA MET D 108 -30.94 3.63 -13.70
C MET D 108 -30.86 3.44 -12.19
N VAL D 109 -29.87 2.65 -11.76
CA VAL D 109 -29.70 2.34 -10.34
C VAL D 109 -28.61 3.17 -9.65
N PRO D 110 -28.98 3.93 -8.61
CA PRO D 110 -28.04 4.76 -7.86
C PRO D 110 -26.97 3.88 -7.21
N LYS D 111 -25.70 4.26 -7.35
CA LYS D 111 -24.62 3.45 -6.78
C LYS D 111 -24.44 3.70 -5.29
N ILE D 112 -24.36 2.62 -4.53
CA ILE D 112 -24.18 2.73 -3.09
C ILE D 112 -22.73 3.19 -2.88
N ASN D 113 -22.54 4.29 -2.16
CA ASN D 113 -21.19 4.79 -1.94
C ASN D 113 -20.47 4.09 -0.77
N PRO D 114 -19.19 4.41 -0.56
CA PRO D 114 -18.41 3.80 0.53
C PRO D 114 -19.02 4.02 1.90
N SER D 115 -19.80 5.09 2.04
CA SER D 115 -20.46 5.39 3.32
C SER D 115 -21.78 4.64 3.44
N LYS D 116 -22.03 3.75 2.49
CA LYS D 116 -23.24 2.94 2.48
C LYS D 116 -24.54 3.71 2.25
N ALA D 117 -24.45 4.79 1.49
CA ALA D 117 -25.64 5.61 1.18
C ALA D 117 -25.83 5.64 -0.32
N PHE D 118 -27.02 6.02 -0.76
CA PHE D 118 -27.33 6.11 -2.18
C PHE D 118 -28.43 7.15 -2.42
N VAL D 119 -28.40 7.79 -3.58
CA VAL D 119 -29.41 8.80 -3.91
C VAL D 119 -30.77 8.13 -4.00
N GLY D 120 -31.65 8.47 -3.07
CA GLY D 120 -32.97 7.87 -3.04
C GLY D 120 -34.16 8.73 -3.43
N SER D 121 -33.95 9.79 -4.19
CA SER D 121 -35.06 10.64 -4.63
C SER D 121 -35.80 9.90 -5.74
N SER D 122 -36.92 10.47 -6.21
CA SER D 122 -37.66 9.83 -7.29
C SER D 122 -36.69 9.64 -8.46
N ASN D 123 -36.88 8.53 -9.16
CA ASN D 123 -36.02 8.12 -10.26
C ASN D 123 -36.93 7.55 -11.36
N THR D 124 -37.13 8.30 -12.43
CA THR D 124 -38.02 7.87 -13.52
C THR D 124 -37.32 7.90 -14.86
N SER D 125 -37.13 6.72 -15.46
CA SER D 125 -36.46 6.62 -16.75
C SER D 125 -37.43 6.44 -17.89
N SER D 126 -36.98 6.78 -19.10
CA SER D 126 -37.78 6.63 -20.30
C SER D 126 -36.81 6.22 -21.40
N PHE D 127 -37.34 5.60 -22.43
CA PHE D 127 -36.52 5.13 -23.54
C PHE D 127 -37.38 4.75 -24.74
N THR D 128 -36.73 4.57 -25.88
CA THR D 128 -37.44 4.20 -27.11
C THR D 128 -36.81 2.91 -27.59
N PRO D 129 -37.52 1.78 -27.45
CA PRO D 129 -37.00 0.49 -27.90
C PRO D 129 -36.55 0.55 -29.35
N VAL D 130 -35.56 -0.27 -29.68
CA VAL D 130 -35.06 -0.30 -31.05
C VAL D 130 -34.61 -1.71 -31.40
N SER D 131 -34.87 -2.11 -32.64
CA SER D 131 -34.47 -3.42 -33.11
C SER D 131 -33.39 -3.15 -34.15
N ILE D 132 -32.29 -3.89 -34.07
CA ILE D 132 -31.18 -3.69 -34.99
C ILE D 132 -30.84 -4.94 -35.78
N ASP D 133 -30.96 -4.85 -37.10
CA ASP D 133 -30.68 -5.99 -37.96
C ASP D 133 -29.18 -6.30 -38.04
N GLU D 134 -28.87 -7.47 -38.58
CA GLU D 134 -27.48 -7.90 -38.73
C GLU D 134 -26.62 -6.84 -39.41
N ASP D 135 -25.49 -6.54 -38.78
CA ASP D 135 -24.51 -5.56 -39.28
C ASP D 135 -24.98 -4.11 -39.25
N GLU D 136 -26.23 -3.86 -38.85
CA GLU D 136 -26.74 -2.50 -38.80
C GLU D 136 -26.34 -1.79 -37.51
N VAL D 137 -26.54 -0.48 -37.49
CA VAL D 137 -26.25 0.33 -36.31
C VAL D 137 -27.55 1.04 -35.95
N GLY D 138 -28.01 0.85 -34.71
CA GLY D 138 -29.24 1.48 -34.29
C GLY D 138 -29.05 2.30 -33.04
N THR D 139 -29.90 3.30 -32.84
CA THR D 139 -29.79 4.14 -31.67
C THR D 139 -30.88 3.88 -30.64
N PHE D 140 -30.47 3.76 -29.39
CA PHE D 140 -31.39 3.53 -28.27
C PHE D 140 -31.47 4.81 -27.44
N VAL D 141 -32.49 5.62 -27.69
CA VAL D 141 -32.67 6.87 -26.94
C VAL D 141 -33.15 6.52 -25.54
N CYS D 142 -32.52 7.09 -24.52
CA CYS D 142 -32.92 6.81 -23.15
C CYS D 142 -32.41 7.90 -22.21
N GLY D 143 -33.05 8.00 -21.05
CA GLY D 143 -32.66 9.01 -20.07
C GLY D 143 -33.42 8.86 -18.77
N THR D 144 -33.05 9.66 -17.79
CA THR D 144 -33.68 9.58 -16.48
C THR D 144 -33.89 10.97 -15.88
N THR D 145 -35.00 11.13 -15.16
CA THR D 145 -35.31 12.39 -14.50
C THR D 145 -35.40 12.10 -13.00
N PHE D 146 -34.66 12.87 -12.21
CA PHE D 146 -34.62 12.68 -10.77
C PHE D 146 -35.44 13.73 -10.02
N GLY D 147 -35.92 13.36 -8.84
CA GLY D 147 -36.73 14.27 -8.06
C GLY D 147 -35.97 15.41 -7.40
N ALA D 148 -34.64 15.33 -7.39
CA ALA D 148 -33.80 16.37 -6.80
C ALA D 148 -32.57 16.51 -7.69
N PRO D 149 -31.94 17.69 -7.70
CA PRO D 149 -30.76 17.89 -8.55
C PRO D 149 -29.64 16.91 -8.22
N ILE D 150 -28.96 16.43 -9.26
CA ILE D 150 -27.84 15.51 -9.10
C ILE D 150 -26.56 16.29 -8.83
N ALA D 151 -25.76 15.82 -7.88
CA ALA D 151 -24.49 16.45 -7.53
C ALA D 151 -23.43 15.35 -7.37
N ALA D 152 -22.17 15.70 -7.61
CA ALA D 152 -21.08 14.72 -7.50
C ALA D 152 -20.74 14.38 -6.05
N THR D 153 -21.15 15.24 -5.14
CA THR D 153 -20.90 15.03 -3.73
C THR D 153 -21.34 13.63 -3.29
N ALA D 154 -20.48 12.98 -2.50
CA ALA D 154 -20.73 11.63 -1.97
C ALA D 154 -21.05 10.61 -3.05
N GLY D 155 -20.45 10.76 -4.22
CA GLY D 155 -20.69 9.82 -5.31
C GLY D 155 -22.13 9.87 -5.76
N GLY D 156 -22.78 11.01 -5.53
CA GLY D 156 -24.17 11.18 -5.89
C GLY D 156 -24.51 11.22 -7.37
N ASN D 157 -23.49 11.20 -8.22
CA ASN D 157 -23.71 11.22 -9.66
C ASN D 157 -23.29 9.91 -10.32
N LEU D 158 -23.08 8.89 -9.50
CA LEU D 158 -22.67 7.58 -9.99
C LEU D 158 -23.85 6.62 -10.04
N PHE D 159 -24.00 5.91 -11.16
CA PHE D 159 -25.09 4.97 -11.36
C PHE D 159 -24.66 3.76 -12.16
N ASP D 160 -25.51 2.75 -12.17
CA ASP D 160 -25.28 1.56 -12.96
C ASP D 160 -26.51 1.52 -13.86
N MET D 161 -26.30 1.67 -15.16
CA MET D 161 -27.40 1.63 -16.11
C MET D 161 -27.56 0.20 -16.60
N TYR D 162 -28.75 -0.36 -16.41
CA TYR D 162 -29.03 -1.72 -16.86
C TYR D 162 -29.87 -1.65 -18.13
N VAL D 163 -29.37 -2.25 -19.20
CA VAL D 163 -30.11 -2.23 -20.46
C VAL D 163 -30.53 -3.64 -20.83
N HIS D 164 -31.82 -3.83 -21.07
CA HIS D 164 -32.33 -5.14 -21.43
C HIS D 164 -32.15 -5.39 -22.92
N VAL D 165 -31.45 -6.48 -23.23
CA VAL D 165 -31.19 -6.86 -24.61
C VAL D 165 -31.77 -8.25 -24.86
N THR D 166 -32.48 -8.41 -25.98
CA THR D 166 -33.07 -9.70 -26.28
C THR D 166 -33.11 -10.02 -27.76
N TYR D 167 -32.97 -11.30 -28.07
CA TYR D 167 -33.02 -11.77 -29.45
C TYR D 167 -34.42 -12.20 -29.83
N SER D 168 -35.35 -12.15 -28.87
CA SER D 168 -36.73 -12.55 -29.15
C SER D 168 -37.24 -11.67 -30.28
N GLY D 169 -37.89 -10.55 -29.96
CA GLY D 169 -38.39 -9.69 -31.02
C GLY D 169 -39.87 -9.86 -31.29
N THR D 170 -40.54 -8.74 -31.55
CA THR D 170 -41.96 -8.75 -31.83
C THR D 170 -42.30 -7.92 -33.07
N THR E 1 -21.52 -33.39 -35.82
CA THR E 1 -21.84 -34.41 -34.78
C THR E 1 -23.02 -33.99 -33.92
N VAL E 2 -24.05 -34.84 -33.91
CA VAL E 2 -25.25 -34.57 -33.13
C VAL E 2 -24.91 -34.54 -31.64
N THR E 3 -23.99 -35.42 -31.24
CA THR E 3 -23.56 -35.51 -29.85
C THR E 3 -23.06 -34.17 -29.32
N LYS E 4 -22.18 -33.52 -30.08
CA LYS E 4 -21.64 -32.24 -29.65
C LYS E 4 -22.63 -31.09 -29.80
N THR E 5 -23.60 -31.24 -30.69
CA THR E 5 -24.61 -30.20 -30.88
C THR E 5 -25.53 -30.22 -29.66
N ILE E 6 -25.86 -31.42 -29.20
CA ILE E 6 -26.71 -31.60 -28.04
C ILE E 6 -26.00 -31.07 -26.79
N GLU E 7 -24.69 -31.28 -26.72
CA GLU E 7 -23.92 -30.80 -25.60
C GLU E 7 -23.94 -29.28 -25.62
N THR E 8 -23.86 -28.70 -26.81
CA THR E 8 -23.88 -27.25 -26.97
C THR E 8 -25.24 -26.72 -26.50
N HIS E 9 -26.31 -27.39 -26.93
CA HIS E 9 -27.66 -27.00 -26.55
C HIS E 9 -27.80 -27.04 -25.03
N THR E 10 -27.28 -28.10 -24.41
CA THR E 10 -27.35 -28.22 -22.96
C THR E 10 -26.74 -26.99 -22.30
N ASP E 11 -25.57 -26.59 -22.78
CA ASP E 11 -24.90 -25.41 -22.23
C ASP E 11 -25.69 -24.13 -22.51
N ASN E 12 -26.17 -23.96 -23.73
CA ASN E 12 -26.92 -22.75 -24.07
C ASN E 12 -28.26 -22.64 -23.34
N ILE E 13 -28.92 -23.77 -23.12
CA ILE E 13 -30.19 -23.79 -22.41
C ILE E 13 -29.91 -23.37 -20.97
N GLU E 14 -28.81 -23.85 -20.43
CA GLU E 14 -28.42 -23.51 -19.08
C GLU E 14 -28.16 -21.99 -18.98
N THR E 15 -27.42 -21.45 -19.95
CA THR E 15 -27.13 -20.02 -19.94
C THR E 15 -28.39 -19.17 -20.08
N ASN E 16 -29.44 -19.72 -20.68
CA ASN E 16 -30.70 -19.01 -20.85
C ASN E 16 -31.61 -19.08 -19.62
N MET E 17 -31.17 -19.73 -18.56
CA MET E 17 -32.00 -19.84 -17.35
C MET E 17 -32.06 -18.47 -16.64
N ASP E 18 -33.26 -17.88 -16.63
CA ASP E 18 -33.58 -16.55 -16.05
C ASP E 18 -34.66 -16.74 -14.99
N GLU E 19 -34.68 -15.89 -13.97
CA GLU E 19 -35.73 -16.01 -12.96
C GLU E 19 -35.87 -14.78 -12.06
N ASN E 20 -37.10 -14.30 -11.91
CA ASN E 20 -37.39 -13.17 -11.03
C ASN E 20 -38.03 -13.80 -9.80
N LEU E 21 -37.23 -14.00 -8.75
CA LEU E 21 -37.70 -14.60 -7.51
C LEU E 21 -38.52 -13.63 -6.68
N ARG E 22 -39.74 -14.03 -6.32
CA ARG E 22 -40.58 -13.16 -5.51
C ARG E 22 -40.49 -13.54 -4.04
N ILE E 23 -39.98 -12.62 -3.23
CA ILE E 23 -39.85 -12.85 -1.80
C ILE E 23 -40.69 -11.85 -1.02
N PRO E 24 -41.77 -12.32 -0.39
CA PRO E 24 -42.59 -11.38 0.38
C PRO E 24 -41.76 -10.88 1.57
N VAL E 25 -41.81 -9.58 1.82
CA VAL E 25 -41.03 -9.02 2.91
C VAL E 25 -41.83 -8.00 3.72
N THR E 26 -41.39 -7.78 4.96
CA THR E 26 -42.02 -6.81 5.84
C THR E 26 -40.99 -5.78 6.28
N ALA E 27 -41.25 -4.52 5.98
CA ALA E 27 -40.35 -3.44 6.39
C ALA E 27 -40.68 -3.25 7.86
N GLU E 28 -39.85 -3.80 8.74
CA GLU E 28 -40.13 -3.68 10.16
C GLU E 28 -39.83 -2.29 10.68
N VAL E 29 -40.89 -1.59 11.01
CA VAL E 29 -40.82 -0.23 11.52
C VAL E 29 -39.81 -0.09 12.66
N GLY E 30 -38.91 0.87 12.52
CA GLY E 30 -37.91 1.11 13.54
C GLY E 30 -36.69 0.19 13.52
N SER E 31 -36.57 -0.65 12.48
CA SER E 31 -35.43 -1.56 12.41
C SER E 31 -34.50 -1.28 11.24
N GLY E 32 -35.01 -0.63 10.20
CA GLY E 32 -34.18 -0.35 9.04
C GLY E 32 -33.97 -1.61 8.21
N TYR E 33 -34.76 -2.65 8.47
CA TYR E 33 -34.64 -3.89 7.72
C TYR E 33 -35.93 -4.45 7.14
N PHE E 34 -35.78 -5.11 5.99
CA PHE E 34 -36.88 -5.80 5.34
C PHE E 34 -36.74 -7.20 5.89
N LYS E 35 -37.77 -7.71 6.56
CA LYS E 35 -37.72 -9.05 7.13
C LYS E 35 -38.37 -10.07 6.20
N MET E 36 -37.78 -11.24 6.09
CA MET E 36 -38.37 -12.29 5.26
C MET E 36 -38.61 -13.53 6.13
N THR E 37 -39.67 -14.25 5.81
CA THR E 37 -40.06 -15.44 6.56
C THR E 37 -39.53 -16.72 5.96
N ASP E 38 -39.10 -17.64 6.82
CA ASP E 38 -38.60 -18.94 6.36
C ASP E 38 -39.65 -19.59 5.48
N VAL E 39 -39.23 -20.02 4.28
CA VAL E 39 -40.13 -20.65 3.33
C VAL E 39 -39.34 -21.59 2.44
N SER E 40 -40.06 -22.51 1.80
CA SER E 40 -39.45 -23.49 0.91
C SER E 40 -40.32 -23.57 -0.33
N PHE E 41 -39.73 -23.38 -1.50
CA PHE E 41 -40.50 -23.46 -2.73
C PHE E 41 -39.69 -23.98 -3.90
N ASP E 42 -40.39 -24.36 -4.97
CA ASP E 42 -39.76 -24.90 -6.16
C ASP E 42 -39.97 -24.02 -7.38
N SER E 43 -38.87 -23.71 -8.05
CA SER E 43 -38.88 -22.89 -9.25
C SER E 43 -38.61 -23.82 -10.44
N ASP E 44 -39.41 -23.70 -11.50
CA ASP E 44 -39.20 -24.55 -12.67
C ASP E 44 -37.81 -24.31 -13.24
N THR E 45 -37.29 -23.10 -13.01
CA THR E 45 -35.96 -22.77 -13.51
C THR E 45 -34.82 -23.03 -12.51
N LEU E 46 -34.96 -22.50 -11.30
CA LEU E 46 -33.91 -22.64 -10.29
C LEU E 46 -33.95 -23.86 -9.38
N GLY E 47 -35.07 -24.56 -9.34
CA GLY E 47 -35.15 -25.74 -8.49
C GLY E 47 -35.67 -25.44 -7.09
N LYS E 48 -35.18 -26.18 -6.10
CA LYS E 48 -35.60 -26.01 -4.72
C LYS E 48 -34.90 -24.83 -4.05
N ILE E 49 -35.70 -23.90 -3.56
CA ILE E 49 -35.17 -22.71 -2.89
C ILE E 49 -35.71 -22.62 -1.46
N LYS E 50 -34.83 -22.35 -0.52
CA LYS E 50 -35.23 -22.25 0.87
C LYS E 50 -34.69 -21.00 1.55
N ILE E 51 -35.58 -20.24 2.17
CA ILE E 51 -35.19 -19.06 2.90
C ILE E 51 -35.04 -19.53 4.34
N ARG E 52 -33.86 -19.31 4.91
CA ARG E 52 -33.58 -19.74 6.27
C ARG E 52 -32.89 -18.67 7.11
N ASN E 53 -33.65 -18.08 8.02
CA ASN E 53 -33.14 -17.03 8.90
C ASN E 53 -32.13 -17.55 9.92
N GLY E 54 -31.20 -16.68 10.29
CA GLY E 54 -30.20 -16.99 11.30
C GLY E 54 -29.18 -18.10 11.06
N LYS E 55 -28.95 -18.46 9.80
CA LYS E 55 -28.00 -19.51 9.50
C LYS E 55 -26.59 -19.01 9.18
N SER E 56 -25.59 -19.69 9.74
CA SER E 56 -24.21 -19.34 9.46
C SER E 56 -23.94 -20.01 8.12
N ASP E 57 -22.86 -19.63 7.44
CA ASP E 57 -22.56 -20.23 6.14
C ASP E 57 -22.56 -21.76 6.20
N ALA E 58 -21.91 -22.31 7.23
CA ALA E 58 -21.84 -23.75 7.39
C ALA E 58 -23.23 -24.38 7.51
N GLN E 59 -24.10 -23.76 8.30
CA GLN E 59 -25.45 -24.27 8.48
C GLN E 59 -26.24 -24.23 7.17
N MET E 60 -26.02 -23.21 6.36
CA MET E 60 -26.73 -23.10 5.09
C MET E 60 -26.46 -24.35 4.24
N LYS E 61 -25.21 -24.78 4.22
CA LYS E 61 -24.82 -25.94 3.43
C LYS E 61 -25.39 -27.28 3.90
N GLU E 62 -26.04 -27.29 5.05
CA GLU E 62 -26.63 -28.52 5.57
C GLU E 62 -28.05 -28.69 5.03
N GLU E 63 -28.58 -27.62 4.47
CA GLU E 63 -29.93 -27.61 3.94
C GLU E 63 -30.02 -28.40 2.64
N ASP E 64 -31.16 -29.05 2.43
CA ASP E 64 -31.35 -29.83 1.20
C ASP E 64 -32.08 -28.95 0.20
N ALA E 65 -31.33 -28.25 -0.63
CA ALA E 65 -31.91 -27.37 -1.62
C ALA E 65 -30.87 -26.97 -2.67
N ASP E 66 -31.34 -26.38 -3.77
CA ASP E 66 -30.45 -25.95 -4.83
C ASP E 66 -29.88 -24.59 -4.45
N LEU E 67 -30.70 -23.78 -3.79
CA LEU E 67 -30.29 -22.45 -3.34
C LEU E 67 -30.84 -22.17 -1.95
N VAL E 68 -30.00 -21.62 -1.08
CA VAL E 68 -30.43 -21.27 0.26
C VAL E 68 -30.22 -19.76 0.41
N ILE E 69 -31.25 -19.09 0.88
CA ILE E 69 -31.22 -17.64 1.06
C ILE E 69 -31.33 -17.29 2.54
N THR E 70 -30.38 -16.52 3.02
CA THR E 70 -30.36 -16.12 4.42
C THR E 70 -30.15 -14.62 4.57
N PRO E 71 -31.13 -13.90 5.13
CA PRO E 71 -30.98 -12.45 5.29
C PRO E 71 -29.84 -12.12 6.25
N VAL E 72 -29.17 -11.01 6.02
CA VAL E 72 -28.06 -10.60 6.87
C VAL E 72 -28.27 -9.21 7.45
N GLU E 73 -28.29 -9.12 8.78
CA GLU E 73 -28.47 -7.86 9.49
C GLU E 73 -27.08 -7.31 9.79
N GLY E 74 -26.38 -6.91 8.74
CA GLY E 74 -25.02 -6.40 8.92
C GLY E 74 -24.87 -4.92 8.61
N ARG E 75 -26.00 -4.22 8.54
CA ARG E 75 -25.99 -2.78 8.26
C ARG E 75 -25.07 -2.44 7.10
N ALA E 76 -25.26 -3.10 5.96
CA ALA E 76 -24.45 -2.84 4.77
C ALA E 76 -24.95 -1.54 4.12
N LEU E 77 -26.04 -1.02 4.67
CA LEU E 77 -26.64 0.21 4.19
C LEU E 77 -26.76 1.15 5.39
N GLU E 78 -26.28 2.38 5.23
CA GLU E 78 -26.32 3.38 6.29
C GLU E 78 -27.75 3.89 6.42
N VAL E 79 -28.28 3.89 7.63
CA VAL E 79 -29.66 4.34 7.84
C VAL E 79 -29.93 4.90 9.24
N THR E 80 -30.85 5.86 9.31
CA THR E 80 -31.26 6.44 10.59
C THR E 80 -32.59 5.75 10.85
N VAL E 81 -32.50 4.64 11.58
CA VAL E 81 -33.64 3.79 11.91
C VAL E 81 -34.98 4.45 12.26
N GLY E 82 -34.94 5.52 13.03
CA GLY E 82 -36.17 6.19 13.42
C GLY E 82 -36.91 6.92 12.32
N GLN E 83 -36.25 7.16 11.19
CA GLN E 83 -36.91 7.88 10.10
C GLN E 83 -37.84 6.98 9.27
N ASN E 84 -37.55 5.69 9.26
CA ASN E 84 -38.34 4.72 8.50
C ASN E 84 -38.51 5.09 7.03
N LEU E 85 -37.44 5.57 6.41
CA LEU E 85 -37.43 5.95 5.01
C LEU E 85 -36.64 4.95 4.18
N THR E 86 -35.57 4.42 4.76
CA THR E 86 -34.72 3.46 4.04
C THR E 86 -34.65 2.11 4.76
N PHE E 87 -34.90 1.03 4.02
CA PHE E 87 -34.86 -0.31 4.58
C PHE E 87 -33.90 -1.20 3.80
N GLU E 88 -33.15 -2.02 4.52
CA GLU E 88 -32.17 -2.93 3.92
C GLU E 88 -32.70 -4.35 3.79
N GLY E 89 -32.48 -4.96 2.63
CA GLY E 89 -32.96 -6.31 2.39
C GLY E 89 -31.81 -7.27 2.11
N THR E 90 -30.59 -6.84 2.41
CA THR E 90 -29.40 -7.65 2.18
C THR E 90 -29.54 -9.10 2.64
N PHE E 91 -29.12 -10.02 1.77
CA PHE E 91 -29.16 -11.44 2.09
C PHE E 91 -28.01 -12.15 1.40
N LYS E 92 -27.65 -13.32 1.91
CA LYS E 92 -26.59 -14.09 1.30
C LYS E 92 -27.21 -15.37 0.75
N VAL E 93 -26.57 -15.95 -0.25
CA VAL E 93 -27.10 -17.18 -0.81
C VAL E 93 -26.03 -18.22 -1.07
N TRP E 94 -26.36 -19.46 -0.75
CA TRP E 94 -25.46 -20.58 -0.96
C TRP E 94 -25.86 -21.20 -2.29
N ASN E 95 -24.90 -21.26 -3.21
CA ASN E 95 -25.13 -21.81 -4.54
C ASN E 95 -24.79 -23.30 -4.56
N ASN E 96 -25.79 -24.13 -4.30
CA ASN E 96 -25.62 -25.59 -4.29
C ASN E 96 -25.96 -26.12 -5.68
N THR E 97 -25.52 -25.38 -6.70
CA THR E 97 -25.77 -25.76 -8.09
C THR E 97 -24.46 -25.98 -8.85
N SER E 98 -24.55 -26.69 -9.97
CA SER E 98 -23.38 -27.00 -10.79
C SER E 98 -22.85 -25.85 -11.66
N ARG E 99 -23.33 -24.64 -11.44
CA ARG E 99 -22.84 -23.52 -12.23
C ARG E 99 -22.92 -22.19 -11.48
N LYS E 100 -21.97 -21.32 -11.79
CA LYS E 100 -21.89 -20.00 -11.20
C LYS E 100 -23.22 -19.30 -11.43
N ILE E 101 -23.80 -18.73 -10.37
CA ILE E 101 -25.08 -18.04 -10.50
C ILE E 101 -24.89 -16.55 -10.24
N ASN E 102 -25.76 -15.72 -10.83
CA ASN E 102 -25.65 -14.27 -10.69
C ASN E 102 -26.93 -13.62 -10.19
N ILE E 103 -26.80 -12.75 -9.19
CA ILE E 103 -27.94 -12.02 -8.64
C ILE E 103 -27.68 -10.59 -9.10
N THR E 104 -28.46 -10.14 -10.07
CA THR E 104 -28.22 -8.83 -10.67
C THR E 104 -29.31 -7.78 -10.68
N GLY E 105 -30.33 -7.93 -9.86
CA GLY E 105 -31.38 -6.93 -9.84
C GLY E 105 -32.36 -7.11 -8.73
N MET E 106 -33.04 -6.03 -8.38
CA MET E 106 -34.04 -6.07 -7.31
C MET E 106 -35.01 -4.91 -7.46
N GLN E 107 -36.28 -5.20 -7.19
CA GLN E 107 -37.34 -4.20 -7.27
C GLN E 107 -38.25 -4.47 -6.08
N MET E 108 -38.67 -3.40 -5.40
CA MET E 108 -39.54 -3.53 -4.24
C MET E 108 -40.94 -3.06 -4.57
N VAL E 109 -41.87 -4.01 -4.64
CA VAL E 109 -43.25 -3.71 -5.00
C VAL E 109 -44.20 -3.64 -3.81
N PRO E 110 -44.86 -2.49 -3.61
CA PRO E 110 -45.80 -2.29 -2.50
C PRO E 110 -46.97 -3.28 -2.64
N LYS E 111 -47.31 -3.99 -1.57
CA LYS E 111 -48.41 -4.95 -1.62
C LYS E 111 -49.77 -4.28 -1.57
N ILE E 112 -50.66 -4.69 -2.47
CA ILE E 112 -52.01 -4.12 -2.49
C ILE E 112 -52.75 -4.71 -1.29
N ASN E 113 -53.30 -3.87 -0.43
CA ASN E 113 -54.00 -4.38 0.75
C ASN E 113 -55.45 -4.79 0.46
N PRO E 114 -56.14 -5.37 1.46
CA PRO E 114 -57.53 -5.80 1.28
C PRO E 114 -58.46 -4.66 0.85
N SER E 115 -58.10 -3.43 1.18
CA SER E 115 -58.92 -2.27 0.83
C SER E 115 -58.58 -1.79 -0.58
N LYS E 116 -57.76 -2.57 -1.28
CA LYS E 116 -57.36 -2.26 -2.65
C LYS E 116 -56.50 -1.00 -2.80
N ALA E 117 -55.68 -0.72 -1.79
CA ALA E 117 -54.79 0.44 -1.81
C ALA E 117 -53.36 -0.05 -1.68
N PHE E 118 -52.40 0.79 -2.04
CA PHE E 118 -50.99 0.44 -1.92
C PHE E 118 -50.17 1.71 -1.75
N VAL E 119 -49.04 1.61 -1.06
CA VAL E 119 -48.16 2.75 -0.83
C VAL E 119 -47.59 3.22 -2.16
N GLY E 120 -47.99 4.42 -2.58
CA GLY E 120 -47.53 4.94 -3.85
C GLY E 120 -46.54 6.09 -3.84
N SER E 121 -45.80 6.27 -2.75
CA SER E 121 -44.81 7.35 -2.69
C SER E 121 -43.61 6.94 -3.53
N SER E 122 -42.63 7.82 -3.69
CA SER E 122 -41.45 7.48 -4.48
C SER E 122 -40.87 6.21 -3.87
N ASN E 123 -40.29 5.38 -4.74
CA ASN E 123 -39.75 4.08 -4.36
C ASN E 123 -38.50 3.88 -5.20
N THR E 124 -37.33 3.96 -4.56
CA THR E 124 -36.07 3.83 -5.27
C THR E 124 -35.17 2.81 -4.60
N SER E 125 -34.87 1.72 -5.30
CA SER E 125 -34.02 0.68 -4.76
C SER E 125 -32.61 0.73 -5.32
N SER E 126 -31.68 0.16 -4.58
CA SER E 126 -30.29 0.07 -5.00
C SER E 126 -29.79 -1.29 -4.55
N PHE E 127 -28.74 -1.77 -5.19
CA PHE E 127 -28.19 -3.08 -4.88
C PHE E 127 -26.82 -3.23 -5.51
N THR E 128 -26.09 -4.24 -5.07
CA THR E 128 -24.75 -4.51 -5.60
C THR E 128 -24.76 -5.93 -6.14
N PRO E 129 -24.75 -6.09 -7.47
CA PRO E 129 -24.76 -7.41 -8.09
C PRO E 129 -23.67 -8.30 -7.55
N VAL E 130 -23.92 -9.60 -7.53
CA VAL E 130 -22.93 -10.54 -7.04
C VAL E 130 -23.02 -11.84 -7.80
N SER E 131 -21.88 -12.43 -8.09
CA SER E 131 -21.82 -13.70 -8.80
C SER E 131 -21.30 -14.71 -7.76
N ILE E 132 -21.95 -15.87 -7.69
CA ILE E 132 -21.57 -16.87 -6.72
C ILE E 132 -21.19 -18.19 -7.37
N ASP E 133 -19.95 -18.62 -7.16
CA ASP E 133 -19.48 -19.86 -7.74
C ASP E 133 -20.10 -21.08 -7.06
N GLU E 134 -19.91 -22.24 -7.67
CA GLU E 134 -20.44 -23.49 -7.15
C GLU E 134 -20.04 -23.73 -5.70
N ASP E 135 -21.03 -24.05 -4.87
CA ASP E 135 -20.85 -24.30 -3.44
C ASP E 135 -20.44 -23.09 -2.60
N GLU E 136 -20.25 -21.93 -3.21
CA GLU E 136 -19.87 -20.73 -2.46
C GLU E 136 -21.08 -20.00 -1.87
N VAL E 137 -20.81 -19.07 -0.97
CA VAL E 137 -21.85 -18.26 -0.36
C VAL E 137 -21.50 -16.81 -0.68
N GLY E 138 -22.44 -16.09 -1.28
CA GLY E 138 -22.21 -14.71 -1.63
C GLY E 138 -23.29 -13.81 -1.05
N THR E 139 -22.97 -12.54 -0.84
CA THR E 139 -23.94 -11.61 -0.29
C THR E 139 -24.43 -10.61 -1.32
N PHE E 140 -25.74 -10.41 -1.34
CA PHE E 140 -26.36 -9.47 -2.25
C PHE E 140 -26.88 -8.30 -1.42
N VAL E 141 -26.11 -7.22 -1.37
CA VAL E 141 -26.51 -6.04 -0.62
C VAL E 141 -27.60 -5.33 -1.44
N CYS E 142 -28.70 -4.97 -0.77
CA CYS E 142 -29.80 -4.29 -1.46
C CYS E 142 -30.68 -3.56 -0.45
N GLY E 143 -31.41 -2.56 -0.94
CA GLY E 143 -32.29 -1.81 -0.07
C GLY E 143 -33.15 -0.85 -0.87
N THR E 144 -34.07 -0.18 -0.17
CA THR E 144 -34.99 0.74 -0.82
C THR E 144 -35.23 1.99 0.03
N THR E 145 -35.34 3.13 -0.63
CA THR E 145 -35.63 4.38 0.06
C THR E 145 -36.98 4.89 -0.44
N PHE E 146 -37.87 5.21 0.49
CA PHE E 146 -39.20 5.68 0.14
C PHE E 146 -39.35 7.19 0.36
N GLY E 147 -40.27 7.79 -0.40
CA GLY E 147 -40.49 9.23 -0.32
C GLY E 147 -41.23 9.70 0.92
N ALA E 148 -41.81 8.76 1.65
CA ALA E 148 -42.54 9.06 2.87
C ALA E 148 -42.26 7.93 3.87
N PRO E 149 -42.34 8.24 5.18
CA PRO E 149 -42.08 7.21 6.19
C PRO E 149 -43.00 6.00 6.06
N ILE E 150 -42.42 4.83 6.26
CA ILE E 150 -43.18 3.59 6.19
C ILE E 150 -43.85 3.34 7.55
N ALA E 151 -45.09 2.89 7.51
CA ALA E 151 -45.86 2.59 8.72
C ALA E 151 -46.60 1.28 8.48
N ALA E 152 -46.88 0.55 9.54
CA ALA E 152 -47.58 -0.74 9.42
C ALA E 152 -49.07 -0.56 9.12
N THR E 153 -49.57 0.64 9.37
CA THR E 153 -50.98 0.94 9.13
C THR E 153 -51.43 0.55 7.72
N ALA E 154 -52.60 -0.08 7.64
CA ALA E 154 -53.17 -0.51 6.36
C ALA E 154 -52.22 -1.38 5.53
N GLY E 155 -51.41 -2.21 6.20
CA GLY E 155 -50.46 -3.07 5.50
C GLY E 155 -49.43 -2.26 4.72
N GLY E 156 -49.20 -1.03 5.17
CA GLY E 156 -48.25 -0.14 4.51
C GLY E 156 -46.78 -0.53 4.59
N ASN E 157 -46.46 -1.59 5.33
CA ASN E 157 -45.07 -2.03 5.44
C ASN E 157 -44.87 -3.40 4.77
N LEU E 158 -45.85 -3.82 3.98
CA LEU E 158 -45.78 -5.11 3.28
C LEU E 158 -45.37 -4.91 1.83
N PHE E 159 -44.43 -5.72 1.37
CA PHE E 159 -43.94 -5.63 0.00
C PHE E 159 -43.56 -7.00 -0.54
N ASP E 160 -43.37 -7.05 -1.85
CA ASP E 160 -42.92 -8.26 -2.52
C ASP E 160 -41.60 -7.85 -3.16
N MET E 161 -40.51 -8.44 -2.70
CA MET E 161 -39.19 -8.14 -3.25
C MET E 161 -38.90 -9.11 -4.39
N TYR E 162 -38.66 -8.56 -5.57
CA TYR E 162 -38.36 -9.39 -6.73
C TYR E 162 -36.86 -9.32 -6.97
N VAL E 163 -36.19 -10.47 -6.96
CA VAL E 163 -34.76 -10.51 -7.19
C VAL E 163 -34.46 -11.24 -8.50
N HIS E 164 -33.71 -10.59 -9.38
CA HIS E 164 -33.38 -11.20 -10.68
C HIS E 164 -32.16 -12.11 -10.55
N VAL E 165 -32.36 -13.38 -10.89
CA VAL E 165 -31.29 -14.38 -10.82
C VAL E 165 -31.03 -14.94 -12.21
N THR E 166 -29.76 -15.05 -12.58
CA THR E 166 -29.44 -15.56 -13.91
C THR E 166 -28.16 -16.37 -13.95
N TYR E 167 -28.15 -17.39 -14.80
CA TYR E 167 -26.97 -18.22 -14.97
C TYR E 167 -26.09 -17.70 -16.12
N SER E 168 -26.54 -16.63 -16.79
CA SER E 168 -25.77 -16.07 -17.88
C SER E 168 -24.39 -15.66 -17.32
N GLY E 169 -24.24 -14.42 -16.90
CA GLY E 169 -22.95 -14.02 -16.37
C GLY E 169 -22.09 -13.26 -17.36
N THR E 170 -21.40 -12.24 -16.86
CA THR E 170 -20.55 -11.40 -17.69
C THR E 170 -19.19 -11.22 -17.04
N THR F 1 -29.71 -41.83 -23.74
CA THR F 1 -30.65 -41.79 -24.90
C THR F 1 -30.83 -40.38 -25.43
N VAL F 2 -30.51 -40.19 -26.71
CA VAL F 2 -30.64 -38.90 -27.35
C VAL F 2 -32.11 -38.48 -27.36
N THR F 3 -32.99 -39.45 -27.55
CA THR F 3 -34.43 -39.19 -27.59
C THR F 3 -34.91 -38.48 -26.33
N LYS F 4 -34.52 -38.99 -25.18
CA LYS F 4 -34.94 -38.39 -23.92
C LYS F 4 -34.21 -37.10 -23.58
N THR F 5 -33.00 -36.91 -24.13
CA THR F 5 -32.25 -35.69 -23.90
C THR F 5 -32.93 -34.58 -24.67
N ILE F 6 -33.38 -34.90 -25.87
CA ILE F 6 -34.06 -33.93 -26.73
C ILE F 6 -35.38 -33.54 -26.08
N GLU F 7 -36.04 -34.52 -25.48
CA GLU F 7 -37.31 -34.26 -24.82
C GLU F 7 -37.08 -33.33 -23.63
N THR F 8 -35.96 -33.54 -22.95
CA THR F 8 -35.60 -32.71 -21.81
C THR F 8 -35.33 -31.28 -22.30
N HIS F 9 -34.57 -31.16 -23.39
CA HIS F 9 -34.25 -29.86 -23.97
C HIS F 9 -35.56 -29.13 -24.33
N THR F 10 -36.49 -29.86 -24.94
CA THR F 10 -37.77 -29.26 -25.32
C THR F 10 -38.44 -28.62 -24.12
N ASP F 11 -38.48 -29.35 -23.01
CA ASP F 11 -39.08 -28.83 -21.79
C ASP F 11 -38.32 -27.64 -21.23
N ASN F 12 -36.99 -27.74 -21.17
CA ASN F 12 -36.15 -26.66 -20.64
C ASN F 12 -36.22 -25.40 -21.49
N ILE F 13 -36.26 -25.56 -22.81
CA ILE F 13 -36.33 -24.42 -23.71
C ILE F 13 -37.65 -23.71 -23.44
N GLU F 14 -38.69 -24.50 -23.24
CA GLU F 14 -40.00 -23.96 -22.96
C GLU F 14 -39.97 -23.17 -21.65
N THR F 15 -39.36 -23.75 -20.62
CA THR F 15 -39.28 -23.06 -19.34
C THR F 15 -38.49 -21.76 -19.45
N ASN F 16 -37.58 -21.69 -20.42
CA ASN F 16 -36.76 -20.49 -20.61
C ASN F 16 -37.45 -19.38 -21.41
N MET F 17 -38.69 -19.60 -21.83
CA MET F 17 -39.41 -18.59 -22.60
C MET F 17 -39.79 -17.42 -21.68
N ASP F 18 -39.19 -16.25 -21.97
CA ASP F 18 -39.34 -14.99 -21.23
C ASP F 18 -39.83 -13.92 -22.18
N GLU F 19 -40.61 -12.96 -21.70
CA GLU F 19 -41.06 -11.89 -22.59
C GLU F 19 -41.60 -10.66 -21.85
N ASN F 20 -41.13 -9.48 -22.26
CA ASN F 20 -41.61 -8.22 -21.70
C ASN F 20 -42.52 -7.63 -22.77
N LEU F 21 -43.81 -7.83 -22.61
CA LEU F 21 -44.80 -7.35 -23.56
C LEU F 21 -45.03 -5.84 -23.45
N ARG F 22 -44.89 -5.13 -24.56
CA ARG F 22 -45.10 -3.69 -24.55
C ARG F 22 -46.51 -3.33 -25.03
N ILE F 23 -47.29 -2.77 -24.12
CA ILE F 23 -48.66 -2.39 -24.45
C ILE F 23 -48.83 -0.88 -24.30
N PRO F 24 -49.00 -0.17 -25.42
CA PRO F 24 -49.18 1.28 -25.32
C PRO F 24 -50.51 1.56 -24.62
N VAL F 25 -50.50 2.48 -23.67
CA VAL F 25 -51.72 2.78 -22.93
C VAL F 25 -51.92 4.29 -22.76
N THR F 26 -53.17 4.66 -22.48
CA THR F 26 -53.54 6.05 -22.26
C THR F 26 -54.19 6.17 -20.90
N ALA F 27 -53.62 7.00 -20.04
CA ALA F 27 -54.21 7.24 -18.74
C ALA F 27 -55.36 8.20 -19.06
N GLU F 28 -56.58 7.69 -19.12
CA GLU F 28 -57.71 8.57 -19.43
C GLU F 28 -58.10 9.43 -18.25
N VAL F 29 -57.79 10.71 -18.37
CA VAL F 29 -58.08 11.71 -17.35
C VAL F 29 -59.51 11.62 -16.86
N GLY F 30 -59.67 11.54 -15.54
CA GLY F 30 -61.00 11.45 -14.94
C GLY F 30 -61.61 10.06 -14.91
N SER F 31 -60.87 9.03 -15.33
CA SER F 31 -61.41 7.68 -15.32
C SER F 31 -60.75 6.71 -14.36
N GLY F 32 -59.51 7.00 -13.96
CA GLY F 32 -58.81 6.11 -13.06
C GLY F 32 -58.36 4.85 -13.77
N TYR F 33 -58.39 4.88 -15.10
CA TYR F 33 -57.97 3.71 -15.87
C TYR F 33 -56.99 3.98 -17.00
N PHE F 34 -56.13 3.00 -17.23
CA PHE F 34 -55.16 3.03 -18.31
C PHE F 34 -55.92 2.32 -19.43
N LYS F 35 -56.14 3.00 -20.54
CA LYS F 35 -56.87 2.39 -21.65
C LYS F 35 -55.93 1.80 -22.69
N MET F 36 -56.28 0.62 -23.20
CA MET F 36 -55.46 0.01 -24.24
C MET F 36 -56.32 -0.22 -25.47
N THR F 37 -55.71 -0.05 -26.64
CA THR F 37 -56.40 -0.20 -27.91
C THR F 37 -56.28 -1.60 -28.48
N ASP F 38 -57.37 -2.08 -29.09
CA ASP F 38 -57.38 -3.40 -29.71
C ASP F 38 -56.23 -3.48 -30.69
N VAL F 39 -55.43 -4.54 -30.61
CA VAL F 39 -54.29 -4.72 -31.50
C VAL F 39 -53.98 -6.21 -31.62
N SER F 40 -53.26 -6.57 -32.67
CA SER F 40 -52.88 -7.95 -32.89
C SER F 40 -51.42 -7.97 -33.29
N PHE F 41 -50.61 -8.73 -32.57
CA PHE F 41 -49.20 -8.82 -32.91
C PHE F 41 -48.60 -10.20 -32.65
N ASP F 42 -47.40 -10.42 -33.19
CA ASP F 42 -46.70 -11.68 -33.05
C ASP F 42 -45.39 -11.53 -32.29
N SER F 43 -45.22 -12.40 -31.29
CA SER F 43 -44.02 -12.41 -30.47
C SER F 43 -43.23 -13.67 -30.83
N ASP F 44 -41.93 -13.52 -31.05
CA ASP F 44 -41.11 -14.68 -31.39
C ASP F 44 -41.19 -15.71 -30.27
N THR F 45 -41.43 -15.24 -29.06
CA THR F 45 -41.52 -16.13 -27.91
C THR F 45 -42.94 -16.61 -27.60
N LEU F 46 -43.86 -15.66 -27.45
CA LEU F 46 -45.24 -15.99 -27.08
C LEU F 46 -46.22 -16.31 -28.21
N GLY F 47 -45.86 -15.98 -29.45
CA GLY F 47 -46.76 -16.27 -30.55
C GLY F 47 -47.74 -15.15 -30.86
N LYS F 48 -48.95 -15.50 -31.29
CA LYS F 48 -49.97 -14.52 -31.63
C LYS F 48 -50.68 -13.98 -30.40
N ILE F 49 -50.64 -12.66 -30.22
CA ILE F 49 -51.27 -12.01 -29.10
C ILE F 49 -52.27 -10.97 -29.59
N LYS F 50 -53.46 -10.98 -29.00
CA LYS F 50 -54.49 -10.04 -29.38
C LYS F 50 -55.14 -9.35 -28.19
N ILE F 51 -55.18 -8.03 -28.23
CA ILE F 51 -55.80 -7.25 -27.18
C ILE F 51 -57.23 -7.01 -27.68
N ARG F 52 -58.21 -7.43 -26.88
CA ARG F 52 -59.61 -7.28 -27.27
C ARG F 52 -60.46 -6.72 -26.14
N ASN F 53 -60.87 -5.46 -26.30
CA ASN F 53 -61.71 -4.78 -25.31
C ASN F 53 -63.14 -5.31 -25.27
N GLY F 54 -63.73 -5.25 -24.09
CA GLY F 54 -65.12 -5.65 -23.89
C GLY F 54 -65.52 -7.09 -24.09
N LYS F 55 -64.55 -8.01 -24.02
CA LYS F 55 -64.87 -9.42 -24.22
C LYS F 55 -65.13 -10.18 -22.93
N SER F 56 -66.15 -11.03 -22.95
CA SER F 56 -66.46 -11.85 -21.78
C SER F 56 -65.48 -13.02 -21.92
N ASP F 57 -65.31 -13.80 -20.85
CA ASP F 57 -64.39 -14.93 -20.92
C ASP F 57 -64.67 -15.84 -22.12
N ALA F 58 -65.95 -16.15 -22.33
CA ALA F 58 -66.36 -17.01 -23.45
C ALA F 58 -65.96 -16.41 -24.79
N GLN F 59 -66.18 -15.11 -24.95
CA GLN F 59 -65.83 -14.44 -26.20
C GLN F 59 -64.33 -14.45 -26.46
N MET F 60 -63.55 -14.34 -25.39
CA MET F 60 -62.09 -14.35 -25.52
C MET F 60 -61.65 -15.64 -26.21
N LYS F 61 -62.25 -16.75 -25.79
CA LYS F 61 -61.89 -18.06 -26.32
C LYS F 61 -62.26 -18.30 -27.78
N GLU F 62 -63.01 -17.38 -28.38
CA GLU F 62 -63.40 -17.50 -29.78
C GLU F 62 -62.32 -16.90 -30.69
N GLU F 63 -61.43 -16.13 -30.09
CA GLU F 63 -60.37 -15.46 -30.83
C GLU F 63 -59.30 -16.44 -31.30
N ASP F 64 -58.73 -16.18 -32.47
CA ASP F 64 -57.68 -17.04 -32.99
C ASP F 64 -56.32 -16.46 -32.57
N ALA F 65 -55.83 -16.90 -31.43
CA ALA F 65 -54.56 -16.41 -30.93
C ALA F 65 -54.02 -17.32 -29.83
N ASP F 66 -52.75 -17.14 -29.50
CA ASP F 66 -52.12 -17.94 -28.45
C ASP F 66 -52.49 -17.32 -27.11
N LEU F 67 -52.58 -16.00 -27.08
CA LEU F 67 -52.95 -15.27 -25.86
C LEU F 67 -53.90 -14.12 -26.18
N VAL F 68 -54.96 -13.98 -25.39
CA VAL F 68 -55.90 -12.90 -25.59
C VAL F 68 -55.87 -12.06 -24.32
N ILE F 69 -55.73 -10.75 -24.49
CA ILE F 69 -55.68 -9.81 -23.38
C ILE F 69 -56.89 -8.90 -23.40
N THR F 70 -57.62 -8.85 -22.29
CA THR F 70 -58.81 -8.00 -22.21
C THR F 70 -58.79 -7.17 -20.94
N PRO F 71 -58.73 -5.84 -21.08
CA PRO F 71 -58.72 -5.00 -19.88
C PRO F 71 -60.03 -5.13 -19.12
N VAL F 72 -59.96 -4.99 -17.80
CA VAL F 72 -61.14 -5.09 -16.95
C VAL F 72 -61.33 -3.84 -16.11
N GLU F 73 -62.50 -3.22 -16.27
CA GLU F 73 -62.85 -2.02 -15.51
C GLU F 73 -63.64 -2.50 -14.31
N GLY F 74 -62.97 -3.18 -13.38
CA GLY F 74 -63.65 -3.69 -12.19
C GLY F 74 -63.23 -3.02 -10.90
N ARG F 75 -62.51 -1.90 -11.02
CA ARG F 75 -62.06 -1.15 -9.86
C ARG F 75 -61.38 -2.07 -8.84
N ALA F 76 -60.40 -2.84 -9.30
CA ALA F 76 -59.67 -3.73 -8.40
C ALA F 76 -58.69 -2.90 -7.57
N LEU F 77 -58.59 -1.62 -7.91
CA LEU F 77 -57.73 -0.67 -7.21
C LEU F 77 -58.62 0.48 -6.76
N GLU F 78 -58.50 0.85 -5.49
CA GLU F 78 -59.27 1.96 -4.90
C GLU F 78 -58.66 3.25 -5.41
N VAL F 79 -59.49 4.15 -5.96
CA VAL F 79 -59.00 5.43 -6.46
C VAL F 79 -60.03 6.57 -6.41
N THR F 80 -59.55 7.80 -6.25
CA THR F 80 -60.41 8.98 -6.24
C THR F 80 -60.18 9.55 -7.64
N VAL F 81 -61.05 9.13 -8.56
CA VAL F 81 -61.00 9.51 -9.96
C VAL F 81 -60.63 10.94 -10.34
N GLY F 82 -61.17 11.92 -9.61
CA GLY F 82 -60.86 13.31 -9.91
C GLY F 82 -59.46 13.77 -9.59
N GLN F 83 -58.70 12.99 -8.81
CA GLN F 83 -57.34 13.41 -8.46
C GLN F 83 -56.34 13.11 -9.56
N ASN F 84 -56.64 12.12 -10.39
CA ASN F 84 -55.76 11.75 -11.50
C ASN F 84 -54.33 11.45 -11.06
N LEU F 85 -54.19 10.77 -9.92
CA LEU F 85 -52.88 10.38 -9.39
C LEU F 85 -52.63 8.89 -9.56
N THR F 86 -53.70 8.10 -9.44
CA THR F 86 -53.59 6.65 -9.56
C THR F 86 -54.45 6.10 -10.69
N PHE F 87 -53.85 5.29 -11.55
CA PHE F 87 -54.57 4.68 -12.67
C PHE F 87 -54.42 3.16 -12.67
N GLU F 88 -55.52 2.47 -12.99
CA GLU F 88 -55.55 1.03 -12.99
C GLU F 88 -55.41 0.45 -14.40
N GLY F 89 -54.54 -0.55 -14.54
CA GLY F 89 -54.33 -1.17 -15.83
C GLY F 89 -54.72 -2.64 -15.84
N THR F 90 -55.48 -3.05 -14.83
CA THR F 90 -55.92 -4.43 -14.69
C THR F 90 -56.48 -5.03 -15.97
N PHE F 91 -56.04 -6.24 -16.29
CA PHE F 91 -56.53 -6.94 -17.48
C PHE F 91 -56.51 -8.44 -17.22
N LYS F 92 -57.30 -9.17 -17.98
CA LYS F 92 -57.35 -10.61 -17.84
C LYS F 92 -56.80 -11.22 -19.12
N VAL F 93 -56.31 -12.46 -19.02
CA VAL F 93 -55.77 -13.09 -20.21
C VAL F 93 -56.15 -14.55 -20.35
N TRP F 94 -56.49 -14.94 -21.57
CA TRP F 94 -56.87 -16.31 -21.86
C TRP F 94 -55.62 -17.01 -22.37
N ASN F 95 -55.23 -18.06 -21.67
CA ASN F 95 -54.05 -18.83 -22.03
C ASN F 95 -54.40 -19.96 -22.98
N ASN F 96 -54.33 -19.69 -24.28
CA ASN F 96 -54.65 -20.68 -25.31
C ASN F 96 -53.35 -21.39 -25.70
N THR F 97 -52.52 -21.68 -24.70
CA THR F 97 -51.22 -22.33 -24.92
C THR F 97 -51.16 -23.66 -24.16
N SER F 98 -50.25 -24.53 -24.58
CA SER F 98 -50.08 -25.84 -23.98
C SER F 98 -49.37 -25.87 -22.63
N ARG F 99 -49.14 -24.71 -22.02
CA ARG F 99 -48.47 -24.69 -20.72
C ARG F 99 -48.87 -23.50 -19.85
N LYS F 100 -48.91 -23.74 -18.55
CA LYS F 100 -49.26 -22.73 -17.58
C LYS F 100 -48.38 -21.50 -17.80
N ILE F 101 -48.98 -20.33 -17.87
CA ILE F 101 -48.22 -19.13 -18.11
C ILE F 101 -48.29 -18.22 -16.89
N ASN F 102 -47.25 -17.42 -16.67
CA ASN F 102 -47.19 -16.53 -15.51
C ASN F 102 -46.97 -15.06 -15.87
N ILE F 103 -47.77 -14.18 -15.28
CA ILE F 103 -47.66 -12.73 -15.48
C ILE F 103 -47.16 -12.25 -14.13
N THR F 104 -45.89 -11.86 -14.09
CA THR F 104 -45.27 -11.51 -12.81
C THR F 104 -44.62 -10.16 -12.64
N GLY F 105 -44.90 -9.22 -13.54
CA GLY F 105 -44.30 -7.91 -13.39
C GLY F 105 -44.88 -6.87 -14.31
N MET F 106 -44.75 -5.61 -13.93
CA MET F 106 -45.27 -4.51 -14.73
C MET F 106 -44.53 -3.22 -14.41
N GLN F 107 -44.25 -2.45 -15.46
CA GLN F 107 -43.56 -1.17 -15.32
C GLN F 107 -44.26 -0.20 -16.27
N MET F 108 -44.53 1.01 -15.80
CA MET F 108 -45.19 2.04 -16.60
C MET F 108 -44.21 3.11 -17.04
N VAL F 109 -43.89 3.11 -18.33
CA VAL F 109 -42.91 4.05 -18.87
C VAL F 109 -43.55 5.23 -19.59
N PRO F 110 -43.27 6.47 -19.13
CA PRO F 110 -43.80 7.69 -19.72
C PRO F 110 -43.34 7.83 -21.17
N LYS F 111 -44.26 8.10 -22.09
CA LYS F 111 -43.87 8.22 -23.50
C LYS F 111 -43.20 9.55 -23.83
N ILE F 112 -42.07 9.50 -24.51
CA ILE F 112 -41.36 10.72 -24.90
C ILE F 112 -42.18 11.36 -26.00
N ASN F 113 -42.57 12.62 -25.82
CA ASN F 113 -43.38 13.30 -26.82
C ASN F 113 -42.57 13.89 -27.96
N PRO F 114 -43.25 14.42 -28.99
CA PRO F 114 -42.55 15.00 -30.14
C PRO F 114 -41.59 16.13 -29.75
N SER F 115 -41.86 16.77 -28.62
CA SER F 115 -41.01 17.86 -28.15
C SER F 115 -39.83 17.32 -27.34
N LYS F 116 -39.68 16.00 -27.34
CA LYS F 116 -38.60 15.34 -26.63
C LYS F 116 -38.64 15.44 -25.11
N ALA F 117 -39.85 15.51 -24.56
CA ALA F 117 -40.03 15.60 -23.12
C ALA F 117 -40.87 14.41 -22.65
N PHE F 118 -40.83 14.12 -21.35
CA PHE F 118 -41.62 13.04 -20.80
C PHE F 118 -41.95 13.33 -19.34
N VAL F 119 -43.07 12.82 -18.86
CA VAL F 119 -43.47 13.05 -17.47
C VAL F 119 -42.46 12.36 -16.55
N GLY F 120 -41.76 13.18 -15.76
CA GLY F 120 -40.74 12.64 -14.86
C GLY F 120 -40.99 12.69 -13.37
N SER F 121 -42.26 12.78 -12.96
CA SER F 121 -42.57 12.80 -11.55
C SER F 121 -42.43 11.38 -11.00
N SER F 122 -42.60 11.19 -9.70
CA SER F 122 -42.47 9.87 -9.12
C SER F 122 -43.46 8.95 -9.83
N ASN F 123 -43.03 7.72 -10.04
CA ASN F 123 -43.81 6.73 -10.77
C ASN F 123 -43.65 5.41 -10.03
N THR F 124 -44.71 4.99 -9.33
CA THR F 124 -44.67 3.75 -8.54
C THR F 124 -45.80 2.80 -8.91
N SER F 125 -45.46 1.65 -9.48
CA SER F 125 -46.47 0.68 -9.87
C SER F 125 -46.59 -0.48 -8.90
N SER F 126 -47.76 -1.10 -8.89
CA SER F 126 -47.99 -2.26 -8.05
C SER F 126 -48.81 -3.24 -8.89
N PHE F 127 -48.78 -4.51 -8.52
CA PHE F 127 -49.50 -5.53 -9.24
C PHE F 127 -49.57 -6.81 -8.42
N THR F 128 -50.40 -7.74 -8.84
CA THR F 128 -50.55 -9.01 -8.15
C THR F 128 -50.29 -10.09 -9.20
N PRO F 129 -49.14 -10.78 -9.09
CA PRO F 129 -48.80 -11.83 -10.04
C PRO F 129 -49.90 -12.87 -10.14
N VAL F 130 -50.02 -13.49 -11.30
CA VAL F 130 -51.05 -14.51 -11.51
C VAL F 130 -50.51 -15.57 -12.45
N SER F 131 -50.86 -16.81 -12.17
CA SER F 131 -50.46 -17.93 -13.01
C SER F 131 -51.74 -18.44 -13.64
N ILE F 132 -51.72 -18.68 -14.94
CA ILE F 132 -52.91 -19.12 -15.66
C ILE F 132 -52.69 -20.45 -16.37
N ASP F 133 -53.46 -21.45 -15.97
CA ASP F 133 -53.35 -22.78 -16.57
C ASP F 133 -53.90 -22.80 -17.99
N GLU F 134 -53.58 -23.87 -18.71
CA GLU F 134 -54.03 -24.06 -20.09
C GLU F 134 -55.54 -23.83 -20.23
N ASP F 135 -55.90 -23.02 -21.21
CA ASP F 135 -57.29 -22.68 -21.52
C ASP F 135 -58.00 -21.84 -20.47
N GLU F 136 -57.36 -21.55 -19.34
CA GLU F 136 -58.00 -20.75 -18.31
C GLU F 136 -57.87 -19.25 -18.58
N VAL F 137 -58.65 -18.46 -17.85
CA VAL F 137 -58.62 -17.01 -17.97
C VAL F 137 -58.26 -16.48 -16.57
N GLY F 138 -57.18 -15.72 -16.48
CA GLY F 138 -56.76 -15.18 -15.20
C GLY F 138 -56.63 -13.67 -15.24
N THR F 139 -56.82 -13.03 -14.09
CA THR F 139 -56.74 -11.58 -14.03
C THR F 139 -55.46 -11.09 -13.38
N PHE F 140 -54.83 -10.12 -14.02
CA PHE F 140 -53.59 -9.52 -13.54
C PHE F 140 -53.92 -8.10 -13.10
N VAL F 141 -54.14 -7.92 -11.79
CA VAL F 141 -54.44 -6.61 -11.23
C VAL F 141 -53.15 -5.80 -11.21
N CYS F 142 -53.20 -4.58 -11.71
CA CYS F 142 -52.03 -3.72 -11.73
C CYS F 142 -52.43 -2.27 -11.86
N GLY F 143 -51.52 -1.38 -11.45
CA GLY F 143 -51.78 0.05 -11.50
C GLY F 143 -50.56 0.86 -11.16
N THR F 144 -50.67 2.17 -11.30
CA THR F 144 -49.56 3.07 -11.03
C THR F 144 -50.02 4.35 -10.35
N THR F 145 -49.20 4.85 -9.43
CA THR F 145 -49.51 6.10 -8.73
C THR F 145 -48.38 7.08 -9.05
N PHE F 146 -48.76 8.28 -9.48
CA PHE F 146 -47.81 9.30 -9.87
C PHE F 146 -47.67 10.41 -8.83
N GLY F 147 -46.50 11.03 -8.80
CA GLY F 147 -46.25 12.09 -7.83
C GLY F 147 -46.95 13.41 -8.12
N ALA F 148 -47.51 13.55 -9.32
CA ALA F 148 -48.23 14.76 -9.72
C ALA F 148 -49.41 14.30 -10.57
N PRO F 149 -50.48 15.09 -10.60
CA PRO F 149 -51.67 14.74 -11.40
C PRO F 149 -51.32 14.55 -12.87
N ILE F 150 -51.95 13.57 -13.50
CA ILE F 150 -51.73 13.29 -14.92
C ILE F 150 -52.68 14.18 -15.73
N ALA F 151 -52.17 14.72 -16.84
CA ALA F 151 -52.96 15.56 -17.74
C ALA F 151 -52.60 15.15 -19.17
N ALA F 152 -53.52 15.36 -20.10
CA ALA F 152 -53.30 15.00 -21.50
C ALA F 152 -52.36 15.97 -22.18
N THR F 153 -52.18 17.13 -21.56
CA THR F 153 -51.32 18.15 -22.15
C THR F 153 -49.93 17.60 -22.49
N ALA F 154 -49.46 17.93 -23.69
CA ALA F 154 -48.16 17.50 -24.18
C ALA F 154 -47.96 15.99 -24.15
N GLY F 155 -49.04 15.25 -24.40
CA GLY F 155 -48.96 13.80 -24.41
C GLY F 155 -48.60 13.25 -23.04
N GLY F 156 -48.89 14.03 -22.01
CA GLY F 156 -48.57 13.64 -20.64
C GLY F 156 -49.35 12.47 -20.06
N ASN F 157 -50.31 11.93 -20.80
CA ASN F 157 -51.09 10.80 -20.31
C ASN F 157 -50.82 9.55 -21.15
N LEU F 158 -49.76 9.59 -21.94
CA LEU F 158 -49.39 8.47 -22.80
C LEU F 158 -48.24 7.70 -22.17
N PHE F 159 -48.36 6.37 -22.17
CA PHE F 159 -47.35 5.50 -21.59
C PHE F 159 -47.23 4.19 -22.36
N ASP F 160 -46.18 3.44 -22.04
CA ASP F 160 -45.97 2.13 -22.61
C ASP F 160 -45.91 1.23 -21.40
N MET F 161 -46.90 0.35 -21.25
CA MET F 161 -46.93 -0.58 -20.13
C MET F 161 -46.19 -1.84 -20.54
N TYR F 162 -45.16 -2.20 -19.78
CA TYR F 162 -44.40 -3.40 -20.05
C TYR F 162 -44.81 -4.46 -19.05
N VAL F 163 -45.31 -5.60 -19.54
CA VAL F 163 -45.72 -6.68 -18.65
C VAL F 163 -44.80 -7.88 -18.84
N HIS F 164 -44.25 -8.37 -17.74
CA HIS F 164 -43.35 -9.51 -17.81
C HIS F 164 -44.13 -10.82 -17.79
N VAL F 165 -43.96 -11.61 -18.85
CA VAL F 165 -44.64 -12.89 -19.00
C VAL F 165 -43.61 -14.00 -19.06
N THR F 166 -43.83 -15.07 -18.29
CA THR F 166 -42.89 -16.19 -18.28
C THR F 166 -43.56 -17.54 -18.13
N TYR F 167 -42.97 -18.56 -18.76
CA TYR F 167 -43.47 -19.93 -18.66
C TYR F 167 -42.74 -20.68 -17.53
N SER F 168 -41.80 -20.02 -16.87
CA SER F 168 -41.07 -20.68 -15.79
C SER F 168 -42.10 -21.12 -14.73
N GLY F 169 -42.35 -20.29 -13.74
CA GLY F 169 -43.31 -20.67 -12.72
C GLY F 169 -42.69 -21.18 -11.44
N THR F 170 -43.28 -20.81 -10.31
CA THR F 170 -42.78 -21.23 -9.01
C THR F 170 -43.92 -21.75 -8.13
N THR G 1 -40.46 18.60 51.37
CA THR G 1 -39.31 19.41 51.87
C THR G 1 -38.07 19.22 51.01
N VAL G 2 -37.57 20.32 50.45
CA VAL G 2 -36.38 20.28 49.62
C VAL G 2 -35.18 19.83 50.44
N THR G 3 -35.15 20.27 51.70
CA THR G 3 -34.06 19.91 52.60
C THR G 3 -33.88 18.40 52.70
N LYS G 4 -34.98 17.68 52.93
CA LYS G 4 -34.89 16.23 53.07
C LYS G 4 -34.69 15.52 51.74
N THR G 5 -35.08 16.17 50.64
CA THR G 5 -34.91 15.57 49.33
C THR G 5 -33.43 15.62 48.98
N ILE G 6 -32.79 16.73 49.33
CA ILE G 6 -31.37 16.91 49.08
C ILE G 6 -30.59 15.93 49.93
N GLU G 7 -31.05 15.70 51.15
CA GLU G 7 -30.39 14.76 52.04
C GLU G 7 -30.50 13.37 51.44
N THR G 8 -31.65 13.08 50.83
CA THR G 8 -31.87 11.78 50.21
C THR G 8 -30.93 11.63 49.03
N HIS G 9 -30.83 12.67 48.21
CA HIS G 9 -29.93 12.66 47.06
C HIS G 9 -28.49 12.43 47.51
N THR G 10 -28.10 13.10 48.60
CA THR G 10 -26.76 12.95 49.11
C THR G 10 -26.48 11.47 49.41
N ASP G 11 -27.43 10.81 50.06
CA ASP G 11 -27.27 9.39 50.38
C ASP G 11 -27.26 8.53 49.12
N ASN G 12 -28.18 8.79 48.21
CA ASN G 12 -28.26 7.99 46.98
C ASN G 12 -27.03 8.16 46.08
N ILE G 13 -26.51 9.37 46.02
CA ILE G 13 -25.33 9.63 45.22
C ILE G 13 -24.17 8.83 45.80
N GLU G 14 -24.12 8.80 47.13
CA GLU G 14 -23.08 8.06 47.82
C GLU G 14 -23.21 6.57 47.50
N THR G 15 -24.43 6.04 47.57
CA THR G 15 -24.65 4.63 47.28
C THR G 15 -24.30 4.28 45.84
N ASN G 16 -24.35 5.28 44.95
CA ASN G 16 -24.03 5.06 43.54
C ASN G 16 -22.53 5.16 43.22
N MET G 17 -21.69 5.41 44.24
CA MET G 17 -20.25 5.48 44.01
C MET G 17 -19.70 4.08 43.70
N ASP G 18 -19.20 3.91 42.47
CA ASP G 18 -18.65 2.66 41.89
C ASP G 18 -17.22 2.94 41.44
N GLU G 19 -16.35 1.95 41.46
CA GLU G 19 -14.98 2.17 40.98
C GLU G 19 -14.19 0.89 40.72
N ASN G 20 -13.58 0.81 39.54
CA ASN G 20 -12.74 -0.33 39.18
C ASN G 20 -11.31 0.18 39.30
N LEU G 21 -10.69 -0.11 40.44
CA LEU G 21 -9.33 0.32 40.73
C LEU G 21 -8.32 -0.49 39.95
N ARG G 22 -7.44 0.18 39.23
CA ARG G 22 -6.42 -0.52 38.46
C ARG G 22 -5.09 -0.53 39.22
N ILE G 23 -4.63 -1.71 39.58
CA ILE G 23 -3.38 -1.86 40.29
C ILE G 23 -2.39 -2.67 39.48
N PRO G 24 -1.34 -2.03 38.97
CA PRO G 24 -0.36 -2.79 38.20
C PRO G 24 0.33 -3.77 39.13
N VAL G 25 0.49 -5.01 38.70
CA VAL G 25 1.12 -6.01 39.55
C VAL G 25 2.11 -6.87 38.78
N THR G 26 3.03 -7.50 39.52
CA THR G 26 4.03 -8.37 38.93
C THR G 26 3.94 -9.74 39.58
N ALA G 27 3.72 -10.76 38.76
CA ALA G 27 3.65 -12.12 39.27
C ALA G 27 5.12 -12.49 39.47
N GLU G 28 5.59 -12.46 40.71
CA GLU G 28 6.99 -12.78 40.95
C GLU G 28 7.26 -14.27 40.87
N VAL G 29 7.94 -14.65 39.80
CA VAL G 29 8.30 -16.03 39.53
C VAL G 29 8.90 -16.73 40.74
N GLY G 30 8.32 -17.87 41.11
CA GLY G 30 8.80 -18.64 42.24
C GLY G 30 8.32 -18.18 43.61
N SER G 31 7.42 -17.20 43.65
CA SER G 31 6.93 -16.71 44.94
C SER G 31 5.45 -17.00 45.20
N GLY G 32 4.69 -17.25 44.14
CA GLY G 32 3.27 -17.50 44.32
C GLY G 32 2.51 -16.23 44.68
N TYR G 33 3.14 -15.07 44.48
CA TYR G 33 2.49 -13.81 44.79
C TYR G 33 2.54 -12.75 43.70
N PHE G 34 1.48 -11.95 43.66
CA PHE G 34 1.39 -10.82 42.75
C PHE G 34 1.92 -9.66 43.60
N LYS G 35 3.00 -9.03 43.16
CA LYS G 35 3.58 -7.93 43.92
C LYS G 35 3.09 -6.57 43.40
N MET G 36 2.80 -5.65 44.32
CA MET G 36 2.38 -4.32 43.93
C MET G 36 3.38 -3.29 44.47
N THR G 37 3.51 -2.19 43.77
CA THR G 37 4.45 -1.15 44.14
C THR G 37 3.79 0.02 44.85
N ASP G 38 4.44 0.52 45.89
CA ASP G 38 3.92 1.65 46.64
C ASP G 38 3.59 2.79 45.68
N VAL G 39 2.38 3.33 45.80
CA VAL G 39 1.94 4.39 44.92
C VAL G 39 0.87 5.20 45.63
N SER G 40 0.65 6.41 45.14
CA SER G 40 -0.35 7.30 45.70
C SER G 40 -1.10 7.94 44.54
N PHE G 41 -2.42 7.81 44.54
CA PHE G 41 -3.22 8.40 43.47
C PHE G 41 -4.58 8.87 43.94
N ASP G 42 -5.23 9.66 43.08
CA ASP G 42 -6.53 10.21 43.39
C ASP G 42 -7.61 9.72 42.44
N SER G 43 -8.70 9.25 43.02
CA SER G 43 -9.85 8.76 42.26
C SER G 43 -10.98 9.77 42.42
N ASP G 44 -11.61 10.16 41.31
CA ASP G 44 -12.71 11.11 41.38
C ASP G 44 -13.82 10.57 42.26
N THR G 45 -13.91 9.25 42.34
CA THR G 45 -14.93 8.61 43.15
C THR G 45 -14.50 8.30 44.57
N LEU G 46 -13.39 7.59 44.70
CA LEU G 46 -12.89 7.14 46.01
C LEU G 46 -11.96 8.08 46.78
N GLY G 47 -11.42 9.10 46.12
CA GLY G 47 -10.53 10.01 46.81
C GLY G 47 -9.08 9.60 46.76
N LYS G 48 -8.33 9.92 47.81
CA LYS G 48 -6.90 9.60 47.90
C LYS G 48 -6.64 8.15 48.29
N ILE G 49 -5.95 7.43 47.42
CA ILE G 49 -5.64 6.03 47.68
C ILE G 49 -4.13 5.83 47.70
N LYS G 50 -3.65 5.10 48.70
CA LYS G 50 -2.23 4.82 48.80
C LYS G 50 -1.94 3.35 49.03
N ILE G 51 -1.06 2.81 48.19
CA ILE G 51 -0.65 1.42 48.33
C ILE G 51 0.63 1.49 49.17
N ARG G 52 0.66 0.77 50.28
CA ARG G 52 1.80 0.79 51.17
C ARG G 52 2.19 -0.62 51.64
N ASN G 53 3.30 -1.11 51.10
CA ASN G 53 3.83 -2.43 51.43
C ASN G 53 4.37 -2.50 52.86
N GLY G 54 4.27 -3.68 53.47
CA GLY G 54 4.77 -3.93 54.81
C GLY G 54 4.21 -3.20 56.02
N LYS G 55 3.00 -2.66 55.90
CA LYS G 55 2.41 -1.93 57.01
C LYS G 55 1.52 -2.80 57.89
N SER G 56 1.62 -2.60 59.20
CA SER G 56 0.77 -3.32 60.15
C SER G 56 -0.52 -2.51 60.12
N ASP G 57 -1.60 -3.05 60.69
CA ASP G 57 -2.87 -2.31 60.72
C ASP G 57 -2.70 -0.92 61.33
N ALA G 58 -1.98 -0.84 62.44
CA ALA G 58 -1.76 0.45 63.11
C ALA G 58 -1.03 1.44 62.22
N GLN G 59 -0.02 0.96 61.51
CA GLN G 59 0.76 1.83 60.63
C GLN G 59 -0.10 2.35 59.48
N MET G 60 -1.01 1.50 58.99
CA MET G 60 -1.89 1.91 57.89
C MET G 60 -2.67 3.17 58.28
N LYS G 61 -3.19 3.16 59.50
CA LYS G 61 -3.98 4.29 60.00
C LYS G 61 -3.23 5.60 60.19
N GLU G 62 -1.91 5.56 60.05
CA GLU G 62 -1.10 6.77 60.20
C GLU G 62 -1.00 7.51 58.87
N GLU G 63 -1.34 6.81 57.80
CA GLU G 63 -1.28 7.36 56.46
C GLU G 63 -2.37 8.40 56.23
N ASP G 64 -2.06 9.43 55.44
CA ASP G 64 -3.03 10.47 55.11
C ASP G 64 -3.69 10.11 53.79
N ALA G 65 -4.80 9.39 53.87
CA ALA G 65 -5.52 8.97 52.67
C ALA G 65 -6.92 8.52 53.03
N ASP G 66 -7.77 8.37 52.02
CA ASP G 66 -9.14 7.91 52.22
C ASP G 66 -9.12 6.40 52.35
N LEU G 67 -8.26 5.77 51.55
CA LEU G 67 -8.10 4.32 51.57
C LEU G 67 -6.63 3.94 51.47
N VAL G 68 -6.23 2.98 52.31
CA VAL G 68 -4.86 2.49 52.28
C VAL G 68 -4.92 1.01 51.92
N ILE G 69 -4.09 0.61 50.97
CA ILE G 69 -4.04 -0.77 50.50
C ILE G 69 -2.68 -1.40 50.81
N THR G 70 -2.69 -2.53 51.50
CA THR G 70 -1.45 -3.21 51.85
C THR G 70 -1.53 -4.69 51.52
N PRO G 71 -0.67 -5.15 50.61
CA PRO G 71 -0.69 -6.57 50.24
C PRO G 71 -0.29 -7.42 51.44
N VAL G 72 -0.85 -8.62 51.52
CA VAL G 72 -0.55 -9.54 52.63
C VAL G 72 -0.02 -10.86 52.13
N GLU G 73 1.20 -11.21 52.56
CA GLU G 73 1.82 -12.47 52.18
C GLU G 73 1.47 -13.48 53.27
N GLY G 74 0.21 -13.87 53.36
CA GLY G 74 -0.20 -14.81 54.39
C GLY G 74 -0.63 -16.15 53.85
N ARG G 75 -0.32 -16.42 52.59
CA ARG G 75 -0.66 -17.68 51.95
C ARG G 75 -2.13 -18.06 52.20
N ALA G 76 -3.04 -17.15 51.86
CA ALA G 76 -4.46 -17.40 52.02
C ALA G 76 -4.93 -18.31 50.89
N LEU G 77 -4.02 -18.55 49.94
CA LEU G 77 -4.28 -19.40 48.80
C LEU G 77 -3.21 -20.48 48.77
N GLU G 78 -3.65 -21.74 48.67
CA GLU G 78 -2.74 -22.89 48.64
C GLU G 78 -2.09 -22.96 47.27
N VAL G 79 -0.76 -23.02 47.24
CA VAL G 79 -0.04 -23.04 45.96
C VAL G 79 1.29 -23.78 46.01
N THR G 80 1.69 -24.37 44.89
CA THR G 80 2.98 -25.04 44.79
C THR G 80 3.82 -24.03 44.03
N VAL G 81 4.53 -23.21 44.79
CA VAL G 81 5.37 -22.14 44.29
C VAL G 81 6.20 -22.37 43.03
N GLY G 82 6.83 -23.54 42.94
CA GLY G 82 7.64 -23.84 41.78
C GLY G 82 6.90 -24.06 40.47
N GLN G 83 5.59 -24.25 40.52
CA GLN G 83 4.83 -24.49 39.29
C GLN G 83 4.52 -23.19 38.55
N ASN G 84 4.47 -22.09 39.28
CA ASN G 84 4.17 -20.78 38.68
C ASN G 84 2.88 -20.75 37.87
N LEU G 85 1.85 -21.41 38.39
CA LEU G 85 0.54 -21.45 37.73
C LEU G 85 -0.47 -20.59 38.49
N THR G 86 -0.37 -20.57 39.82
CA THR G 86 -1.30 -19.79 40.64
C THR G 86 -0.58 -18.73 41.46
N PHE G 87 -1.08 -17.49 41.38
CA PHE G 87 -0.49 -16.39 42.12
C PHE G 87 -1.54 -15.68 42.98
N GLU G 88 -1.14 -15.32 44.19
CA GLU G 88 -2.02 -14.68 45.15
C GLU G 88 -1.84 -13.17 45.19
N GLY G 89 -2.94 -12.44 45.15
CA GLY G 89 -2.88 -10.98 45.18
C GLY G 89 -3.55 -10.40 46.42
N THR G 90 -3.79 -11.24 47.41
CA THR G 90 -4.45 -10.82 48.65
C THR G 90 -3.88 -9.53 49.24
N PHE G 91 -4.78 -8.64 49.64
CA PHE G 91 -4.39 -7.39 50.26
C PHE G 91 -5.45 -6.96 51.26
N LYS G 92 -5.06 -6.10 52.19
CA LYS G 92 -6.01 -5.60 53.17
C LYS G 92 -6.17 -4.11 52.91
N VAL G 93 -7.28 -3.54 53.36
CA VAL G 93 -7.48 -2.12 53.17
C VAL G 93 -8.09 -1.45 54.38
N TRP G 94 -7.57 -0.27 54.69
CA TRP G 94 -8.08 0.51 55.82
C TRP G 94 -9.08 1.51 55.23
N ASN G 95 -10.30 1.44 55.74
CA ASN G 95 -11.37 2.32 55.27
C ASN G 95 -11.43 3.59 56.10
N ASN G 96 -10.70 4.62 55.68
CA ASN G 96 -10.67 5.90 56.38
C ASN G 96 -11.76 6.80 55.81
N THR G 97 -12.92 6.21 55.50
CA THR G 97 -14.06 6.94 54.93
C THR G 97 -15.29 6.87 55.83
N SER G 98 -16.23 7.79 55.63
CA SER G 98 -17.42 7.88 56.45
C SER G 98 -18.51 6.84 56.16
N ARG G 99 -18.19 5.84 55.35
CA ARG G 99 -19.18 4.82 55.05
C ARG G 99 -18.56 3.47 54.76
N LYS G 100 -19.28 2.42 55.13
CA LYS G 100 -18.87 1.05 54.90
C LYS G 100 -18.57 0.87 53.42
N ILE G 101 -17.41 0.32 53.10
CA ILE G 101 -17.04 0.11 51.71
C ILE G 101 -17.00 -1.39 51.39
N ASN G 102 -17.21 -1.74 50.13
CA ASN G 102 -17.24 -3.13 49.71
C ASN G 102 -16.29 -3.44 48.56
N ILE G 103 -15.49 -4.49 48.70
CA ILE G 103 -14.55 -4.93 47.65
C ILE G 103 -15.19 -6.22 47.18
N THR G 104 -15.76 -6.19 45.98
CA THR G 104 -16.52 -7.33 45.48
C THR G 104 -16.16 -7.98 44.15
N GLY G 105 -15.00 -7.66 43.61
CA GLY G 105 -14.62 -8.27 42.35
C GLY G 105 -13.17 -8.04 41.98
N MET G 106 -12.64 -8.91 41.12
CA MET G 106 -11.26 -8.79 40.68
C MET G 106 -11.07 -9.51 39.35
N GLN G 107 -10.27 -8.89 38.48
CA GLN G 107 -9.97 -9.46 37.18
C GLN G 107 -8.50 -9.16 36.92
N MET G 108 -7.76 -10.16 36.43
CA MET G 108 -6.34 -10.02 36.16
C MET G 108 -6.08 -9.93 34.67
N VAL G 109 -5.71 -8.75 34.21
CA VAL G 109 -5.47 -8.51 32.79
C VAL G 109 -3.99 -8.52 32.40
N PRO G 110 -3.61 -9.40 31.46
CA PRO G 110 -2.22 -9.53 30.98
C PRO G 110 -1.81 -8.21 30.30
N LYS G 111 -0.63 -7.70 30.65
CA LYS G 111 -0.18 -6.45 30.07
C LYS G 111 0.38 -6.65 28.66
N ILE G 112 -0.02 -5.79 27.73
CA ILE G 112 0.47 -5.88 26.37
C ILE G 112 1.91 -5.35 26.38
N ASN G 113 2.86 -6.15 25.92
CA ASN G 113 4.26 -5.70 25.93
C ASN G 113 4.62 -4.81 24.75
N PRO G 114 5.84 -4.25 24.76
CA PRO G 114 6.28 -3.37 23.67
C PRO G 114 6.21 -4.05 22.30
N SER G 115 6.30 -5.37 22.28
CA SER G 115 6.24 -6.12 21.04
C SER G 115 4.80 -6.40 20.61
N LYS G 116 3.87 -5.79 21.32
CA LYS G 116 2.45 -5.91 21.04
C LYS G 116 1.87 -7.31 21.25
N ALA G 117 2.41 -8.02 22.23
CA ALA G 117 1.93 -9.37 22.55
C ALA G 117 1.50 -9.41 24.00
N PHE G 118 0.69 -10.41 24.35
CA PHE G 118 0.24 -10.58 25.73
C PHE G 118 -0.02 -12.05 26.04
N VAL G 119 0.13 -12.43 27.30
CA VAL G 119 -0.09 -13.82 27.71
C VAL G 119 -1.57 -14.16 27.53
N GLY G 120 -1.86 -15.03 26.57
CA GLY G 120 -3.25 -15.40 26.30
C GLY G 120 -3.73 -16.76 26.72
N SER G 121 -3.05 -17.40 27.67
CA SER G 121 -3.49 -18.72 28.12
C SER G 121 -4.72 -18.56 29.01
N SER G 122 -5.32 -19.66 29.45
CA SER G 122 -6.50 -19.56 30.30
C SER G 122 -6.12 -18.72 31.51
N ASN G 123 -7.06 -17.89 31.95
CA ASN G 123 -6.86 -16.96 33.05
C ASN G 123 -8.14 -17.00 33.88
N THR G 124 -8.06 -17.58 35.07
CA THR G 124 -9.22 -17.71 35.97
C THR G 124 -8.92 -17.20 37.37
N SER G 125 -9.61 -16.14 37.76
CA SER G 125 -9.40 -15.56 39.09
C SER G 125 -10.49 -15.94 40.08
N SER G 126 -10.16 -15.85 41.36
CA SER G 126 -11.11 -16.13 42.41
C SER G 126 -10.83 -15.11 43.51
N PHE G 127 -11.83 -14.88 44.37
CA PHE G 127 -11.67 -13.91 45.44
C PHE G 127 -12.80 -14.09 46.44
N THR G 128 -12.64 -13.48 47.61
CA THR G 128 -13.66 -13.56 48.64
C THR G 128 -14.05 -12.12 48.97
N PRO G 129 -15.23 -11.68 48.54
CA PRO G 129 -15.70 -10.32 48.80
C PRO G 129 -15.59 -9.97 50.28
N VAL G 130 -15.39 -8.70 50.57
CA VAL G 130 -15.30 -8.25 51.96
C VAL G 130 -15.87 -6.84 52.07
N SER G 131 -16.58 -6.60 53.18
CA SER G 131 -17.15 -5.30 53.45
C SER G 131 -16.37 -4.77 54.64
N ILE G 132 -15.95 -3.52 54.55
CA ILE G 132 -15.16 -2.92 55.61
C ILE G 132 -15.83 -1.68 56.20
N ASP G 133 -16.13 -1.72 57.48
CA ASP G 133 -16.77 -0.59 58.16
C ASP G 133 -15.80 0.57 58.34
N GLU G 134 -16.36 1.72 58.69
CA GLU G 134 -15.57 2.94 58.91
C GLU G 134 -14.43 2.68 59.88
N ASP G 135 -13.22 3.12 59.48
CA ASP G 135 -11.99 2.98 60.25
C ASP G 135 -11.47 1.56 60.44
N GLU G 136 -12.20 0.56 59.94
CA GLU G 136 -11.75 -0.82 60.08
C GLU G 136 -10.76 -1.21 58.98
N VAL G 137 -10.12 -2.36 59.18
CA VAL G 137 -9.18 -2.91 58.20
C VAL G 137 -9.72 -4.29 57.84
N GLY G 138 -9.92 -4.51 56.55
CA GLY G 138 -10.43 -5.79 56.09
C GLY G 138 -9.52 -6.40 55.04
N THR G 139 -9.52 -7.72 54.94
CA THR G 139 -8.70 -8.40 53.94
C THR G 139 -9.49 -8.95 52.78
N PHE G 140 -8.98 -8.71 51.58
CA PHE G 140 -9.62 -9.17 50.35
C PHE G 140 -8.73 -10.26 49.77
N VAL G 141 -9.07 -11.51 50.04
CA VAL G 141 -8.31 -12.65 49.52
C VAL G 141 -8.63 -12.78 48.03
N CYS G 142 -7.60 -12.88 47.19
CA CYS G 142 -7.82 -13.02 45.76
C CYS G 142 -6.59 -13.65 45.10
N GLY G 143 -6.80 -14.21 43.92
CA GLY G 143 -5.70 -14.82 43.18
C GLY G 143 -6.12 -15.25 41.80
N THR G 144 -5.16 -15.74 41.02
CA THR G 144 -5.43 -16.16 39.66
C THR G 144 -4.62 -17.40 39.29
N THR G 145 -5.25 -18.30 38.53
CA THR G 145 -4.58 -19.51 38.07
C THR G 145 -4.53 -19.43 36.55
N PHE G 146 -3.32 -19.63 36.00
CA PHE G 146 -3.12 -19.57 34.56
C PHE G 146 -2.98 -20.95 33.95
N GLY G 147 -3.32 -21.07 32.67
CA GLY G 147 -3.24 -22.34 31.96
C GLY G 147 -1.84 -22.80 31.62
N ALA G 148 -0.88 -21.88 31.72
CA ALA G 148 0.52 -22.21 31.42
C ALA G 148 1.39 -21.48 32.44
N PRO G 149 2.58 -22.02 32.73
CA PRO G 149 3.48 -21.39 33.70
C PRO G 149 3.83 -19.95 33.35
N ILE G 150 3.84 -19.08 34.36
CA ILE G 150 4.18 -17.68 34.16
C ILE G 150 5.69 -17.51 34.17
N ALA G 151 6.19 -16.67 33.27
CA ALA G 151 7.63 -16.42 33.18
C ALA G 151 7.80 -14.92 32.95
N ALA G 152 8.93 -14.38 33.39
CA ALA G 152 9.21 -12.95 33.23
C ALA G 152 9.54 -12.58 31.78
N THR G 153 9.91 -13.59 30.99
CA THR G 153 10.25 -13.36 29.58
C THR G 153 9.18 -12.55 28.84
N ALA G 154 9.64 -11.58 28.06
CA ALA G 154 8.76 -10.72 27.26
C ALA G 154 7.66 -10.05 28.08
N GLY G 155 7.97 -9.68 29.32
CA GLY G 155 6.99 -9.05 30.19
C GLY G 155 5.81 -9.95 30.48
N GLY G 156 6.04 -11.26 30.41
CA GLY G 156 4.98 -12.23 30.64
C GLY G 156 4.45 -12.36 32.05
N ASN G 157 5.05 -11.64 33.00
CA ASN G 157 4.60 -11.72 34.39
C ASN G 157 4.00 -10.38 34.85
N LEU G 158 3.73 -9.50 33.89
CA LEU G 158 3.16 -8.18 34.18
C LEU G 158 1.66 -8.18 33.92
N PHE G 159 0.90 -7.65 34.87
CA PHE G 159 -0.54 -7.59 34.76
C PHE G 159 -1.09 -6.31 35.38
N ASP G 160 -2.37 -6.07 35.11
CA ASP G 160 -3.07 -4.95 35.69
C ASP G 160 -4.22 -5.62 36.42
N MET G 161 -4.23 -5.49 37.74
CA MET G 161 -5.28 -6.08 38.55
C MET G 161 -6.37 -5.04 38.75
N TYR G 162 -7.59 -5.36 38.34
CA TYR G 162 -8.71 -4.44 38.49
C TYR G 162 -9.57 -4.93 39.64
N VAL G 163 -9.75 -4.08 40.65
CA VAL G 163 -10.56 -4.46 41.81
C VAL G 163 -11.80 -3.59 41.86
N HIS G 164 -12.95 -4.24 41.94
CA HIS G 164 -14.22 -3.51 41.98
C HIS G 164 -14.56 -3.10 43.41
N VAL G 165 -14.69 -1.79 43.60
CA VAL G 165 -15.00 -1.22 44.90
C VAL G 165 -16.33 -0.48 44.82
N THR G 166 -17.19 -0.72 45.81
CA THR G 166 -18.49 -0.05 45.81
C THR G 166 -19.00 0.31 47.20
N TYR G 167 -19.71 1.43 47.28
CA TYR G 167 -20.31 1.86 48.54
C TYR G 167 -21.74 1.34 48.67
N SER G 168 -22.24 0.65 47.64
CA SER G 168 -23.60 0.11 47.70
C SER G 168 -23.69 -0.82 48.91
N GLY G 169 -23.44 -2.10 48.73
CA GLY G 169 -23.54 -2.99 49.87
C GLY G 169 -24.84 -3.75 49.97
N THR G 170 -24.74 -5.04 50.31
CA THR G 170 -25.90 -5.90 50.43
C THR G 170 -25.88 -6.65 51.77
N THR H 1 -34.69 27.11 37.32
CA THR H 1 -35.60 26.61 38.39
C THR H 1 -34.97 25.46 39.16
N VAL H 2 -34.83 25.65 40.47
CA VAL H 2 -34.26 24.63 41.34
C VAL H 2 -35.15 23.39 41.33
N THR H 3 -36.46 23.60 41.27
CA THR H 3 -37.41 22.50 41.26
C THR H 3 -37.14 21.52 40.13
N LYS H 4 -36.95 22.04 38.92
CA LYS H 4 -36.70 21.19 37.77
C LYS H 4 -35.28 20.62 37.73
N THR H 5 -34.35 21.29 38.41
CA THR H 5 -32.97 20.79 38.47
C THR H 5 -32.95 19.58 39.38
N ILE H 6 -33.69 19.68 40.49
CA ILE H 6 -33.78 18.59 41.44
C ILE H 6 -34.47 17.39 40.79
N GLU H 7 -35.47 17.67 39.96
CA GLU H 7 -36.18 16.61 39.26
C GLU H 7 -35.22 15.93 38.30
N THR H 8 -34.35 16.72 37.67
CA THR H 8 -33.37 16.18 36.73
C THR H 8 -32.38 15.30 37.48
N HIS H 9 -31.92 15.79 38.64
CA HIS H 9 -30.99 15.05 39.47
C HIS H 9 -31.61 13.72 39.88
N THR H 10 -32.88 13.75 40.26
CA THR H 10 -33.57 12.54 40.66
C THR H 10 -33.49 11.51 39.54
N ASP H 11 -33.77 11.94 38.30
CA ASP H 11 -33.72 11.04 37.17
C ASP H 11 -32.31 10.54 36.87
N ASN H 12 -31.33 11.43 36.92
CA ASN H 12 -29.94 11.04 36.67
C ASN H 12 -29.37 10.11 37.73
N ILE H 13 -29.74 10.34 38.98
CA ILE H 13 -29.28 9.49 40.08
C ILE H 13 -29.85 8.10 39.87
N GLU H 14 -31.10 8.04 39.43
CA GLU H 14 -31.75 6.77 39.18
C GLU H 14 -31.03 6.03 38.05
N THR H 15 -30.72 6.75 36.97
CA THR H 15 -30.02 6.14 35.85
C THR H 15 -28.64 5.65 36.25
N ASN H 16 -28.06 6.26 37.29
CA ASN H 16 -26.73 5.85 37.77
C ASN H 16 -26.75 4.66 38.72
N MET H 17 -27.93 4.11 39.00
CA MET H 17 -28.01 2.96 39.90
C MET H 17 -27.43 1.70 39.20
N ASP H 18 -26.30 1.21 39.73
CA ASP H 18 -25.54 0.04 39.24
C ASP H 18 -25.47 -1.00 40.35
N GLU H 19 -25.38 -2.27 40.00
CA GLU H 19 -25.24 -3.30 41.04
C GLU H 19 -24.82 -4.67 40.53
N ASN H 20 -23.79 -5.23 41.16
CA ASN H 20 -23.31 -6.56 40.83
C ASN H 20 -23.84 -7.48 41.92
N LEU H 21 -24.95 -8.13 41.65
CA LEU H 21 -25.59 -9.03 42.60
C LEU H 21 -24.83 -10.34 42.74
N ARG H 22 -24.49 -10.70 43.97
CA ARG H 22 -23.78 -11.95 44.20
C ARG H 22 -24.74 -13.05 44.64
N ILE H 23 -24.85 -14.08 43.82
CA ILE H 23 -25.72 -15.19 44.13
C ILE H 23 -24.92 -16.47 44.25
N PRO H 24 -24.81 -17.02 45.47
CA PRO H 24 -24.06 -18.25 45.64
C PRO H 24 -24.81 -19.36 44.93
N VAL H 25 -24.10 -20.17 44.16
CA VAL H 25 -24.75 -21.26 43.43
C VAL H 25 -23.97 -22.57 43.53
N THR H 26 -24.68 -23.67 43.24
CA THR H 26 -24.07 -24.98 43.27
C THR H 26 -24.28 -25.66 41.92
N ALA H 27 -23.18 -26.01 41.27
CA ALA H 27 -23.26 -26.71 40.00
C ALA H 27 -23.63 -28.12 40.41
N GLU H 28 -24.88 -28.50 40.22
CA GLU H 28 -25.27 -29.83 40.60
C GLU H 28 -24.86 -30.88 39.60
N VAL H 29 -23.88 -31.67 40.01
CA VAL H 29 -23.31 -32.73 39.19
C VAL H 29 -24.39 -33.62 38.56
N GLY H 30 -24.32 -33.76 37.24
CA GLY H 30 -25.26 -34.58 36.52
C GLY H 30 -26.59 -33.92 36.18
N SER H 31 -26.73 -32.62 36.43
CA SER H 31 -27.99 -31.93 36.14
C SER H 31 -27.85 -30.86 35.06
N GLY H 32 -26.64 -30.35 34.85
CA GLY H 32 -26.44 -29.32 33.86
C GLY H 32 -27.01 -27.98 34.33
N TYR H 33 -27.25 -27.87 35.64
CA TYR H 33 -27.79 -26.63 36.19
C TYR H 33 -27.06 -26.10 37.43
N PHE H 34 -27.04 -24.79 37.54
CA PHE H 34 -26.48 -24.09 38.68
C PHE H 34 -27.70 -23.90 39.58
N LYS H 35 -27.67 -24.47 40.78
CA LYS H 35 -28.80 -24.33 41.71
C LYS H 35 -28.58 -23.16 42.67
N MET H 36 -29.63 -22.41 42.96
CA MET H 36 -29.53 -21.33 43.92
C MET H 36 -30.53 -21.56 45.05
N THR H 37 -30.15 -21.14 46.26
CA THR H 37 -30.98 -21.33 47.44
C THR H 37 -31.85 -20.12 47.76
N ASP H 38 -33.08 -20.37 48.17
CA ASP H 38 -34.00 -19.29 48.54
C ASP H 38 -33.34 -18.40 49.57
N VAL H 39 -33.36 -17.10 49.32
CA VAL H 39 -32.74 -16.14 50.23
C VAL H 39 -33.43 -14.79 50.09
N SER H 40 -33.27 -13.96 51.10
CA SER H 40 -33.84 -12.63 51.09
C SER H 40 -32.77 -11.66 51.59
N PHE H 41 -32.50 -10.63 50.81
CA PHE H 41 -31.49 -9.65 51.22
C PHE H 41 -31.82 -8.24 50.73
N ASP H 42 -31.12 -7.27 51.30
CA ASP H 42 -31.32 -5.87 50.95
C ASP H 42 -30.08 -5.25 50.33
N SER H 43 -30.29 -4.59 49.19
CA SER H 43 -29.23 -3.91 48.47
C SER H 43 -29.44 -2.40 48.63
N ASP H 44 -28.37 -1.68 48.97
CA ASP H 44 -28.49 -0.24 49.13
C ASP H 44 -28.98 0.39 47.85
N THR H 45 -28.68 -0.25 46.72
CA THR H 45 -29.09 0.26 45.43
C THR H 45 -30.42 -0.28 44.93
N LEU H 46 -30.55 -1.59 44.90
CA LEU H 46 -31.76 -2.23 44.38
C LEU H 46 -32.92 -2.47 45.35
N GLY H 47 -32.65 -2.41 46.65
CA GLY H 47 -33.71 -2.63 47.61
C GLY H 47 -33.84 -4.07 48.07
N LYS H 48 -35.08 -4.50 48.32
CA LYS H 48 -35.33 -5.87 48.79
C LYS H 48 -35.34 -6.87 47.65
N ILE H 49 -34.45 -7.86 47.74
CA ILE H 49 -34.36 -8.88 46.70
C ILE H 49 -34.61 -10.26 47.31
N LYS H 50 -35.45 -11.05 46.65
CA LYS H 50 -35.75 -12.39 47.14
C LYS H 50 -35.62 -13.44 46.06
N ILE H 51 -34.86 -14.49 46.35
CA ILE H 51 -34.69 -15.60 45.43
C ILE H 51 -35.72 -16.63 45.89
N ARG H 52 -36.61 -17.02 44.97
CA ARG H 52 -37.66 -17.97 45.29
C ARG H 52 -37.81 -19.06 44.23
N ASN H 53 -37.39 -20.27 44.59
CA ASN H 53 -37.44 -21.43 43.70
C ASN H 53 -38.88 -21.91 43.46
N GLY H 54 -39.11 -22.46 42.27
CA GLY H 54 -40.40 -23.01 41.91
C GLY H 54 -41.62 -22.11 41.80
N LYS H 55 -41.43 -20.81 41.62
CA LYS H 55 -42.55 -19.90 41.52
C LYS H 55 -42.99 -19.62 40.09
N SER H 56 -44.30 -19.58 39.86
CA SER H 56 -44.83 -19.26 38.54
C SER H 56 -44.80 -17.74 38.51
N ASP H 57 -44.96 -17.14 37.34
CA ASP H 57 -44.94 -15.70 37.25
C ASP H 57 -45.92 -15.06 38.23
N ALA H 58 -47.13 -15.59 38.29
CA ALA H 58 -48.15 -15.06 39.20
C ALA H 58 -47.71 -15.13 40.64
N GLN H 59 -47.13 -16.26 41.04
CA GLN H 59 -46.68 -16.42 42.42
C GLN H 59 -45.56 -15.43 42.77
N MET H 60 -44.70 -15.13 41.81
CA MET H 60 -43.60 -14.20 42.04
C MET H 60 -44.16 -12.85 42.48
N LYS H 61 -45.21 -12.40 41.80
CA LYS H 61 -45.83 -11.12 42.10
C LYS H 61 -46.51 -11.02 43.46
N GLU H 62 -46.62 -12.15 44.17
CA GLU H 62 -47.25 -12.15 45.49
C GLU H 62 -46.20 -11.85 46.57
N GLU H 63 -44.93 -11.95 46.18
CA GLU H 63 -43.83 -11.72 47.10
C GLU H 63 -43.68 -10.24 47.45
N ASP H 64 -43.27 -9.95 48.67
CA ASP H 64 -43.07 -8.57 49.10
C ASP H 64 -41.60 -8.22 48.92
N ALA H 65 -41.27 -7.70 47.74
CA ALA H 65 -39.90 -7.32 47.44
C ALA H 65 -39.86 -6.42 46.22
N ASP H 66 -38.70 -5.80 46.01
CA ASP H 66 -38.52 -4.91 44.87
C ASP H 66 -38.21 -5.76 43.64
N LEU H 67 -37.46 -6.84 43.85
CA LEU H 67 -37.11 -7.76 42.78
C LEU H 67 -37.20 -9.20 43.25
N VAL H 68 -37.80 -10.05 42.44
CA VAL H 68 -37.91 -11.46 42.78
C VAL H 68 -37.17 -12.23 41.70
N ILE H 69 -36.31 -13.15 42.13
CA ILE H 69 -35.50 -13.96 41.21
C ILE H 69 -35.89 -15.44 41.34
N THR H 70 -36.23 -16.05 40.22
CA THR H 70 -36.62 -17.45 40.20
C THR H 70 -35.90 -18.23 39.11
N PRO H 71 -35.07 -19.19 39.50
CA PRO H 71 -34.35 -19.98 38.49
C PRO H 71 -35.31 -20.78 37.61
N VAL H 72 -34.94 -20.96 36.36
CA VAL H 72 -35.78 -21.70 35.41
C VAL H 72 -35.04 -22.87 34.79
N GLU H 73 -35.58 -24.07 35.00
CA GLU H 73 -35.01 -25.29 34.47
C GLU H 73 -35.69 -25.55 33.13
N GLY H 74 -35.43 -24.70 32.14
CA GLY H 74 -36.06 -24.86 30.85
C GLY H 74 -35.11 -25.27 29.74
N ARG H 75 -33.91 -25.68 30.11
CA ARG H 75 -32.90 -26.09 29.15
C ARG H 75 -32.75 -25.08 28.02
N ALA H 76 -32.50 -23.81 28.38
CA ALA H 76 -32.32 -22.76 27.38
C ALA H 76 -30.91 -22.87 26.82
N LEU H 77 -30.14 -23.78 27.40
CA LEU H 77 -28.77 -24.04 26.97
C LEU H 77 -28.66 -25.52 26.67
N GLU H 78 -28.13 -25.85 25.49
CA GLU H 78 -27.95 -27.24 25.07
C GLU H 78 -26.77 -27.84 25.83
N VAL H 79 -26.98 -28.98 26.47
CA VAL H 79 -25.91 -29.61 27.24
C VAL H 79 -26.01 -31.14 27.32
N THR H 80 -24.85 -31.80 27.40
CA THR H 80 -24.81 -33.26 27.58
C THR H 80 -24.53 -33.39 29.08
N VAL H 81 -25.60 -33.51 29.85
CA VAL H 81 -25.56 -33.63 31.31
C VAL H 81 -24.46 -34.47 31.94
N GLY H 82 -24.18 -35.64 31.36
CA GLY H 82 -23.15 -36.50 31.93
C GLY H 82 -21.72 -36.02 31.82
N GLN H 83 -21.48 -35.02 30.97
CA GLN H 83 -20.13 -34.50 30.81
C GLN H 83 -19.70 -33.54 31.92
N ASN H 84 -20.68 -32.87 32.54
CA ASN H 84 -20.42 -31.92 33.61
C ASN H 84 -19.43 -30.83 33.24
N LEU H 85 -19.55 -30.32 32.02
CA LEU H 85 -18.67 -29.26 31.53
C LEU H 85 -19.43 -27.93 31.42
N THR H 86 -20.71 -28.01 31.07
CA THR H 86 -21.52 -26.80 30.92
C THR H 86 -22.71 -26.79 31.85
N PHE H 87 -22.89 -25.70 32.59
CA PHE H 87 -24.00 -25.58 33.52
C PHE H 87 -24.81 -24.31 33.24
N GLU H 88 -26.13 -24.44 33.33
CA GLU H 88 -27.05 -23.33 33.07
C GLU H 88 -27.52 -22.67 34.36
N GLY H 89 -27.49 -21.34 34.38
CA GLY H 89 -27.92 -20.59 35.55
C GLY H 89 -29.13 -19.71 35.25
N THR H 90 -29.78 -19.97 34.12
CA THR H 90 -30.95 -19.20 33.70
C THR H 90 -31.96 -18.95 34.81
N PHE H 91 -32.41 -17.71 34.93
CA PHE H 91 -33.41 -17.34 35.92
C PHE H 91 -34.27 -16.21 35.37
N LYS H 92 -35.45 -16.04 35.95
CA LYS H 92 -36.34 -14.97 35.52
C LYS H 92 -36.48 -14.03 36.71
N VAL H 93 -36.83 -12.78 36.44
CA VAL H 93 -36.99 -11.83 37.51
C VAL H 93 -38.20 -10.92 37.32
N TRP H 94 -38.91 -10.71 38.42
CA TRP H 94 -40.08 -9.84 38.41
C TRP H 94 -39.62 -8.47 38.86
N ASN H 95 -39.82 -7.48 38.00
CA ASN H 95 -39.42 -6.10 38.29
C ASN H 95 -40.55 -5.35 38.97
N ASN H 96 -40.56 -5.39 40.30
CA ASN H 96 -41.58 -4.70 41.09
C ASN H 96 -41.06 -3.30 41.44
N THR H 97 -40.41 -2.67 40.46
CA THR H 97 -39.85 -1.33 40.64
C THR H 97 -40.47 -0.34 39.66
N SER H 98 -40.36 0.95 39.97
CA SER H 98 -40.92 2.01 39.14
C SER H 98 -40.15 2.35 37.87
N ARG H 99 -39.18 1.52 37.50
CA ARG H 99 -38.44 1.79 36.28
C ARG H 99 -37.90 0.53 35.63
N LYS H 100 -37.82 0.57 34.31
CA LYS H 100 -37.33 -0.54 33.50
C LYS H 100 -35.94 -0.91 34.01
N ILE H 101 -35.71 -2.19 34.29
CA ILE H 101 -34.41 -2.62 34.78
C ILE H 101 -33.72 -3.48 33.72
N ASN H 102 -32.38 -3.50 33.74
CA ASN H 102 -31.61 -4.25 32.76
C ASN H 102 -30.62 -5.22 33.40
N ILE H 103 -30.62 -6.48 32.94
CA ILE H 103 -29.69 -7.50 33.44
C ILE H 103 -28.77 -7.69 32.24
N THR H 104 -27.55 -7.17 32.35
CA THR H 104 -26.62 -7.20 31.23
C THR H 104 -25.26 -7.89 31.38
N GLY H 105 -25.08 -8.71 32.40
CA GLY H 105 -23.79 -9.37 32.55
C GLY H 105 -23.77 -10.43 33.62
N MET H 106 -22.84 -11.37 33.49
CA MET H 106 -22.71 -12.45 34.45
C MET H 106 -21.31 -13.02 34.43
N GLN H 107 -20.79 -13.32 35.61
CA GLN H 107 -19.46 -13.91 35.76
C GLN H 107 -19.58 -14.99 36.83
N MET H 108 -18.97 -16.15 36.59
CA MET H 108 -19.03 -17.26 37.54
C MET H 108 -17.70 -17.44 38.23
N VAL H 109 -17.66 -17.10 39.51
CA VAL H 109 -16.43 -17.17 40.30
C VAL H 109 -16.33 -18.41 41.18
N PRO H 110 -15.26 -19.20 41.00
CA PRO H 110 -15.04 -20.42 41.78
C PRO H 110 -14.85 -20.07 43.25
N LYS H 111 -15.54 -20.76 44.14
CA LYS H 111 -15.42 -20.48 45.56
C LYS H 111 -14.15 -21.08 46.17
N ILE H 112 -13.42 -20.28 46.93
CA ILE H 112 -12.20 -20.76 47.58
C ILE H 112 -12.64 -21.67 48.72
N ASN H 113 -12.15 -22.90 48.74
CA ASN H 113 -12.56 -23.82 49.79
C ASN H 113 -11.76 -23.65 51.09
N PRO H 114 -12.15 -24.37 52.16
CA PRO H 114 -11.45 -24.27 53.44
C PRO H 114 -9.97 -24.59 53.35
N SER H 115 -9.59 -25.38 52.34
CA SER H 115 -8.19 -25.74 52.13
C SER H 115 -7.47 -24.70 51.28
N LYS H 116 -8.12 -23.55 51.08
CA LYS H 116 -7.55 -22.45 50.32
C LYS H 116 -7.27 -22.74 48.85
N ALA H 117 -8.07 -23.61 48.26
CA ALA H 117 -7.92 -23.95 46.84
C ALA H 117 -9.21 -23.60 46.11
N PHE H 118 -9.13 -23.47 44.78
CA PHE H 118 -10.30 -23.15 43.97
C PHE H 118 -10.13 -23.72 42.57
N VAL H 119 -11.24 -24.07 41.93
CA VAL H 119 -11.19 -24.63 40.57
C VAL H 119 -10.66 -23.57 39.62
N GLY H 120 -9.48 -23.83 39.07
CA GLY H 120 -8.86 -22.86 38.16
C GLY H 120 -8.74 -23.23 36.69
N SER H 121 -9.60 -24.11 36.21
CA SER H 121 -9.56 -24.48 34.80
C SER H 121 -10.22 -23.35 34.01
N SER H 122 -10.23 -23.44 32.68
CA SER H 122 -10.85 -22.38 31.88
C SER H 122 -12.28 -22.24 32.36
N ASN H 123 -12.75 -21.00 32.35
CA ASN H 123 -14.09 -20.65 32.84
C ASN H 123 -14.64 -19.61 31.87
N THR H 124 -15.61 -20.00 31.05
CA THR H 124 -16.19 -19.10 30.05
C THR H 124 -17.72 -19.05 30.14
N SER H 125 -18.23 -17.89 30.50
CA SER H 125 -19.67 -17.72 30.63
C SER H 125 -20.29 -17.00 29.43
N SER H 126 -21.58 -17.20 29.23
CA SER H 126 -22.32 -16.56 28.15
C SER H 126 -23.68 -16.25 28.73
N PHE H 127 -24.37 -15.29 28.13
CA PHE H 127 -25.68 -14.88 28.61
C PHE H 127 -26.36 -14.02 27.55
N THR H 128 -27.66 -13.80 27.73
CA THR H 128 -28.42 -12.98 26.80
C THR H 128 -29.05 -11.88 27.61
N PRO H 129 -28.55 -10.64 27.46
CA PRO H 129 -29.09 -9.49 28.21
C PRO H 129 -30.59 -9.38 28.03
N VAL H 130 -31.25 -8.85 29.05
CA VAL H 130 -32.69 -8.68 29.00
C VAL H 130 -33.08 -7.43 29.76
N SER H 131 -34.05 -6.70 29.22
CA SER H 131 -34.56 -5.49 29.87
C SER H 131 -35.98 -5.84 30.30
N ILE H 132 -36.32 -5.50 31.55
CA ILE H 132 -37.63 -5.83 32.07
C ILE H 132 -38.39 -4.58 32.52
N ASP H 133 -39.54 -4.35 31.90
CA ASP H 133 -40.36 -3.19 32.24
C ASP H 133 -41.04 -3.35 33.59
N GLU H 134 -41.56 -2.24 34.11
CA GLU H 134 -42.26 -2.24 35.38
C GLU H 134 -43.31 -3.34 35.47
N ASP H 135 -43.26 -4.10 36.56
CA ASP H 135 -44.19 -5.19 36.85
C ASP H 135 -44.08 -6.40 35.93
N GLU H 136 -43.21 -6.34 34.94
CA GLU H 136 -43.05 -7.48 34.01
C GLU H 136 -42.11 -8.53 34.59
N VAL H 137 -42.10 -9.69 33.95
CA VAL H 137 -41.22 -10.79 34.33
C VAL H 137 -40.39 -11.13 33.09
N GLY H 138 -39.06 -11.06 33.23
CA GLY H 138 -38.20 -11.37 32.10
C GLY H 138 -37.22 -12.46 32.45
N THR H 139 -36.75 -13.18 31.43
CA THR H 139 -35.79 -14.26 31.66
C THR H 139 -34.39 -13.90 31.20
N PHE H 140 -33.42 -14.20 32.06
CA PHE H 140 -32.02 -13.94 31.78
C PHE H 140 -31.33 -15.28 31.57
N VAL H 141 -31.18 -15.68 30.31
CA VAL H 141 -30.52 -16.95 29.98
C VAL H 141 -29.02 -16.76 30.20
N CYS H 142 -28.40 -17.69 30.92
CA CYS H 142 -26.97 -17.61 31.18
C CYS H 142 -26.40 -18.98 31.56
N GLY H 143 -25.10 -19.12 31.40
CA GLY H 143 -24.46 -20.39 31.72
C GLY H 143 -22.95 -20.28 31.64
N THR H 144 -22.28 -21.35 32.02
CA THR H 144 -20.83 -21.37 32.02
C THR H 144 -20.28 -22.72 31.55
N THR H 145 -19.19 -22.69 30.79
CA THR H 145 -18.55 -23.91 30.32
C THR H 145 -17.14 -23.93 30.92
N PHE H 146 -16.78 -25.05 31.54
CA PHE H 146 -15.48 -25.20 32.18
C PHE H 146 -14.53 -26.09 31.38
N GLY H 147 -13.24 -25.86 31.54
CA GLY H 147 -12.23 -26.63 30.82
C GLY H 147 -12.05 -28.05 31.29
N ALA H 148 -12.60 -28.37 32.46
CA ALA H 148 -12.50 -29.72 33.02
C ALA H 148 -13.83 -30.02 33.69
N PRO H 149 -14.19 -31.32 33.78
CA PRO H 149 -15.46 -31.70 34.42
C PRO H 149 -15.58 -31.19 35.85
N ILE H 150 -16.78 -30.73 36.21
CA ILE H 150 -17.02 -30.25 37.57
C ILE H 150 -17.37 -31.43 38.47
N ALA H 151 -16.81 -31.42 39.68
CA ALA H 151 -17.07 -32.46 40.65
C ALA H 151 -17.32 -31.77 42.00
N ALA H 152 -18.10 -32.40 42.88
CA ALA H 152 -18.41 -31.85 44.19
C ALA H 152 -17.24 -31.96 45.17
N THR H 153 -16.27 -32.82 44.85
CA THR H 153 -15.08 -33.01 45.67
C THR H 153 -14.41 -31.68 46.00
N ALA H 154 -14.02 -31.52 47.26
CA ALA H 154 -13.33 -30.31 47.72
C ALA H 154 -14.07 -29.01 47.41
N GLY H 155 -15.40 -29.08 47.44
CA GLY H 155 -16.21 -27.90 47.16
C GLY H 155 -16.00 -27.42 45.73
N GLY H 156 -15.61 -28.33 44.85
CA GLY H 156 -15.36 -27.98 43.46
C GLY H 156 -16.55 -27.60 42.61
N ASN H 157 -17.77 -27.70 43.17
CA ASN H 157 -18.97 -27.35 42.43
C ASN H 157 -19.63 -26.10 43.02
N LEU H 158 -18.91 -25.41 43.90
CA LEU H 158 -19.44 -24.20 44.54
C LEU H 158 -18.92 -22.94 43.86
N PHE H 159 -19.83 -22.02 43.57
CA PHE H 159 -19.46 -20.78 42.90
C PHE H 159 -20.30 -19.61 43.41
N ASP H 160 -19.85 -18.40 43.07
CA ASP H 160 -20.59 -17.20 43.38
C ASP H 160 -20.89 -16.59 42.01
N MET H 161 -22.16 -16.51 41.67
CA MET H 161 -22.56 -15.94 40.38
C MET H 161 -22.84 -14.46 40.58
N TYR H 162 -22.11 -13.63 39.84
CA TYR H 162 -22.30 -12.20 39.92
C TYR H 162 -23.10 -11.75 38.71
N VAL H 163 -24.24 -11.12 38.95
CA VAL H 163 -25.07 -10.63 37.85
C VAL H 163 -25.11 -9.10 37.85
N HIS H 164 -24.77 -8.50 36.72
CA HIS H 164 -24.78 -7.05 36.63
C HIS H 164 -26.19 -6.53 36.32
N VAL H 165 -26.68 -5.68 37.21
CA VAL H 165 -28.02 -5.10 37.06
C VAL H 165 -27.90 -3.59 36.97
N THR H 166 -28.60 -2.98 36.02
CA THR H 166 -28.53 -1.54 35.87
C THR H 166 -29.83 -0.92 35.40
N TYR H 167 -30.08 0.30 35.87
CA TYR H 167 -31.28 1.04 35.49
C TYR H 167 -30.98 1.96 34.31
N SER H 168 -29.73 1.97 33.85
CA SER H 168 -29.38 2.81 32.70
C SER H 168 -30.25 2.39 31.53
N GLY H 169 -29.77 1.49 30.69
CA GLY H 169 -30.59 1.07 29.56
C GLY H 169 -30.20 1.73 28.26
N THR H 170 -30.24 0.95 27.18
CA THR H 170 -29.88 1.45 25.86
C THR H 170 -30.92 1.07 24.82
N THR I 1 -24.92 26.96 51.39
CA THR I 1 -25.59 27.44 50.14
C THR I 1 -26.11 26.28 49.29
N VAL I 2 -27.42 26.30 49.04
CA VAL I 2 -28.05 25.27 48.25
C VAL I 2 -27.51 25.31 46.83
N THR I 3 -27.24 26.52 46.35
CA THR I 3 -26.73 26.70 45.00
C THR I 3 -25.44 25.92 44.77
N LYS I 4 -24.50 26.03 45.69
CA LYS I 4 -23.24 25.34 45.56
C LYS I 4 -23.35 23.84 45.85
N THR I 5 -24.33 23.45 46.64
CA THR I 5 -24.53 22.04 46.95
C THR I 5 -25.05 21.36 45.68
N ILE I 6 -25.94 22.05 44.98
CA ILE I 6 -26.51 21.52 43.75
C ILE I 6 -25.42 21.40 42.69
N GLU I 7 -24.53 22.38 42.68
CA GLU I 7 -23.42 22.36 41.73
C GLU I 7 -22.52 21.18 42.04
N THR I 8 -22.33 20.89 43.32
CA THR I 8 -21.50 19.77 43.74
C THR I 8 -22.17 18.48 43.29
N HIS I 9 -23.47 18.37 43.53
CA HIS I 9 -24.24 17.20 43.13
C HIS I 9 -24.12 16.97 41.64
N THR I 10 -24.22 18.05 40.86
CA THR I 10 -24.10 17.95 39.41
C THR I 10 -22.77 17.29 39.04
N ASP I 11 -21.69 17.74 39.66
CA ASP I 11 -20.38 17.18 39.39
C ASP I 11 -20.26 15.72 39.84
N ASN I 12 -20.77 15.42 41.03
CA ASN I 12 -20.70 14.06 41.55
C ASN I 12 -21.53 13.07 40.76
N ILE I 13 -22.70 13.51 40.31
CA ILE I 13 -23.58 12.65 39.52
C ILE I 13 -22.85 12.32 38.22
N GLU I 14 -22.19 13.33 37.66
CA GLU I 14 -21.44 13.14 36.43
C GLU I 14 -20.33 12.13 36.66
N THR I 15 -19.58 12.28 37.74
CA THR I 15 -18.50 11.35 38.04
C THR I 15 -19.02 9.93 38.25
N ASN I 16 -20.27 9.80 38.65
CA ASN I 16 -20.87 8.48 38.86
C ASN I 16 -21.42 7.83 37.58
N MET I 17 -21.28 8.49 36.44
CA MET I 17 -21.78 7.91 35.18
C MET I 17 -20.87 6.75 34.76
N ASP I 18 -21.46 5.54 34.77
CA ASP I 18 -20.81 4.25 34.43
C ASP I 18 -21.58 3.62 33.27
N GLU I 19 -20.91 2.83 32.44
CA GLU I 19 -21.61 2.16 31.35
C GLU I 19 -20.82 1.03 30.68
N ASN I 20 -21.47 -0.12 30.55
CA ASN I 20 -20.87 -1.28 29.88
C ASN I 20 -21.52 -1.32 28.51
N LEU I 21 -20.84 -0.78 27.52
CA LEU I 21 -21.35 -0.73 26.15
C LEU I 21 -21.27 -2.10 25.47
N ARG I 22 -22.40 -2.57 24.94
CA ARG I 22 -22.40 -3.86 24.26
C ARG I 22 -22.29 -3.67 22.75
N ILE I 23 -21.20 -4.16 22.18
CA ILE I 23 -20.97 -4.05 20.75
C ILE I 23 -20.89 -5.43 20.11
N PRO I 24 -21.91 -5.82 19.34
CA PRO I 24 -21.86 -7.14 18.70
C PRO I 24 -20.71 -7.14 17.70
N VAL I 25 -19.93 -8.21 17.69
CA VAL I 25 -18.80 -8.30 16.79
C VAL I 25 -18.65 -9.66 16.12
N THR I 26 -17.95 -9.68 15.01
CA THR I 26 -17.70 -10.91 14.28
C THR I 26 -16.20 -11.12 14.11
N ALA I 27 -15.70 -12.23 14.63
CA ALA I 27 -14.30 -12.58 14.49
C ALA I 27 -14.20 -13.07 13.06
N GLU I 28 -13.67 -12.24 12.17
CA GLU I 28 -13.57 -12.65 10.78
C GLU I 28 -12.42 -13.59 10.54
N VAL I 29 -12.77 -14.85 10.32
CA VAL I 29 -11.82 -15.91 10.08
C VAL I 29 -10.76 -15.52 9.06
N GLY I 30 -9.50 -15.67 9.46
CA GLY I 30 -8.40 -15.34 8.58
C GLY I 30 -8.01 -13.88 8.50
N SER I 31 -8.58 -13.03 9.36
CA SER I 31 -8.26 -11.62 9.33
C SER I 31 -7.56 -11.12 10.60
N GLY I 32 -7.75 -11.84 11.70
CA GLY I 32 -7.14 -11.40 12.94
C GLY I 32 -7.87 -10.21 13.53
N TYR I 33 -9.07 -9.93 13.03
CA TYR I 33 -9.85 -8.80 13.54
C TYR I 33 -11.29 -9.12 13.90
N PHE I 34 -11.79 -8.39 14.90
CA PHE I 34 -13.17 -8.47 15.33
C PHE I 34 -13.83 -7.34 14.52
N LYS I 35 -14.82 -7.67 13.70
CA LYS I 35 -15.48 -6.65 12.90
C LYS I 35 -16.78 -6.17 13.56
N MET I 36 -17.02 -4.87 13.54
CA MET I 36 -18.27 -4.34 14.09
C MET I 36 -19.05 -3.67 12.97
N THR I 37 -20.38 -3.69 13.10
CA THR I 37 -21.26 -3.11 12.09
C THR I 37 -21.74 -1.72 12.48
N ASP I 38 -21.80 -0.82 11.49
CA ASP I 38 -22.25 0.54 11.71
C ASP I 38 -23.62 0.49 12.39
N VAL I 39 -23.75 1.22 13.49
CA VAL I 39 -25.00 1.27 14.24
C VAL I 39 -25.11 2.60 14.98
N SER I 40 -26.33 2.94 15.36
CA SER I 40 -26.60 4.18 16.09
C SER I 40 -27.56 3.85 17.21
N PHE I 41 -27.18 4.18 18.45
CA PHE I 41 -28.05 3.90 19.59
C PHE I 41 -27.93 4.95 20.69
N ASP I 42 -28.90 4.91 21.60
CA ASP I 42 -28.93 5.87 22.70
C ASP I 42 -28.77 5.19 24.06
N SER I 43 -27.86 5.72 24.86
CA SER I 43 -27.59 5.21 26.19
C SER I 43 -28.13 6.21 27.20
N ASP I 44 -28.86 5.73 28.20
CA ASP I 44 -29.40 6.64 29.21
C ASP I 44 -28.28 7.38 29.90
N THR I 45 -27.10 6.76 29.93
CA THR I 45 -25.95 7.38 30.58
C THR I 45 -25.05 8.17 29.65
N LEU I 46 -24.62 7.55 28.55
CA LEU I 46 -23.70 8.19 27.61
C LEU I 46 -24.31 9.03 26.49
N GLY I 47 -25.60 8.87 26.24
CA GLY I 47 -26.23 9.63 25.16
C GLY I 47 -26.21 8.92 23.81
N LYS I 48 -26.10 9.70 22.74
CA LYS I 48 -26.08 9.15 21.38
C LYS I 48 -24.72 8.59 21.00
N ILE I 49 -24.69 7.31 20.67
CA ILE I 49 -23.46 6.65 20.27
C ILE I 49 -23.60 6.09 18.86
N LYS I 50 -22.57 6.30 18.04
CA LYS I 50 -22.58 5.81 16.67
C LYS I 50 -21.29 5.09 16.32
N ILE I 51 -21.42 3.89 15.77
CA ILE I 51 -20.27 3.12 15.32
C ILE I 51 -20.19 3.41 13.83
N ARG I 52 -19.05 3.91 13.39
CA ARG I 52 -18.85 4.26 11.98
C ARG I 52 -17.52 3.76 11.44
N ASN I 53 -17.60 2.74 10.60
CA ASN I 53 -16.43 2.14 9.97
C ASN I 53 -15.79 3.07 8.95
N GLY I 54 -14.47 2.93 8.78
CA GLY I 54 -13.73 3.70 7.79
C GLY I 54 -13.62 5.21 7.91
N LYS I 55 -13.90 5.77 9.08
CA LYS I 55 -13.80 7.22 9.24
C LYS I 55 -12.45 7.70 9.74
N SER I 56 -11.97 8.80 9.16
CA SER I 56 -10.71 9.41 9.59
C SER I 56 -11.14 10.23 10.81
N ASP I 57 -10.19 10.71 11.60
CA ASP I 57 -10.53 11.51 12.76
C ASP I 57 -11.43 12.70 12.40
N ALA I 58 -11.09 13.40 11.33
CA ALA I 58 -11.87 14.56 10.90
C ALA I 58 -13.31 14.16 10.57
N GLN I 59 -13.47 13.06 9.85
CA GLN I 59 -14.80 12.58 9.49
C GLN I 59 -15.64 12.21 10.70
N MET I 60 -14.99 11.65 11.73
CA MET I 60 -15.71 11.27 12.94
C MET I 60 -16.40 12.50 13.55
N LYS I 61 -15.68 13.62 13.59
CA LYS I 61 -16.19 14.85 14.17
C LYS I 61 -17.35 15.48 13.41
N GLU I 62 -17.69 14.95 12.23
CA GLU I 62 -18.78 15.49 11.44
C GLU I 62 -20.09 14.81 11.84
N GLU I 63 -19.95 13.71 12.56
CA GLU I 63 -21.10 12.93 12.99
C GLU I 63 -21.87 13.63 14.10
N ASP I 64 -23.19 13.47 14.10
CA ASP I 64 -24.03 14.07 15.13
C ASP I 64 -24.25 13.05 16.24
N ALA I 65 -23.36 13.05 17.23
CA ALA I 65 -23.46 12.12 18.34
C ALA I 65 -22.59 12.57 19.50
N ASP I 66 -22.80 11.96 20.65
CA ASP I 66 -22.04 12.29 21.84
C ASP I 66 -20.72 11.54 21.77
N LEU I 67 -20.77 10.32 21.24
CA LEU I 67 -19.57 9.50 21.09
C LEU I 67 -19.59 8.79 19.75
N VAL I 68 -18.45 8.80 19.06
CA VAL I 68 -18.33 8.09 17.80
C VAL I 68 -17.25 7.03 17.95
N ILE I 69 -17.56 5.80 17.56
CA ILE I 69 -16.64 4.68 17.67
C ILE I 69 -16.27 4.18 16.28
N THR I 70 -14.97 4.09 16.01
CA THR I 70 -14.49 3.65 14.71
C THR I 70 -13.38 2.61 14.88
N PRO I 71 -13.61 1.39 14.40
CA PRO I 71 -12.58 0.35 14.52
C PRO I 71 -11.35 0.71 13.72
N VAL I 72 -10.19 0.28 14.21
CA VAL I 72 -8.93 0.56 13.53
C VAL I 72 -8.17 -0.72 13.20
N GLU I 73 -7.89 -0.92 11.91
CA GLU I 73 -7.15 -2.08 11.45
C GLU I 73 -5.69 -1.67 11.37
N GLY I 74 -5.08 -1.41 12.52
CA GLY I 74 -3.69 -1.00 12.53
C GLY I 74 -2.72 -2.02 13.10
N ARG I 75 -3.20 -3.26 13.27
CA ARG I 75 -2.39 -4.35 13.80
C ARG I 75 -1.65 -3.92 15.07
N ALA I 76 -2.38 -3.39 16.04
CA ALA I 76 -1.79 -2.97 17.31
C ALA I 76 -1.51 -4.22 18.14
N LEU I 77 -1.97 -5.35 17.64
CA LEU I 77 -1.77 -6.65 18.28
C LEU I 77 -1.08 -7.58 17.29
N GLU I 78 0.01 -8.19 17.73
CA GLU I 78 0.77 -9.12 16.90
C GLU I 78 0.00 -10.43 16.79
N VAL I 79 -0.24 -10.90 15.56
CA VAL I 79 -1.00 -12.12 15.36
C VAL I 79 -0.61 -12.88 14.09
N THR I 80 -0.77 -14.20 14.12
CA THR I 80 -0.52 -15.05 12.95
C THR I 80 -1.94 -15.36 12.46
N VAL I 81 -2.41 -14.53 11.53
CA VAL I 81 -3.74 -14.60 10.96
C VAL I 81 -4.33 -15.98 10.64
N GLY I 82 -3.51 -16.87 10.08
CA GLY I 82 -4.01 -18.19 9.74
C GLY I 82 -4.34 -19.11 10.91
N GLN I 83 -3.88 -18.76 12.11
CA GLN I 83 -4.16 -19.61 13.28
C GLN I 83 -5.55 -19.41 13.86
N ASN I 84 -6.10 -18.21 13.67
CA ASN I 84 -7.44 -17.89 14.17
C ASN I 84 -7.60 -18.12 15.68
N LEU I 85 -6.57 -17.75 16.43
CA LEU I 85 -6.57 -17.88 17.89
C LEU I 85 -6.71 -16.52 18.56
N THR I 86 -6.09 -15.51 17.96
CA THR I 86 -6.14 -14.16 18.53
C THR I 86 -6.76 -13.15 17.58
N PHE I 87 -7.75 -12.41 18.07
CA PHE I 87 -8.42 -11.39 17.27
C PHE I 87 -8.35 -10.02 17.94
N GLU I 88 -8.14 -8.99 17.12
CA GLU I 88 -8.02 -7.62 17.60
C GLU I 88 -9.32 -6.82 17.43
N GLY I 89 -9.72 -6.10 18.48
CA GLY I 89 -10.94 -5.32 18.41
C GLY I 89 -10.68 -3.84 18.59
N THR I 90 -9.41 -3.45 18.46
CA THR I 90 -8.99 -2.05 18.61
C THR I 90 -9.91 -1.07 17.87
N PHE I 91 -10.26 0.00 18.56
CA PHE I 91 -11.12 1.04 17.98
C PHE I 91 -10.76 2.37 18.60
N LYS I 92 -11.11 3.44 17.91
CA LYS I 92 -10.84 4.77 18.43
C LYS I 92 -12.20 5.43 18.68
N VAL I 93 -12.21 6.43 19.55
CA VAL I 93 -13.47 7.11 19.83
C VAL I 93 -13.30 8.61 19.97
N TRP I 94 -14.26 9.33 19.38
CA TRP I 94 -14.25 10.78 19.44
C TRP I 94 -15.16 11.17 20.60
N ASN I 95 -14.60 11.89 21.57
CA ASN I 95 -15.35 12.32 22.74
C ASN I 95 -15.99 13.68 22.49
N ASN I 96 -17.23 13.68 22.01
CA ASN I 96 -17.96 14.92 21.73
C ASN I 96 -18.76 15.29 22.97
N THR I 97 -18.17 15.08 24.15
CA THR I 97 -18.83 15.37 25.42
C THR I 97 -18.07 16.42 26.20
N SER I 98 -18.75 17.06 27.15
CA SER I 98 -18.17 18.11 27.97
C SER I 98 -17.23 17.65 29.09
N ARG I 99 -16.85 16.38 29.07
CA ARG I 99 -15.94 15.89 30.10
C ARG I 99 -15.08 14.73 29.64
N LYS I 100 -13.84 14.68 30.15
CA LYS I 100 -12.89 13.63 29.83
C LYS I 100 -13.55 12.28 30.10
N ILE I 101 -13.45 11.37 29.15
CA ILE I 101 -14.07 10.07 29.31
C ILE I 101 -13.00 8.99 29.36
N ASN I 102 -13.29 7.90 30.07
CA ASN I 102 -12.31 6.82 30.21
C ASN I 102 -12.82 5.44 29.75
N ILE I 103 -12.03 4.76 28.93
CA ILE I 103 -12.39 3.43 28.45
C ILE I 103 -11.41 2.54 29.21
N THR I 104 -11.93 1.81 30.19
CA THR I 104 -11.05 1.02 31.05
C THR I 104 -11.27 -0.48 31.19
N GLY I 105 -12.02 -1.09 30.27
CA GLY I 105 -12.23 -2.51 30.38
C GLY I 105 -12.93 -3.11 29.18
N MET I 106 -12.73 -4.41 28.97
CA MET I 106 -13.34 -5.11 27.85
C MET I 106 -13.45 -6.59 28.16
N GLN I 107 -14.57 -7.18 27.78
CA GLN I 107 -14.81 -8.61 27.95
C GLN I 107 -15.47 -9.10 26.67
N MET I 108 -15.02 -10.26 26.16
CA MET I 108 -15.58 -10.84 24.94
C MET I 108 -16.46 -12.03 25.26
N VAL I 109 -17.77 -11.85 25.09
CA VAL I 109 -18.73 -12.91 25.41
C VAL I 109 -19.22 -13.67 24.18
N PRO I 110 -19.03 -15.00 24.17
CA PRO I 110 -19.45 -15.85 23.05
C PRO I 110 -20.97 -15.79 22.91
N LYS I 111 -21.46 -15.58 21.70
CA LYS I 111 -22.90 -15.51 21.49
C LYS I 111 -23.56 -16.89 21.47
N ILE I 112 -24.66 -17.02 22.21
CA ILE I 112 -25.38 -18.30 22.25
C ILE I 112 -26.11 -18.42 20.91
N ASN I 113 -25.88 -19.51 20.19
CA ASN I 113 -26.52 -19.69 18.89
C ASN I 113 -27.96 -20.24 19.00
N PRO I 114 -28.65 -20.35 17.86
CA PRO I 114 -30.03 -20.86 17.85
C PRO I 114 -30.15 -22.27 18.41
N SER I 115 -29.05 -23.03 18.35
CA SER I 115 -29.05 -24.39 18.87
C SER I 115 -28.72 -24.41 20.36
N LYS I 116 -28.71 -23.22 20.95
CA LYS I 116 -28.44 -23.08 22.39
C LYS I 116 -27.04 -23.48 22.83
N ALA I 117 -26.06 -23.28 21.96
CA ALA I 117 -24.67 -23.63 22.29
C ALA I 117 -23.82 -22.37 22.13
N PHE I 118 -22.63 -22.38 22.74
CA PHE I 118 -21.72 -21.26 22.64
C PHE I 118 -20.28 -21.75 22.78
N VAL I 119 -19.34 -21.02 22.16
CA VAL I 119 -17.93 -21.41 22.22
C VAL I 119 -17.45 -21.27 23.66
N GLY I 120 -17.10 -22.39 24.28
CA GLY I 120 -16.65 -22.36 25.66
C GLY I 120 -15.19 -22.65 25.94
N SER I 121 -14.31 -22.45 24.96
CA SER I 121 -12.89 -22.70 25.18
C SER I 121 -12.34 -21.52 26.00
N SER I 122 -11.08 -21.60 26.41
CA SER I 122 -10.48 -20.51 27.18
C SER I 122 -10.67 -19.24 26.37
N ASN I 123 -10.91 -18.16 27.08
CA ASN I 123 -11.19 -16.85 26.51
C ASN I 123 -10.48 -15.82 27.37
N THR I 124 -9.38 -15.26 26.86
CA THR I 124 -8.59 -14.29 27.61
C THR I 124 -8.38 -12.99 26.84
N SER I 125 -8.96 -11.91 27.34
CA SER I 125 -8.84 -10.61 26.68
C SER I 125 -7.80 -9.70 27.34
N SER I 126 -7.29 -8.76 26.55
CA SER I 126 -6.33 -7.80 27.05
C SER I 126 -6.68 -6.47 26.40
N PHE I 127 -6.25 -5.38 27.00
CA PHE I 127 -6.54 -4.06 26.47
C PHE I 127 -5.66 -3.03 27.15
N THR I 128 -5.62 -1.83 26.59
CA THR I 128 -4.83 -0.74 27.15
C THR I 128 -5.79 0.41 27.40
N PRO I 129 -6.13 0.66 28.68
CA PRO I 129 -7.05 1.75 29.04
C PRO I 129 -6.62 3.06 28.41
N VAL I 130 -7.57 3.92 28.12
CA VAL I 130 -7.28 5.21 27.53
C VAL I 130 -8.27 6.25 28.04
N SER I 131 -7.78 7.45 28.27
CA SER I 131 -8.63 8.55 28.71
C SER I 131 -8.65 9.54 27.55
N ILE I 132 -9.83 10.03 27.20
CA ILE I 132 -9.97 10.93 26.07
C ILE I 132 -10.60 12.26 26.48
N ASP I 133 -9.86 13.34 26.27
CA ASP I 133 -10.33 14.67 26.64
C ASP I 133 -11.43 15.16 25.69
N GLU I 134 -12.10 16.22 26.09
CA GLU I 134 -13.17 16.81 25.29
C GLU I 134 -12.73 17.07 23.85
N ASP I 135 -13.54 16.62 22.91
CA ASP I 135 -13.31 16.77 21.48
C ASP I 135 -12.13 15.98 20.91
N GLU I 136 -11.38 15.29 21.77
CA GLU I 136 -10.23 14.51 21.29
C GLU I 136 -10.65 13.14 20.77
N VAL I 137 -9.73 12.48 20.07
CA VAL I 137 -9.95 11.15 19.54
C VAL I 137 -8.86 10.26 20.14
N GLY I 138 -9.27 9.21 20.86
CA GLY I 138 -8.31 8.31 21.47
C GLY I 138 -8.50 6.88 21.00
N THR I 139 -7.44 6.08 21.06
CA THR I 139 -7.54 4.70 20.63
C THR I 139 -7.49 3.73 21.79
N PHE I 140 -8.41 2.76 21.77
CA PHE I 140 -8.50 1.73 22.80
C PHE I 140 -8.05 0.40 22.19
N VAL I 141 -6.78 0.06 22.39
CA VAL I 141 -6.23 -1.19 21.87
C VAL I 141 -6.79 -2.33 22.71
N CYS I 142 -7.32 -3.37 22.05
CA CYS I 142 -7.88 -4.51 22.76
C CYS I 142 -7.94 -5.74 21.86
N GLY I 143 -8.03 -6.90 22.48
CA GLY I 143 -8.10 -8.13 21.72
C GLY I 143 -8.36 -9.32 22.61
N THR I 144 -8.54 -10.48 22.01
CA THR I 144 -8.82 -11.70 22.75
C THR I 144 -8.11 -12.90 22.14
N THR I 145 -7.62 -13.79 23.01
CA THR I 145 -6.98 -15.01 22.56
C THR I 145 -7.83 -16.17 23.04
N PHE I 146 -8.16 -17.09 22.14
CA PHE I 146 -8.99 -18.23 22.48
C PHE I 146 -8.17 -19.52 22.57
N GLY I 147 -8.68 -20.48 23.35
CA GLY I 147 -7.98 -21.75 23.55
C GLY I 147 -8.06 -22.71 22.38
N ALA I 148 -8.93 -22.42 21.42
CA ALA I 148 -9.09 -23.26 20.23
C ALA I 148 -9.37 -22.31 19.06
N PRO I 149 -9.03 -22.72 17.83
CA PRO I 149 -9.25 -21.88 16.64
C PRO I 149 -10.72 -21.49 16.48
N ILE I 150 -10.95 -20.24 16.10
CA ILE I 150 -12.30 -19.75 15.87
C ILE I 150 -12.74 -20.12 14.45
N ALA I 151 -13.99 -20.55 14.33
CA ALA I 151 -14.56 -20.92 13.03
C ALA I 151 -15.97 -20.34 12.97
N ALA I 152 -16.44 -20.04 11.77
CA ALA I 152 -17.78 -19.46 11.58
C ALA I 152 -18.89 -20.48 11.79
N THR I 153 -18.54 -21.76 11.73
CA THR I 153 -19.50 -22.84 11.92
C THR I 153 -20.32 -22.64 13.19
N ALA I 154 -21.62 -22.88 13.09
CA ALA I 154 -22.53 -22.76 14.21
C ALA I 154 -22.46 -21.41 14.92
N GLY I 155 -22.17 -20.36 14.17
CA GLY I 155 -22.08 -19.02 14.73
C GLY I 155 -20.94 -18.91 15.72
N GLY I 156 -19.94 -19.77 15.56
CA GLY I 156 -18.80 -19.79 16.47
C GLY I 156 -17.87 -18.59 16.43
N ASN I 157 -18.11 -17.66 15.51
CA ASN I 157 -17.28 -16.47 15.41
C ASN I 157 -18.05 -15.21 15.79
N LEU I 158 -19.20 -15.40 16.43
CA LEU I 158 -20.05 -14.29 16.85
C LEU I 158 -19.90 -14.02 18.35
N PHE I 159 -19.69 -12.76 18.70
CA PHE I 159 -19.51 -12.37 20.08
C PHE I 159 -20.16 -11.02 20.38
N ASP I 160 -20.25 -10.71 21.67
CA ASP I 160 -20.76 -9.43 22.12
C ASP I 160 -19.59 -8.86 22.92
N MET I 161 -19.01 -7.78 22.42
CA MET I 161 -17.90 -7.14 23.12
C MET I 161 -18.44 -6.08 24.07
N TYR I 162 -18.14 -6.23 25.35
CA TYR I 162 -18.59 -5.27 26.34
C TYR I 162 -17.43 -4.37 26.70
N VAL I 163 -17.60 -3.06 26.51
CA VAL I 163 -16.55 -2.12 26.84
C VAL I 163 -16.98 -1.23 28.00
N HIS I 164 -16.18 -1.18 29.05
CA HIS I 164 -16.51 -0.37 30.21
C HIS I 164 -16.08 1.09 30.00
N VAL I 165 -17.05 2.00 30.09
CA VAL I 165 -16.80 3.41 29.90
C VAL I 165 -17.18 4.16 31.17
N THR I 166 -16.33 5.07 31.61
CA THR I 166 -16.62 5.82 32.82
C THR I 166 -16.10 7.25 32.81
N TYR I 167 -16.85 8.14 33.46
CA TYR I 167 -16.43 9.54 33.54
C TYR I 167 -15.65 9.79 34.83
N SER I 168 -15.48 8.76 35.65
CA SER I 168 -14.72 8.92 36.88
C SER I 168 -13.32 9.41 36.52
N GLY I 169 -12.37 8.51 36.37
CA GLY I 169 -11.03 8.94 36.01
C GLY I 169 -10.07 8.96 37.19
N THR I 170 -8.83 8.56 36.93
CA THR I 170 -7.81 8.52 37.97
C THR I 170 -6.50 9.17 37.52
N THR J 1 60.54 26.93 13.85
CA THR J 1 61.44 27.02 15.04
C THR J 1 61.07 25.92 16.05
N VAL J 2 62.08 25.45 16.79
CA VAL J 2 61.89 24.42 17.79
C VAL J 2 60.96 24.89 18.89
N THR J 3 61.21 26.10 19.37
CA THR J 3 60.42 26.70 20.45
C THR J 3 58.92 26.65 20.21
N LYS J 4 58.49 27.09 19.03
CA LYS J 4 57.07 27.11 18.75
C LYS J 4 56.48 25.72 18.54
N THR J 5 57.23 24.81 17.95
CA THR J 5 56.74 23.44 17.75
C THR J 5 56.52 22.80 19.11
N ILE J 6 57.49 22.96 20.01
CA ILE J 6 57.39 22.44 21.36
C ILE J 6 56.15 23.01 22.05
N GLU J 7 55.92 24.30 21.86
CA GLU J 7 54.76 24.97 22.45
C GLU J 7 53.47 24.37 21.90
N THR J 8 53.49 24.06 20.60
CA THR J 8 52.34 23.48 19.95
C THR J 8 52.09 22.10 20.52
N HIS J 9 53.16 21.33 20.68
CA HIS J 9 53.09 19.97 21.21
C HIS J 9 52.43 20.01 22.59
N THR J 10 52.81 20.99 23.39
CA THR J 10 52.25 21.13 24.74
C THR J 10 50.73 21.25 24.68
N ASP J 11 50.24 22.15 23.85
CA ASP J 11 48.79 22.32 23.73
C ASP J 11 48.13 21.07 23.15
N ASN J 12 48.76 20.46 22.15
CA ASN J 12 48.20 19.25 21.54
C ASN J 12 48.16 18.10 22.54
N ILE J 13 49.14 18.05 23.44
CA ILE J 13 49.16 17.00 24.44
C ILE J 13 47.99 17.21 25.42
N GLU J 14 47.79 18.44 25.86
CA GLU J 14 46.70 18.67 26.79
C GLU J 14 45.35 18.44 26.11
N THR J 15 45.25 18.76 24.81
CA THR J 15 43.99 18.52 24.11
C THR J 15 43.72 17.02 24.06
N ASN J 16 44.78 16.22 24.07
CA ASN J 16 44.65 14.76 24.01
C ASN J 16 44.39 14.08 25.36
N MET J 17 44.33 14.84 26.44
CA MET J 17 44.07 14.22 27.73
C MET J 17 42.65 13.63 27.69
N ASP J 18 42.58 12.28 27.65
CA ASP J 18 41.35 11.43 27.59
C ASP J 18 41.12 10.85 29.00
N GLU J 19 39.87 10.64 29.42
CA GLU J 19 39.65 10.03 30.73
C GLU J 19 38.23 9.55 31.07
N ASN J 20 38.08 8.23 31.20
CA ASN J 20 36.79 7.63 31.58
C ASN J 20 36.89 7.33 33.06
N LEU J 21 36.39 8.24 33.88
CA LEU J 21 36.44 8.09 35.33
C LEU J 21 35.41 7.09 35.84
N ARG J 22 35.81 6.25 36.79
CA ARG J 22 34.92 5.24 37.36
C ARG J 22 34.44 5.66 38.74
N ILE J 23 33.13 5.83 38.88
CA ILE J 23 32.58 6.22 40.16
C ILE J 23 31.57 5.20 40.67
N PRO J 24 31.92 4.50 41.76
CA PRO J 24 30.95 3.53 42.26
C PRO J 24 29.73 4.30 42.74
N VAL J 25 28.55 3.75 42.48
CA VAL J 25 27.32 4.42 42.87
C VAL J 25 26.24 3.44 43.35
N THR J 26 25.36 3.94 44.21
CA THR J 26 24.25 3.15 44.75
C THR J 26 22.93 3.81 44.36
N ALA J 27 22.06 3.06 43.70
CA ALA J 27 20.74 3.55 43.31
C ALA J 27 19.87 3.35 44.55
N GLU J 28 19.78 4.38 45.37
CA GLU J 28 19.02 4.32 46.62
C GLU J 28 17.53 4.14 46.37
N VAL J 29 17.08 2.89 46.46
CA VAL J 29 15.69 2.55 46.26
C VAL J 29 14.74 3.56 46.86
N GLY J 30 13.77 3.99 46.06
CA GLY J 30 12.78 4.95 46.52
C GLY J 30 13.24 6.40 46.58
N SER J 31 14.46 6.68 46.12
CA SER J 31 14.97 8.06 46.16
C SER J 31 15.08 8.70 44.78
N GLY J 32 15.14 7.88 43.75
CA GLY J 32 15.27 8.42 42.39
C GLY J 32 16.69 8.94 42.14
N TYR J 33 17.61 8.64 43.05
CA TYR J 33 19.00 9.11 42.88
C TYR J 33 20.09 8.06 43.01
N PHE J 34 21.14 8.25 42.22
CA PHE J 34 22.33 7.41 42.25
C PHE J 34 23.21 8.13 43.27
N LYS J 35 23.54 7.47 44.37
CA LYS J 35 24.37 8.12 45.40
C LYS J 35 25.85 7.75 45.28
N MET J 36 26.73 8.70 45.55
CA MET J 36 28.16 8.40 45.50
C MET J 36 28.80 8.74 46.85
N THR J 37 29.89 8.06 47.17
CA THR J 37 30.57 8.26 48.44
C THR J 37 31.81 9.13 48.31
N ASP J 38 31.98 10.00 49.29
CA ASP J 38 33.13 10.90 49.34
C ASP J 38 34.41 10.11 49.18
N VAL J 39 35.25 10.52 48.23
CA VAL J 39 36.50 9.84 47.98
C VAL J 39 37.54 10.83 47.48
N SER J 40 38.80 10.41 47.48
CA SER J 40 39.89 11.26 47.03
C SER J 40 40.88 10.38 46.31
N PHE J 41 41.06 10.61 45.02
CA PHE J 41 42.00 9.79 44.27
C PHE J 41 42.79 10.57 43.26
N ASP J 42 43.73 9.87 42.62
CA ASP J 42 44.60 10.49 41.64
C ASP J 42 44.56 9.79 40.29
N SER J 43 44.42 10.60 39.24
CA SER J 43 44.39 10.13 37.87
C SER J 43 45.67 10.60 37.19
N ASP J 44 46.36 9.71 36.48
CA ASP J 44 47.58 10.13 35.82
C ASP J 44 47.27 11.27 34.87
N THR J 45 46.04 11.31 34.36
CA THR J 45 45.63 12.34 33.42
C THR J 45 45.02 13.59 34.04
N LEU J 46 44.00 13.42 34.88
CA LEU J 46 43.31 14.57 35.46
C LEU J 46 43.89 15.12 36.76
N GLY J 47 44.66 14.29 37.47
CA GLY J 47 45.26 14.77 38.70
C GLY J 47 44.48 14.37 39.94
N LYS J 48 44.47 15.25 40.94
CA LYS J 48 43.78 14.98 42.19
C LYS J 48 42.27 15.22 42.08
N ILE J 49 41.49 14.17 42.29
CA ILE J 49 40.04 14.27 42.21
C ILE J 49 39.39 13.93 43.55
N LYS J 50 38.45 14.76 43.98
CA LYS J 50 37.76 14.52 45.24
C LYS J 50 36.24 14.63 45.09
N ILE J 51 35.54 13.63 45.59
CA ILE J 51 34.08 13.64 45.56
C ILE J 51 33.64 14.15 46.92
N ARG J 52 32.78 15.17 46.92
CA ARG J 52 32.29 15.76 48.15
C ARG J 52 30.81 16.07 48.09
N ASN J 53 30.03 15.32 48.85
CA ASN J 53 28.58 15.49 48.92
C ASN J 53 28.21 16.77 49.66
N GLY J 54 27.03 17.30 49.34
CA GLY J 54 26.50 18.49 49.98
C GLY J 54 27.27 19.79 50.01
N LYS J 55 28.08 20.06 49.00
CA LYS J 55 28.86 21.31 48.97
C LYS J 55 28.29 22.40 48.08
N SER J 56 28.46 23.64 48.51
CA SER J 56 28.04 24.78 47.71
C SER J 56 29.23 24.98 46.78
N ASP J 57 29.06 25.76 45.72
CA ASP J 57 30.19 26.00 44.82
C ASP J 57 31.37 26.55 45.63
N ALA J 58 31.09 27.52 46.51
CA ALA J 58 32.16 28.10 47.32
C ALA J 58 32.91 27.05 48.13
N GLN J 59 32.17 26.12 48.76
CA GLN J 59 32.81 25.08 49.55
C GLN J 59 33.68 24.14 48.71
N MET J 60 33.26 23.84 47.48
CA MET J 60 34.04 22.97 46.61
C MET J 60 35.39 23.64 46.33
N LYS J 61 35.36 24.95 46.20
CA LYS J 61 36.55 25.73 45.89
C LYS J 61 37.58 25.80 47.01
N GLU J 62 37.19 25.37 48.20
CA GLU J 62 38.09 25.37 49.36
C GLU J 62 38.91 24.10 49.34
N GLU J 63 38.44 23.12 48.59
CA GLU J 63 39.07 21.81 48.46
C GLU J 63 40.44 21.85 47.79
N ASP J 64 41.37 21.04 48.27
CA ASP J 64 42.71 20.98 47.70
C ASP J 64 42.76 19.87 46.66
N ALA J 65 42.43 20.21 45.41
CA ALA J 65 42.44 19.23 44.33
C ALA J 65 42.32 19.89 42.96
N ASP J 66 42.52 19.11 41.90
CA ASP J 66 42.42 19.62 40.55
C ASP J 66 40.96 19.66 40.09
N LEU J 67 40.17 18.67 40.51
CA LEU J 67 38.75 18.60 40.17
C LEU J 67 37.95 18.15 41.39
N VAL J 68 36.84 18.82 41.65
CA VAL J 68 35.98 18.43 42.77
C VAL J 68 34.64 18.05 42.15
N ILE J 69 34.10 16.92 42.58
CA ILE J 69 32.84 16.40 42.07
C ILE J 69 31.82 16.39 43.20
N THR J 70 30.66 17.02 42.96
CA THR J 70 29.61 17.09 43.98
C THR J 70 28.25 16.71 43.39
N PRO J 71 27.67 15.58 43.83
CA PRO J 71 26.36 15.23 43.28
C PRO J 71 25.33 16.30 43.62
N VAL J 72 24.33 16.45 42.77
CA VAL J 72 23.29 17.45 42.96
C VAL J 72 21.90 16.83 42.90
N GLU J 73 21.17 16.91 44.00
CA GLU J 73 19.82 16.39 44.04
C GLU J 73 18.91 17.60 43.82
N GLY J 74 18.68 17.92 42.55
CA GLY J 74 17.83 19.04 42.19
C GLY J 74 16.75 18.63 41.21
N ARG J 75 16.62 17.32 41.01
CA ARG J 75 15.63 16.75 40.11
C ARG J 75 15.77 17.31 38.68
N ALA J 76 16.97 17.23 38.13
CA ALA J 76 17.19 17.70 36.76
C ALA J 76 16.56 16.70 35.80
N LEU J 77 16.12 15.57 36.32
CA LEU J 77 15.48 14.55 35.50
C LEU J 77 14.13 14.20 36.12
N GLU J 78 13.09 14.21 35.28
CA GLU J 78 11.74 13.87 35.70
C GLU J 78 11.72 12.41 36.14
N VAL J 79 11.25 12.15 37.36
CA VAL J 79 11.22 10.77 37.85
C VAL J 79 10.08 10.48 38.83
N THR J 80 9.47 9.30 38.68
CA THR J 80 8.42 8.86 39.59
C THR J 80 9.16 7.95 40.55
N VAL J 81 9.73 8.56 41.59
CA VAL J 81 10.55 7.88 42.57
C VAL J 81 10.09 6.53 43.16
N GLY J 82 8.78 6.29 43.23
CA GLY J 82 8.32 5.03 43.79
C GLY J 82 8.45 3.81 42.88
N GLN J 83 8.64 4.06 41.59
CA GLN J 83 8.77 2.97 40.62
C GLN J 83 10.15 2.33 40.57
N ASN J 84 11.18 3.08 40.95
CA ASN J 84 12.54 2.56 40.93
C ASN J 84 12.97 2.09 39.53
N LEU J 85 12.53 2.81 38.50
CA LEU J 85 12.88 2.49 37.12
C LEU J 85 13.92 3.43 36.56
N THR J 86 13.85 4.69 36.97
CA THR J 86 14.79 5.70 36.48
C THR J 86 15.52 6.37 37.64
N PHE J 87 16.84 6.41 37.58
CA PHE J 87 17.63 7.03 38.65
C PHE J 87 18.54 8.13 38.08
N GLU J 88 18.63 9.24 38.81
CA GLU J 88 19.43 10.40 38.40
C GLU J 88 20.82 10.44 39.05
N GLY J 89 21.85 10.67 38.23
CA GLY J 89 23.21 10.73 38.73
C GLY J 89 23.86 12.10 38.57
N THR J 90 23.05 13.09 38.21
CA THR J 90 23.51 14.47 38.03
C THR J 90 24.51 14.92 39.10
N PHE J 91 25.60 15.53 38.64
CA PHE J 91 26.62 16.05 39.55
C PHE J 91 27.27 17.25 38.91
N LYS J 92 27.90 18.10 39.73
CA LYS J 92 28.57 19.27 39.21
C LYS J 92 30.05 19.13 39.51
N VAL J 93 30.90 19.83 38.76
CA VAL J 93 32.32 19.74 39.03
C VAL J 93 33.01 21.10 38.95
N TRP J 94 33.93 21.31 39.89
CA TRP J 94 34.70 22.54 39.93
C TRP J 94 35.98 22.24 39.17
N ASN J 95 36.24 23.00 38.12
CA ASN J 95 37.43 22.84 37.30
C ASN J 95 38.54 23.73 37.86
N ASN J 96 39.38 23.15 38.71
CA ASN J 96 40.49 23.89 39.30
C ASN J 96 41.72 23.72 38.43
N THR J 97 41.49 23.48 37.14
CA THR J 97 42.57 23.27 36.17
C THR J 97 42.73 24.49 35.25
N SER J 98 43.89 24.58 34.59
CA SER J 98 44.19 25.71 33.71
C SER J 98 43.56 25.67 32.31
N ARG J 99 42.72 24.67 32.04
CA ARG J 99 42.07 24.58 30.73
C ARG J 99 40.60 24.15 30.83
N LYS J 100 39.80 24.66 29.88
CA LYS J 100 38.38 24.34 29.82
C LYS J 100 38.25 22.82 29.71
N ILE J 101 37.45 22.23 30.60
CA ILE J 101 37.27 20.79 30.59
C ILE J 101 35.84 20.41 30.16
N ASN J 102 35.69 19.22 29.60
CA ASN J 102 34.39 18.76 29.12
C ASN J 102 33.94 17.40 29.66
N ILE J 103 32.70 17.32 30.15
CA ILE J 103 32.15 16.06 30.65
C ILE J 103 31.17 15.75 29.52
N THR J 104 31.47 14.70 28.76
CA THR J 104 30.66 14.40 27.59
C THR J 104 30.03 13.02 27.42
N GLY J 105 30.12 12.19 28.44
CA GLY J 105 29.54 10.86 28.34
C GLY J 105 29.38 10.18 29.68
N MET J 106 28.55 9.13 29.70
CA MET J 106 28.29 8.38 30.92
C MET J 106 27.67 7.04 30.56
N GLN J 107 28.07 6.02 31.32
CA GLN J 107 27.56 4.67 31.15
C GLN J 107 27.42 4.06 32.54
N MET J 108 26.28 3.43 32.80
CA MET J 108 26.00 2.82 34.10
C MET J 108 26.18 1.31 34.00
N VAL J 109 27.21 0.80 34.66
CA VAL J 109 27.51 -0.63 34.62
C VAL J 109 27.10 -1.39 35.86
N PRO J 110 26.24 -2.41 35.70
CA PRO J 110 25.77 -3.22 36.83
C PRO J 110 26.99 -3.88 37.48
N LYS J 111 27.05 -3.86 38.79
CA LYS J 111 28.19 -4.45 39.48
C LYS J 111 28.00 -5.93 39.77
N ILE J 112 29.00 -6.72 39.36
CA ILE J 112 28.99 -8.17 39.56
C ILE J 112 29.10 -8.43 41.05
N ASN J 113 28.12 -9.11 41.63
CA ASN J 113 28.12 -9.41 43.06
C ASN J 113 29.05 -10.58 43.40
N PRO J 114 29.25 -10.85 44.70
CA PRO J 114 30.13 -11.95 45.12
C PRO J 114 29.70 -13.30 44.53
N SER J 115 28.42 -13.41 44.18
CA SER J 115 27.90 -14.64 43.61
C SER J 115 28.06 -14.67 42.09
N LYS J 116 28.90 -13.78 41.57
CA LYS J 116 29.17 -13.71 40.14
C LYS J 116 27.96 -13.39 39.29
N ALA J 117 27.02 -12.66 39.87
CA ALA J 117 25.81 -12.26 39.15
C ALA J 117 25.69 -10.73 39.04
N PHE J 118 24.97 -10.28 38.02
CA PHE J 118 24.78 -8.85 37.80
C PHE J 118 23.41 -8.58 37.16
N VAL J 119 22.80 -7.44 37.51
CA VAL J 119 21.50 -7.09 36.96
C VAL J 119 21.63 -6.96 35.45
N GLY J 120 20.93 -7.83 34.73
CA GLY J 120 21.03 -7.80 33.27
C GLY J 120 19.87 -7.29 32.46
N SER J 121 18.98 -6.49 33.05
CA SER J 121 17.85 -5.96 32.30
C SER J 121 18.30 -4.84 31.38
N SER J 122 17.38 -4.31 30.58
CA SER J 122 17.71 -3.22 29.65
C SER J 122 18.30 -2.08 30.47
N ASN J 123 19.35 -1.47 29.92
CA ASN J 123 20.05 -0.37 30.59
C ASN J 123 20.23 0.77 29.60
N THR J 124 19.48 1.85 29.78
CA THR J 124 19.57 2.99 28.88
C THR J 124 19.85 4.31 29.62
N SER J 125 21.02 4.87 29.37
CA SER J 125 21.42 6.13 30.00
C SER J 125 21.24 7.33 29.08
N SER J 126 21.15 8.51 29.68
CA SER J 126 21.01 9.75 28.94
C SER J 126 21.79 10.80 29.74
N PHE J 127 22.25 11.84 29.06
CA PHE J 127 23.02 12.88 29.72
C PHE J 127 23.09 14.14 28.87
N THR J 128 23.60 15.21 29.46
CA THR J 128 23.73 16.49 28.75
C THR J 128 25.16 16.98 28.93
N PRO J 129 25.99 16.87 27.87
CA PRO J 129 27.38 17.31 27.93
C PRO J 129 27.51 18.72 28.47
N VAL J 130 28.62 19.00 29.14
CA VAL J 130 28.86 20.31 29.70
C VAL J 130 30.33 20.69 29.58
N SER J 131 30.57 21.97 29.29
CA SER J 131 31.93 22.49 29.16
C SER J 131 32.13 23.36 30.40
N ILE J 132 33.27 23.18 31.07
CA ILE J 132 33.53 23.93 32.29
C ILE J 132 34.85 24.67 32.20
N ASP J 133 34.76 26.00 32.15
CA ASP J 133 35.94 26.84 32.07
C ASP J 133 36.69 26.87 33.40
N GLU J 134 37.93 27.37 33.36
CA GLU J 134 38.76 27.47 34.55
C GLU J 134 38.02 28.07 35.73
N ASP J 135 38.08 27.39 36.87
CA ASP J 135 37.44 27.85 38.09
C ASP J 135 35.92 27.83 38.11
N GLU J 136 35.30 27.48 36.99
CA GLU J 136 33.84 27.42 36.95
C GLU J 136 33.32 26.13 37.56
N VAL J 137 32.03 26.11 37.89
CA VAL J 137 31.42 24.90 38.43
C VAL J 137 30.24 24.65 37.50
N GLY J 138 30.36 23.62 36.67
CA GLY J 138 29.33 23.27 35.72
C GLY J 138 28.66 21.94 36.06
N THR J 139 27.36 21.85 35.80
CA THR J 139 26.62 20.62 36.11
C THR J 139 26.49 19.67 34.94
N PHE J 140 26.59 18.38 35.23
CA PHE J 140 26.47 17.34 34.23
C PHE J 140 25.21 16.54 34.58
N VAL J 141 24.11 16.86 33.91
CA VAL J 141 22.85 16.16 34.12
C VAL J 141 22.99 14.76 33.51
N CYS J 142 22.63 13.73 34.25
CA CYS J 142 22.70 12.36 33.72
C CYS J 142 21.82 11.42 34.52
N GLY J 143 21.45 10.30 33.91
CA GLY J 143 20.60 9.34 34.60
C GLY J 143 20.43 8.07 33.79
N THR J 144 19.74 7.09 34.37
CA THR J 144 19.54 5.82 33.69
C THR J 144 18.17 5.20 33.97
N THR J 145 17.58 4.62 32.92
CA THR J 145 16.28 3.97 33.04
C THR J 145 16.47 2.48 32.78
N PHE J 146 16.04 1.65 33.73
CA PHE J 146 16.17 0.20 33.60
C PHE J 146 14.85 -0.45 33.18
N GLY J 147 14.93 -1.58 32.48
CA GLY J 147 13.75 -2.29 32.03
C GLY J 147 12.91 -2.87 33.14
N ALA J 148 13.57 -3.26 34.24
CA ALA J 148 12.89 -3.83 35.38
C ALA J 148 13.21 -2.94 36.57
N PRO J 149 12.40 -2.99 37.62
CA PRO J 149 12.64 -2.15 38.81
C PRO J 149 13.90 -2.57 39.56
N ILE J 150 14.68 -1.58 40.00
CA ILE J 150 15.91 -1.83 40.74
C ILE J 150 15.56 -2.20 42.19
N ALA J 151 16.33 -3.12 42.77
CA ALA J 151 16.13 -3.56 44.15
C ALA J 151 17.46 -3.77 44.84
N ALA J 152 17.47 -3.66 46.16
CA ALA J 152 18.68 -3.84 46.93
C ALA J 152 19.10 -5.31 46.99
N THR J 153 18.15 -6.20 46.72
CA THR J 153 18.41 -7.64 46.74
C THR J 153 19.59 -8.08 45.90
N ALA J 154 20.50 -8.83 46.50
CA ALA J 154 21.69 -9.34 45.83
C ALA J 154 22.52 -8.21 45.23
N GLY J 155 22.71 -7.15 46.01
CA GLY J 155 23.49 -6.02 45.53
C GLY J 155 22.93 -5.47 44.22
N GLY J 156 21.63 -5.66 44.01
CA GLY J 156 20.99 -5.21 42.79
C GLY J 156 20.99 -3.71 42.53
N ASN J 157 21.27 -2.90 43.55
CA ASN J 157 21.28 -1.46 43.37
C ASN J 157 22.70 -0.85 43.35
N LEU J 158 23.69 -1.69 43.04
CA LEU J 158 25.07 -1.22 42.98
C LEU J 158 25.54 -1.16 41.53
N PHE J 159 26.25 -0.09 41.20
CA PHE J 159 26.74 0.14 39.85
C PHE J 159 28.08 0.87 39.88
N ASP J 160 28.73 0.92 38.72
CA ASP J 160 29.98 1.63 38.56
C ASP J 160 29.67 2.63 37.45
N MET J 161 29.61 3.92 37.79
CA MET J 161 29.32 4.94 36.79
C MET J 161 30.59 5.40 36.09
N TYR J 162 30.60 5.27 34.78
CA TYR J 162 31.75 5.69 33.98
C TYR J 162 31.43 6.97 33.24
N VAL J 163 32.11 8.06 33.62
CA VAL J 163 31.88 9.34 32.96
C VAL J 163 33.14 9.71 32.18
N HIS J 164 32.93 10.12 30.93
CA HIS J 164 34.02 10.50 30.04
C HIS J 164 34.35 11.99 30.17
N VAL J 165 35.59 12.26 30.53
CA VAL J 165 36.08 13.62 30.70
C VAL J 165 37.20 13.86 29.69
N THR J 166 37.14 14.98 28.98
CA THR J 166 38.16 15.30 27.99
C THR J 166 38.41 16.79 27.84
N TYR J 167 39.67 17.17 27.64
CA TYR J 167 40.06 18.56 27.46
C TYR J 167 39.97 18.99 26.01
N SER J 168 39.44 18.12 25.16
CA SER J 168 39.35 18.46 23.75
C SER J 168 38.31 19.57 23.57
N GLY J 169 37.05 19.21 23.33
CA GLY J 169 36.07 20.26 23.17
C GLY J 169 35.76 20.57 21.72
N THR J 170 34.48 20.80 21.43
CA THR J 170 34.01 21.10 20.09
C THR J 170 33.09 22.32 20.10
N THR K 1 63.46 24.60 30.17
CA THR K 1 64.50 23.98 29.30
C THR K 1 63.86 23.10 28.23
N VAL K 2 64.28 23.29 27.00
CA VAL K 2 63.76 22.52 25.87
C VAL K 2 63.92 21.01 26.14
N THR K 3 65.14 20.60 26.44
CA THR K 3 65.44 19.19 26.70
C THR K 3 64.54 18.63 27.80
N LYS K 4 64.26 19.47 28.81
CA LYS K 4 63.42 19.07 29.92
C LYS K 4 61.99 18.85 29.43
N THR K 5 61.44 19.86 28.79
CA THR K 5 60.08 19.79 28.28
C THR K 5 59.92 18.59 27.35
N ILE K 6 60.89 18.35 26.48
CA ILE K 6 60.81 17.22 25.57
C ILE K 6 60.74 15.92 26.34
N GLU K 7 61.37 15.88 27.51
CA GLU K 7 61.34 14.68 28.34
C GLU K 7 59.95 14.53 28.92
N THR K 8 59.42 15.63 29.46
CA THR K 8 58.09 15.64 30.06
C THR K 8 57.05 15.22 29.03
N HIS K 9 57.23 15.70 27.80
CA HIS K 9 56.32 15.37 26.72
C HIS K 9 56.23 13.87 26.52
N THR K 10 57.38 13.20 26.58
CA THR K 10 57.39 11.74 26.41
C THR K 10 56.50 11.08 27.46
N ASP K 11 56.57 11.57 28.70
CA ASP K 11 55.77 11.03 29.80
C ASP K 11 54.28 11.32 29.59
N ASN K 12 53.95 12.56 29.25
CA ASN K 12 52.56 12.95 29.03
C ASN K 12 51.97 12.27 27.82
N ILE K 13 52.78 12.12 26.78
CA ILE K 13 52.34 11.46 25.57
C ILE K 13 51.99 10.00 25.86
N GLU K 14 52.79 9.37 26.72
CA GLU K 14 52.53 7.98 27.08
C GLU K 14 51.25 7.87 27.90
N THR K 15 51.05 8.79 28.83
CA THR K 15 49.86 8.76 29.66
C THR K 15 48.60 8.94 28.81
N ASN K 16 48.73 9.61 27.67
CA ASN K 16 47.59 9.83 26.78
C ASN K 16 47.33 8.69 25.78
N MET K 17 48.06 7.59 25.92
CA MET K 17 47.86 6.43 25.04
C MET K 17 46.61 5.65 25.46
N ASP K 18 45.66 5.52 24.54
CA ASP K 18 44.38 4.83 24.77
C ASP K 18 44.01 4.06 23.53
N GLU K 19 43.23 3.00 23.68
CA GLU K 19 42.83 2.23 22.52
C GLU K 19 41.61 1.37 22.77
N ASN K 20 40.75 1.28 21.75
CA ASN K 20 39.56 0.45 21.83
C ASN K 20 39.84 -0.73 20.94
N LEU K 21 40.17 -1.85 21.57
CA LEU K 21 40.50 -3.07 20.86
C LEU K 21 39.24 -3.82 20.41
N ARG K 22 39.18 -4.14 19.12
CA ARG K 22 38.05 -4.89 18.57
C ARG K 22 38.45 -6.35 18.45
N ILE K 23 37.72 -7.22 19.15
CA ILE K 23 37.99 -8.64 19.12
C ILE K 23 36.74 -9.37 18.68
N PRO K 24 36.71 -9.85 17.42
CA PRO K 24 35.52 -10.56 16.97
C PRO K 24 35.28 -11.78 17.87
N VAL K 25 34.03 -12.03 18.20
CA VAL K 25 33.71 -13.14 19.08
C VAL K 25 32.48 -13.93 18.65
N THR K 26 32.42 -15.18 19.11
CA THR K 26 31.32 -16.07 18.82
C THR K 26 30.72 -16.59 20.12
N ALA K 27 29.44 -16.31 20.33
CA ALA K 27 28.77 -16.80 21.53
C ALA K 27 28.41 -18.23 21.19
N GLU K 28 29.18 -19.18 21.73
CA GLU K 28 28.94 -20.59 21.46
C GLU K 28 27.70 -21.10 22.19
N VAL K 29 26.59 -21.18 21.46
CA VAL K 29 25.33 -21.65 21.99
C VAL K 29 25.53 -22.93 22.77
N GLY K 30 25.26 -22.87 24.08
CA GLY K 30 25.41 -24.04 24.92
C GLY K 30 26.66 -24.06 25.78
N SER K 31 27.46 -23.01 25.72
CA SER K 31 28.68 -22.95 26.51
C SER K 31 28.68 -21.85 27.56
N GLY K 32 27.88 -20.80 27.32
CA GLY K 32 27.84 -19.71 28.27
C GLY K 32 29.13 -18.92 28.22
N TYR K 33 29.82 -19.03 27.08
CA TYR K 33 31.08 -18.33 26.88
C TYR K 33 31.20 -17.67 25.52
N PHE K 34 32.00 -16.61 25.48
CA PHE K 34 32.28 -15.89 24.26
C PHE K 34 33.60 -16.48 23.77
N LYS K 35 33.62 -16.99 22.55
CA LYS K 35 34.83 -17.61 22.00
C LYS K 35 35.55 -16.65 21.05
N MET K 36 36.88 -16.64 21.11
CA MET K 36 37.68 -15.79 20.23
C MET K 36 38.80 -16.59 19.59
N THR K 37 38.89 -16.48 18.26
CA THR K 37 39.91 -17.19 17.50
C THR K 37 41.28 -16.54 17.64
N ASP K 38 42.32 -17.36 17.62
CA ASP K 38 43.69 -16.86 17.71
C ASP K 38 43.95 -15.91 16.55
N VAL K 39 44.44 -14.72 16.87
CA VAL K 39 44.73 -13.71 15.87
C VAL K 39 45.92 -12.88 16.32
N SER K 40 46.50 -12.16 15.37
CA SER K 40 47.63 -11.30 15.66
C SER K 40 47.48 -10.01 14.87
N PHE K 41 47.52 -8.87 15.57
CA PHE K 41 47.40 -7.58 14.90
C PHE K 41 48.29 -6.51 15.51
N ASP K 42 48.41 -5.39 14.81
CA ASP K 42 49.24 -4.29 15.28
C ASP K 42 48.44 -3.00 15.40
N SER K 43 48.56 -2.38 16.57
CA SER K 43 47.87 -1.14 16.87
C SER K 43 48.87 0.01 16.92
N ASP K 44 48.55 1.13 16.31
CA ASP K 44 49.47 2.26 16.35
C ASP K 44 49.76 2.68 17.79
N THR K 45 48.86 2.35 18.71
CA THR K 45 49.06 2.72 20.11
C THR K 45 49.65 1.59 20.97
N LEU K 46 49.03 0.41 20.91
CA LEU K 46 49.46 -0.72 21.73
C LEU K 46 50.50 -1.67 21.13
N GLY K 47 50.82 -1.51 19.86
CA GLY K 47 51.80 -2.42 19.26
C GLY K 47 51.24 -3.78 18.93
N LYS K 48 52.10 -4.80 18.96
CA LYS K 48 51.70 -6.17 18.65
C LYS K 48 50.87 -6.85 19.73
N ILE K 49 49.68 -7.29 19.35
CA ILE K 49 48.79 -7.97 20.28
C ILE K 49 48.45 -9.33 19.69
N LYS K 50 48.57 -10.37 20.52
CA LYS K 50 48.26 -11.71 20.05
C LYS K 50 47.29 -12.43 20.96
N ILE K 51 46.22 -12.94 20.35
CA ILE K 51 45.21 -13.70 21.09
C ILE K 51 45.64 -15.16 20.97
N ARG K 52 46.00 -15.77 22.10
CA ARG K 52 46.44 -17.15 22.11
C ARG K 52 45.61 -18.04 23.03
N ASN K 53 44.76 -18.86 22.44
CA ASN K 53 43.91 -19.77 23.20
C ASN K 53 44.71 -20.85 23.90
N GLY K 54 44.11 -21.38 24.96
CA GLY K 54 44.74 -22.45 25.73
C GLY K 54 46.20 -22.29 26.09
N LYS K 55 46.51 -21.30 26.89
CA LYS K 55 47.89 -21.09 27.31
C LYS K 55 47.99 -20.61 28.75
N SER K 56 48.99 -21.11 29.45
CA SER K 56 49.22 -20.75 30.84
C SER K 56 49.92 -19.40 30.90
N ASP K 57 49.95 -18.80 32.09
CA ASP K 57 50.61 -17.51 32.26
C ASP K 57 52.02 -17.61 31.70
N ALA K 58 52.76 -18.63 32.15
CA ALA K 58 54.13 -18.85 31.71
C ALA K 58 54.24 -18.93 30.19
N GLN K 59 53.38 -19.74 29.57
CA GLN K 59 53.41 -19.90 28.12
C GLN K 59 53.12 -18.59 27.41
N MET K 60 52.26 -17.76 27.99
CA MET K 60 51.92 -16.45 27.44
C MET K 60 53.20 -15.61 27.35
N LYS K 61 53.86 -15.50 28.50
CA LYS K 61 55.08 -14.71 28.64
C LYS K 61 56.21 -15.16 27.71
N GLU K 62 55.92 -16.13 26.86
CA GLU K 62 56.92 -16.62 25.93
C GLU K 62 56.62 -16.19 24.50
N GLU K 63 55.49 -15.51 24.32
CA GLU K 63 55.06 -15.03 23.01
C GLU K 63 55.80 -13.75 22.60
N ASP K 64 55.89 -13.51 21.30
CA ASP K 64 56.56 -12.32 20.81
C ASP K 64 55.50 -11.28 20.45
N ALA K 65 55.07 -10.52 21.45
CA ALA K 65 54.07 -9.49 21.27
C ALA K 65 54.14 -8.56 22.45
N ASP K 66 53.57 -7.37 22.32
CA ASP K 66 53.59 -6.40 23.40
C ASP K 66 52.53 -6.79 24.41
N LEU K 67 51.44 -7.36 23.90
CA LEU K 67 50.34 -7.80 24.73
C LEU K 67 49.83 -9.18 24.29
N VAL K 68 49.61 -10.05 25.25
CA VAL K 68 49.11 -11.38 24.98
C VAL K 68 47.75 -11.53 25.66
N ILE K 69 46.74 -11.86 24.88
CA ILE K 69 45.38 -12.05 25.38
C ILE K 69 45.00 -13.53 25.32
N THR K 70 44.49 -14.06 26.44
CA THR K 70 44.10 -15.46 26.51
C THR K 70 42.79 -15.64 27.29
N PRO K 71 41.75 -16.14 26.63
CA PRO K 71 40.47 -16.33 27.33
C PRO K 71 40.61 -17.31 28.50
N VAL K 72 39.65 -17.29 29.42
CA VAL K 72 39.70 -18.17 30.58
C VAL K 72 38.35 -18.76 30.93
N GLU K 73 38.24 -20.08 30.86
CA GLU K 73 37.01 -20.80 31.19
C GLU K 73 36.98 -21.02 32.69
N GLY K 74 37.14 -19.94 33.46
CA GLY K 74 37.14 -20.07 34.90
C GLY K 74 35.81 -19.79 35.57
N ARG K 75 34.74 -19.78 34.78
CA ARG K 75 33.38 -19.53 35.27
C ARG K 75 33.31 -18.40 36.29
N ALA K 76 33.95 -17.27 35.99
CA ALA K 76 33.94 -16.13 36.91
C ALA K 76 32.58 -15.45 36.87
N LEU K 77 31.75 -15.87 35.92
CA LEU K 77 30.41 -15.31 35.75
C LEU K 77 29.34 -16.39 35.91
N GLU K 78 28.57 -16.29 36.98
CA GLU K 78 27.51 -17.25 37.26
C GLU K 78 26.53 -17.31 36.08
N VAL K 79 26.51 -18.47 35.41
CA VAL K 79 25.65 -18.64 34.24
C VAL K 79 24.97 -20.00 34.19
N THR K 80 23.73 -19.99 33.68
CA THR K 80 22.95 -21.20 33.48
C THR K 80 23.04 -21.43 31.99
N VAL K 81 24.13 -22.10 31.62
CA VAL K 81 24.43 -22.39 30.22
C VAL K 81 23.27 -22.75 29.31
N GLY K 82 22.30 -23.48 29.84
CA GLY K 82 21.16 -23.88 29.02
C GLY K 82 20.29 -22.77 28.45
N GLN K 83 20.12 -21.70 29.22
CA GLN K 83 19.28 -20.58 28.81
C GLN K 83 19.87 -19.76 27.67
N ASN K 84 21.18 -19.65 27.65
CA ASN K 84 21.88 -18.89 26.62
C ASN K 84 21.47 -17.41 26.62
N LEU K 85 21.52 -16.80 27.80
CA LEU K 85 21.18 -15.39 27.94
C LEU K 85 22.41 -14.62 28.39
N THR K 86 23.27 -15.28 29.16
CA THR K 86 24.50 -14.66 29.67
C THR K 86 25.75 -15.40 29.21
N PHE K 87 26.66 -14.67 28.58
CA PHE K 87 27.91 -15.26 28.11
C PHE K 87 29.11 -14.57 28.75
N GLU K 88 30.15 -15.35 29.04
CA GLU K 88 31.36 -14.84 29.67
C GLU K 88 32.47 -14.63 28.64
N GLY K 89 33.06 -13.44 28.64
CA GLY K 89 34.14 -13.14 27.72
C GLY K 89 35.45 -12.93 28.47
N THR K 90 35.48 -13.39 29.71
CA THR K 90 36.65 -13.26 30.56
C THR K 90 37.93 -13.71 29.86
N PHE K 91 39.02 -13.00 30.12
CA PHE K 91 40.30 -13.32 29.53
C PHE K 91 41.41 -12.66 30.32
N LYS K 92 42.62 -13.21 30.22
CA LYS K 92 43.75 -12.63 30.92
C LYS K 92 44.68 -12.02 29.89
N VAL K 93 45.56 -11.13 30.33
CA VAL K 93 46.48 -10.51 29.41
C VAL K 93 47.84 -10.28 30.04
N TRP K 94 48.88 -10.64 29.30
CA TRP K 94 50.25 -10.45 29.75
C TRP K 94 50.73 -9.11 29.26
N ASN K 95 51.05 -8.23 30.21
CA ASN K 95 51.53 -6.91 29.87
C ASN K 95 53.04 -6.95 29.63
N ASN K 96 53.43 -7.10 28.36
CA ASN K 96 54.83 -7.15 28.01
C ASN K 96 55.27 -5.74 27.60
N THR K 97 54.79 -4.74 28.35
CA THR K 97 55.12 -3.35 28.07
C THR K 97 55.79 -2.70 29.28
N SER K 98 56.49 -1.60 29.03
CA SER K 98 57.20 -0.88 30.07
C SER K 98 56.34 0.00 30.96
N ARG K 99 55.03 -0.22 30.97
CA ARG K 99 54.16 0.57 31.82
C ARG K 99 52.87 -0.14 32.22
N LYS K 100 52.45 0.07 33.46
CA LYS K 100 51.23 -0.52 33.99
C LYS K 100 50.11 -0.17 33.01
N ILE K 101 49.34 -1.18 32.61
CA ILE K 101 48.26 -0.98 31.67
C ILE K 101 46.91 -1.22 32.35
N ASN K 102 45.87 -0.57 31.85
CA ASN K 102 44.56 -0.69 32.45
C ASN K 102 43.49 -1.07 31.44
N ILE K 103 42.69 -2.06 31.80
CA ILE K 103 41.58 -2.53 30.96
C ILE K 103 40.36 -2.11 31.78
N THR K 104 39.67 -1.07 31.32
CA THR K 104 38.55 -0.53 32.07
C THR K 104 37.19 -0.44 31.38
N GLY K 105 37.01 -1.07 30.23
CA GLY K 105 35.72 -1.00 29.57
C GLY K 105 35.47 -2.09 28.56
N MET K 106 34.19 -2.39 28.29
CA MET K 106 33.81 -3.41 27.32
C MET K 106 32.40 -3.19 26.80
N GLN K 107 32.20 -3.45 25.51
CA GLN K 107 30.90 -3.30 24.89
C GLN K 107 30.74 -4.41 23.83
N MET K 108 29.64 -5.17 23.93
CA MET K 108 29.37 -6.25 22.98
C MET K 108 28.50 -5.76 21.85
N VAL K 109 29.06 -5.66 20.65
CA VAL K 109 28.31 -5.17 19.50
C VAL K 109 27.86 -6.27 18.54
N PRO K 110 26.55 -6.34 18.26
CA PRO K 110 25.92 -7.31 17.36
C PRO K 110 26.42 -7.17 15.92
N LYS K 111 26.99 -8.24 15.38
CA LYS K 111 27.51 -8.19 14.01
C LYS K 111 26.40 -8.19 12.96
N ILE K 112 26.49 -7.26 12.03
CA ILE K 112 25.52 -7.16 10.94
C ILE K 112 25.81 -8.29 9.96
N ASN K 113 24.87 -9.23 9.82
CA ASN K 113 25.08 -10.36 8.91
C ASN K 113 24.93 -9.95 7.45
N PRO K 114 25.14 -10.89 6.52
CA PRO K 114 25.02 -10.58 5.09
C PRO K 114 23.63 -10.09 4.69
N SER K 115 22.62 -10.46 5.46
CA SER K 115 21.25 -10.06 5.18
C SER K 115 20.93 -8.70 5.79
N LYS K 116 21.96 -7.90 6.01
CA LYS K 116 21.84 -6.55 6.58
C LYS K 116 20.99 -6.48 7.85
N ALA K 117 21.14 -7.47 8.73
CA ALA K 117 20.38 -7.51 9.97
C ALA K 117 21.28 -7.86 11.15
N PHE K 118 20.82 -7.49 12.35
CA PHE K 118 21.59 -7.76 13.56
C PHE K 118 20.65 -7.92 14.75
N VAL K 119 21.05 -8.73 15.73
CA VAL K 119 20.23 -8.94 16.92
C VAL K 119 20.04 -7.60 17.61
N GLY K 120 18.78 -7.19 17.81
CA GLY K 120 18.50 -5.91 18.44
C GLY K 120 17.88 -5.96 19.81
N SER K 121 17.85 -7.13 20.44
CA SER K 121 17.26 -7.25 21.77
C SER K 121 18.13 -6.46 22.76
N SER K 122 17.68 -6.36 24.01
CA SER K 122 18.44 -5.65 25.02
C SER K 122 19.83 -6.27 25.11
N ASN K 123 20.82 -5.42 25.30
CA ASN K 123 22.22 -5.82 25.37
C ASN K 123 22.85 -5.15 26.59
N THR K 124 23.21 -5.94 27.60
CA THR K 124 23.80 -5.36 28.80
C THR K 124 25.04 -6.09 29.28
N SER K 125 26.18 -5.41 29.23
CA SER K 125 27.43 -6.01 29.66
C SER K 125 27.91 -5.47 30.99
N SER K 126 28.76 -6.25 31.64
CA SER K 126 29.35 -5.87 32.91
C SER K 126 30.78 -6.38 32.87
N PHE K 127 31.61 -5.85 33.76
CA PHE K 127 33.02 -6.23 33.81
C PHE K 127 33.65 -5.63 35.06
N THR K 128 34.84 -6.11 35.39
CA THR K 128 35.56 -5.59 36.54
C THR K 128 36.87 -5.08 35.99
N PRO K 129 37.06 -3.75 35.99
CA PRO K 129 38.29 -3.16 35.47
C PRO K 129 39.49 -3.73 36.21
N VAL K 130 40.59 -3.90 35.50
CA VAL K 130 41.79 -4.44 36.12
C VAL K 130 43.02 -3.71 35.57
N SER K 131 44.00 -3.49 36.43
CA SER K 131 45.24 -2.83 36.03
C SER K 131 46.35 -3.87 36.11
N ILE K 132 47.22 -3.90 35.09
CA ILE K 132 48.28 -4.89 35.05
C ILE K 132 49.69 -4.30 34.96
N ASP K 133 50.49 -4.56 35.98
CA ASP K 133 51.86 -4.05 36.02
C ASP K 133 52.76 -4.68 34.99
N GLU K 134 53.95 -4.09 34.82
CA GLU K 134 54.93 -4.56 33.86
C GLU K 134 55.24 -6.05 34.00
N ASP K 135 55.13 -6.76 32.86
CA ASP K 135 55.42 -8.19 32.79
C ASP K 135 54.49 -9.11 33.57
N GLU K 136 53.46 -8.56 34.20
CA GLU K 136 52.55 -9.39 34.98
C GLU K 136 51.35 -9.84 34.16
N VAL K 137 50.52 -10.69 34.77
CA VAL K 137 49.34 -11.20 34.09
C VAL K 137 48.08 -11.02 34.95
N GLY K 138 47.08 -10.38 34.37
CA GLY K 138 45.83 -10.14 35.08
C GLY K 138 44.67 -10.54 34.20
N THR K 139 43.53 -10.85 34.80
CA THR K 139 42.38 -11.26 34.02
C THR K 139 41.28 -10.22 34.04
N PHE K 140 40.62 -10.05 32.91
CA PHE K 140 39.55 -9.09 32.77
C PHE K 140 38.23 -9.83 32.70
N VAL K 141 37.57 -9.99 33.84
CA VAL K 141 36.28 -10.67 33.90
C VAL K 141 35.25 -9.79 33.21
N CYS K 142 34.54 -10.35 32.24
CA CYS K 142 33.53 -9.60 31.52
C CYS K 142 32.51 -10.51 30.84
N GLY K 143 31.32 -9.99 30.62
CA GLY K 143 30.29 -10.77 29.99
C GLY K 143 29.09 -9.92 29.64
N THR K 144 28.12 -10.52 28.99
CA THR K 144 26.93 -9.80 28.59
C THR K 144 25.67 -10.63 28.82
N THR K 145 24.54 -9.95 28.89
CA THR K 145 23.25 -10.59 29.08
C THR K 145 22.32 -9.98 28.03
N PHE K 146 21.68 -10.83 27.25
CA PHE K 146 20.77 -10.36 26.22
C PHE K 146 19.33 -10.54 26.65
N GLY K 147 18.43 -9.75 26.05
CA GLY K 147 17.03 -9.84 26.40
C GLY K 147 16.41 -11.15 25.94
N ALA K 148 16.88 -11.64 24.79
CA ALA K 148 16.40 -12.89 24.22
C ALA K 148 17.54 -13.89 24.20
N PRO K 149 17.22 -15.20 24.33
CA PRO K 149 18.23 -16.26 24.32
C PRO K 149 19.07 -16.24 23.04
N ILE K 150 20.39 -16.43 23.18
CA ILE K 150 21.27 -16.41 22.02
C ILE K 150 21.28 -17.76 21.29
N ALA K 151 21.18 -17.68 19.97
CA ALA K 151 21.17 -18.84 19.09
C ALA K 151 21.90 -18.49 17.79
N ALA K 152 22.85 -19.34 17.40
CA ALA K 152 23.65 -19.13 16.19
C ALA K 152 22.84 -18.86 14.92
N THR K 153 21.53 -19.05 14.99
CA THR K 153 20.67 -18.84 13.82
C THR K 153 20.87 -17.46 13.19
N ALA K 154 21.12 -17.44 11.88
CA ALA K 154 21.32 -16.20 11.14
C ALA K 154 22.54 -15.41 11.60
N GLY K 155 23.45 -16.07 12.31
CA GLY K 155 24.64 -15.40 12.78
C GLY K 155 24.38 -14.52 14.00
N GLY K 156 23.26 -14.78 14.68
CA GLY K 156 22.92 -14.01 15.85
C GLY K 156 23.79 -14.33 17.05
N ASN K 157 24.87 -15.07 16.81
CA ASN K 157 25.80 -15.42 17.87
C ASN K 157 27.15 -14.80 17.53
N LEU K 158 27.17 -13.96 16.50
CA LEU K 158 28.39 -13.28 16.07
C LEU K 158 28.38 -11.82 16.48
N PHE K 159 29.44 -11.38 17.16
CA PHE K 159 29.53 -9.99 17.60
C PHE K 159 30.99 -9.54 17.69
N ASP K 160 31.16 -8.24 17.94
CA ASP K 160 32.50 -7.67 18.10
C ASP K 160 32.62 -7.10 19.50
N MET K 161 33.56 -7.63 20.27
CA MET K 161 33.79 -7.17 21.62
C MET K 161 34.83 -6.06 21.59
N TYR K 162 34.43 -4.87 22.02
CA TYR K 162 35.32 -3.72 22.05
C TYR K 162 35.78 -3.50 23.47
N VAL K 163 37.07 -3.66 23.72
CA VAL K 163 37.59 -3.47 25.06
C VAL K 163 38.47 -2.23 25.11
N HIS K 164 38.21 -1.37 26.09
CA HIS K 164 38.97 -0.14 26.24
C HIS K 164 40.23 -0.35 27.07
N VAL K 165 41.35 0.11 26.54
CA VAL K 165 42.64 -0.02 27.19
C VAL K 165 43.32 1.34 27.29
N THR K 166 44.00 1.57 28.40
CA THR K 166 44.67 2.84 28.59
C THR K 166 45.84 2.78 29.55
N TYR K 167 46.87 3.57 29.27
CA TYR K 167 48.05 3.63 30.12
C TYR K 167 47.89 4.72 31.16
N SER K 168 46.74 5.37 31.18
CA SER K 168 46.49 6.43 32.15
C SER K 168 46.77 5.87 33.53
N GLY K 169 45.74 5.39 34.22
CA GLY K 169 45.97 4.83 35.54
C GLY K 169 45.41 5.74 36.62
N THR K 170 44.67 5.15 37.55
CA THR K 170 44.08 5.91 38.64
C THR K 170 44.51 5.36 39.99
N THR L 1 70.01 13.65 18.37
CA THR L 1 69.33 14.62 17.46
C THR L 1 67.89 14.90 17.86
N VAL L 2 67.62 16.16 18.19
CA VAL L 2 66.30 16.59 18.59
C VAL L 2 65.29 16.37 17.48
N THR L 3 65.66 16.73 16.26
CA THR L 3 64.78 16.59 15.11
C THR L 3 64.15 15.20 15.04
N LYS L 4 64.91 14.18 15.39
CA LYS L 4 64.37 12.83 15.37
C LYS L 4 63.32 12.67 16.45
N THR L 5 63.63 13.15 17.65
CA THR L 5 62.71 13.04 18.78
C THR L 5 61.45 13.89 18.52
N ILE L 6 61.63 15.05 17.89
CA ILE L 6 60.49 15.92 17.58
C ILE L 6 59.56 15.22 16.59
N GLU L 7 60.14 14.52 15.63
CA GLU L 7 59.34 13.79 14.65
C GLU L 7 58.54 12.69 15.34
N THR L 8 59.19 11.95 16.23
CA THR L 8 58.54 10.88 16.99
C THR L 8 57.34 11.43 17.76
N HIS L 9 57.55 12.58 18.41
CA HIS L 9 56.49 13.22 19.19
C HIS L 9 55.32 13.61 18.29
N THR L 10 55.62 14.22 17.15
CA THR L 10 54.57 14.63 16.21
C THR L 10 53.73 13.40 15.86
N ASP L 11 54.40 12.28 15.59
CA ASP L 11 53.69 11.05 15.24
C ASP L 11 52.81 10.54 16.37
N ASN L 12 53.41 10.36 17.55
CA ASN L 12 52.69 9.84 18.70
C ASN L 12 51.57 10.76 19.18
N ILE L 13 51.83 12.07 19.20
CA ILE L 13 50.80 13.00 19.63
C ILE L 13 49.60 12.81 18.69
N GLU L 14 49.87 12.73 17.39
CA GLU L 14 48.82 12.54 16.40
C GLU L 14 48.11 11.22 16.61
N THR L 15 48.85 10.15 16.88
CA THR L 15 48.22 8.85 17.08
C THR L 15 47.32 8.87 18.31
N ASN L 16 47.55 9.82 19.20
CA ASN L 16 46.73 9.94 20.42
C ASN L 16 45.48 10.79 20.24
N MET L 17 45.28 11.34 19.04
CA MET L 17 44.11 12.17 18.78
C MET L 17 42.86 11.28 18.74
N ASP L 18 41.92 11.52 19.68
CA ASP L 18 40.66 10.78 19.80
C ASP L 18 39.51 11.75 19.97
N GLU L 19 38.34 11.40 19.46
CA GLU L 19 37.18 12.28 19.63
C GLU L 19 35.85 11.55 19.47
N ASN L 20 34.87 11.96 20.26
CA ASN L 20 33.52 11.40 20.17
C ASN L 20 32.68 12.54 19.64
N LEU L 21 32.36 12.51 18.36
CA LEU L 21 31.57 13.56 17.74
C LEU L 21 30.11 13.37 18.06
N ARG L 22 29.45 14.44 18.51
CA ARG L 22 28.03 14.37 18.83
C ARG L 22 27.26 14.93 17.64
N ILE L 23 26.47 14.08 17.00
CA ILE L 23 25.69 14.54 15.87
C ILE L 23 24.21 14.43 16.21
N PRO L 24 23.55 15.58 16.37
CA PRO L 24 22.11 15.52 16.70
C PRO L 24 21.38 14.91 15.51
N VAL L 25 20.45 13.99 15.79
CA VAL L 25 19.70 13.34 14.73
C VAL L 25 18.21 13.21 15.04
N THR L 26 17.40 13.07 14.00
CA THR L 26 15.97 12.92 14.15
C THR L 26 15.51 11.62 13.50
N ALA L 27 14.97 10.71 14.30
CA ALA L 27 14.48 9.45 13.75
C ALA L 27 13.18 9.79 13.05
N GLU L 28 13.20 9.88 11.73
CA GLU L 28 11.99 10.21 11.00
C GLU L 28 11.04 9.01 10.94
N VAL L 29 9.94 9.12 11.67
CA VAL L 29 8.94 8.06 11.72
C VAL L 29 8.56 7.62 10.32
N GLY L 30 8.46 6.30 10.12
CA GLY L 30 8.10 5.77 8.82
C GLY L 30 9.12 6.02 7.73
N SER L 31 10.40 6.15 8.09
CA SER L 31 11.45 6.38 7.11
C SER L 31 12.58 5.38 7.32
N GLY L 32 12.70 4.86 8.54
CA GLY L 32 13.74 3.91 8.85
C GLY L 32 15.13 4.53 8.81
N TYR L 33 15.20 5.86 8.82
CA TYR L 33 16.47 6.56 8.80
C TYR L 33 16.62 7.60 9.90
N PHE L 34 17.86 7.77 10.37
CA PHE L 34 18.18 8.78 11.35
C PHE L 34 18.59 9.96 10.47
N LYS L 35 17.85 11.07 10.57
CA LYS L 35 18.13 12.25 9.74
C LYS L 35 19.01 13.28 10.45
N MET L 36 19.97 13.83 9.71
CA MET L 36 20.87 14.84 10.27
C MET L 36 20.90 16.08 9.39
N THR L 37 20.79 17.24 10.02
CA THR L 37 20.79 18.52 9.31
C THR L 37 22.17 19.12 9.09
N ASP L 38 22.34 19.78 7.96
CA ASP L 38 23.59 20.43 7.61
C ASP L 38 24.05 21.31 8.75
N VAL L 39 25.27 21.08 9.22
CA VAL L 39 25.84 21.85 10.33
C VAL L 39 27.34 21.94 10.13
N SER L 40 27.97 22.86 10.85
CA SER L 40 29.41 23.04 10.75
C SER L 40 30.01 23.39 12.11
N PHE L 41 30.87 22.53 12.62
CA PHE L 41 31.50 22.79 13.91
C PHE L 41 33.01 22.59 13.90
N ASP L 42 33.65 22.97 15.00
CA ASP L 42 35.10 22.86 15.09
C ASP L 42 35.53 22.09 16.34
N SER L 43 36.30 21.04 16.13
CA SER L 43 36.80 20.23 17.23
C SER L 43 38.27 20.53 17.47
N ASP L 44 38.69 20.57 18.72
CA ASP L 44 40.08 20.85 19.06
C ASP L 44 40.98 19.74 18.52
N THR L 45 40.40 18.57 18.26
CA THR L 45 41.17 17.45 17.76
C THR L 45 41.05 17.23 16.25
N LEU L 46 39.82 17.15 15.75
CA LEU L 46 39.60 16.90 14.33
C LEU L 46 39.57 18.13 13.41
N GLY L 47 39.35 19.30 13.98
CA GLY L 47 39.31 20.51 13.16
C GLY L 47 37.91 20.82 12.63
N LYS L 48 37.86 21.41 11.45
CA LYS L 48 36.58 21.78 10.82
C LYS L 48 35.78 20.58 10.32
N ILE L 49 34.57 20.42 10.83
CA ILE L 49 33.72 19.32 10.41
C ILE L 49 32.41 19.87 9.84
N LYS L 50 32.10 19.51 8.59
CA LYS L 50 30.86 19.98 7.97
C LYS L 50 30.00 18.82 7.53
N ILE L 51 28.72 18.87 7.92
CA ILE L 51 27.78 17.82 7.51
C ILE L 51 27.09 18.39 6.28
N ARG L 52 27.11 17.61 5.20
CA ARG L 52 26.52 18.04 3.94
C ARG L 52 25.63 17.01 3.26
N ASN L 53 24.32 17.19 3.42
CA ASN L 53 23.31 16.31 2.84
C ASN L 53 23.34 16.29 1.31
N GLY L 54 22.96 15.15 0.75
CA GLY L 54 22.87 14.97 -0.68
C GLY L 54 24.02 15.37 -1.60
N LYS L 55 25.25 15.06 -1.21
CA LYS L 55 26.37 15.40 -2.07
C LYS L 55 27.14 14.16 -2.50
N SER L 56 27.50 14.11 -3.78
CA SER L 56 28.25 12.99 -4.30
C SER L 56 29.66 13.07 -3.73
N ASP L 57 30.41 11.99 -3.84
CA ASP L 57 31.78 11.96 -3.35
C ASP L 57 32.53 13.16 -3.92
N ALA L 58 32.46 13.29 -5.24
CA ALA L 58 33.14 14.38 -5.94
C ALA L 58 32.77 15.75 -5.36
N GLN L 59 31.51 15.91 -4.96
CA GLN L 59 31.06 17.19 -4.42
C GLN L 59 31.59 17.44 -3.00
N MET L 60 31.81 16.37 -2.26
CA MET L 60 32.32 16.49 -0.90
C MET L 60 33.69 17.18 -0.88
N LYS L 61 34.55 16.81 -1.84
CA LYS L 61 35.89 17.37 -1.92
C LYS L 61 35.95 18.87 -2.26
N GLU L 62 34.84 19.41 -2.73
CA GLU L 62 34.78 20.83 -3.09
C GLU L 62 34.62 21.65 -1.81
N GLU L 63 34.12 21.01 -0.77
CA GLU L 63 33.88 21.65 0.52
C GLU L 63 35.18 22.00 1.24
N ASP L 64 35.20 23.14 1.93
CA ASP L 64 36.39 23.56 2.66
C ASP L 64 36.25 23.12 4.11
N ALA L 65 36.86 21.97 4.43
CA ALA L 65 36.80 21.44 5.77
C ALA L 65 37.78 20.28 5.94
N ASP L 66 38.02 19.89 7.19
CA ASP L 66 38.93 18.80 7.48
C ASP L 66 38.21 17.48 7.23
N LEU L 67 36.95 17.41 7.68
CA LEU L 67 36.12 16.22 7.49
C LEU L 67 34.74 16.62 6.99
N VAL L 68 34.26 15.90 5.98
CA VAL L 68 32.93 16.15 5.44
C VAL L 68 32.09 14.89 5.68
N ILE L 69 30.95 15.06 6.33
CA ILE L 69 30.05 13.96 6.62
C ILE L 69 28.80 14.13 5.78
N THR L 70 28.37 13.06 5.12
CA THR L 70 27.19 13.10 4.27
C THR L 70 26.37 11.84 4.47
N PRO L 71 25.14 11.99 4.98
CA PRO L 71 24.29 10.80 5.20
C PRO L 71 24.03 10.07 3.88
N VAL L 72 23.84 8.77 3.97
CA VAL L 72 23.58 7.96 2.78
C VAL L 72 22.31 7.13 2.94
N GLU L 73 21.36 7.35 2.04
CA GLU L 73 20.08 6.63 2.05
C GLU L 73 20.20 5.41 1.14
N GLY L 74 20.99 4.43 1.55
CA GLY L 74 21.19 3.23 0.76
C GLY L 74 20.64 1.95 1.33
N ARG L 75 19.92 2.06 2.45
CA ARG L 75 19.32 0.90 3.11
C ARG L 75 20.37 -0.18 3.40
N ALA L 76 21.45 0.22 4.08
CA ALA L 76 22.52 -0.71 4.42
C ALA L 76 22.04 -1.65 5.51
N LEU L 77 20.89 -1.33 6.10
CA LEU L 77 20.30 -2.13 7.16
C LEU L 77 18.91 -2.58 6.74
N GLU L 78 18.60 -3.85 6.99
CA GLU L 78 17.30 -4.41 6.64
C GLU L 78 16.27 -3.87 7.63
N VAL L 79 15.32 -3.08 7.16
CA VAL L 79 14.32 -2.50 8.05
C VAL L 79 12.90 -2.52 7.51
N THR L 80 11.94 -2.72 8.41
CA THR L 80 10.53 -2.71 8.06
C THR L 80 10.01 -1.36 8.56
N VAL L 81 10.28 -0.33 7.76
CA VAL L 81 9.91 1.05 8.05
C VAL L 81 8.67 1.31 8.90
N GLY L 82 7.61 0.53 8.70
CA GLY L 82 6.38 0.73 9.45
C GLY L 82 6.43 0.40 10.93
N GLN L 83 7.36 -0.45 11.33
CA GLN L 83 7.47 -0.82 12.74
C GLN L 83 8.13 0.27 13.57
N ASN L 84 8.98 1.07 12.93
CA ASN L 84 9.69 2.16 13.62
C ASN L 84 10.49 1.64 14.81
N LEU L 85 11.08 0.46 14.65
CA LEU L 85 11.90 -0.13 15.70
C LEU L 85 13.37 0.06 15.37
N THR L 86 13.69 0.08 14.09
CA THR L 86 15.06 0.22 13.64
C THR L 86 15.27 1.43 12.72
N PHE L 87 16.33 2.19 12.97
CA PHE L 87 16.64 3.36 12.16
C PHE L 87 18.11 3.36 11.74
N GLU L 88 18.35 3.69 10.47
CA GLU L 88 19.71 3.71 9.92
C GLU L 88 20.33 5.09 9.86
N GLY L 89 21.53 5.21 10.39
CA GLY L 89 22.23 6.48 10.39
C GLY L 89 23.49 6.44 9.54
N THR L 90 23.56 5.48 8.63
CA THR L 90 24.72 5.33 7.75
C THR L 90 25.12 6.64 7.07
N PHE L 91 26.43 6.91 7.06
CA PHE L 91 26.93 8.12 6.43
C PHE L 91 28.35 7.89 5.94
N LYS L 92 28.78 8.68 4.96
CA LYS L 92 30.14 8.57 4.44
C LYS L 92 30.91 9.83 4.80
N VAL L 93 32.23 9.73 4.83
CA VAL L 93 33.03 10.89 5.17
C VAL L 93 34.26 11.03 4.29
N TRP L 94 34.58 12.27 3.93
CA TRP L 94 35.74 12.56 3.12
C TRP L 94 36.85 12.99 4.07
N ASN L 95 37.97 12.28 4.04
CA ASN L 95 39.11 12.58 4.91
C ASN L 95 40.02 13.60 4.23
N ASN L 96 39.85 14.87 4.56
CA ASN L 96 40.68 15.93 3.99
C ASN L 96 41.83 16.22 4.96
N THR L 97 42.30 15.18 5.63
CA THR L 97 43.39 15.26 6.61
C THR L 97 44.64 14.51 6.13
N SER L 98 45.80 14.86 6.69
CA SER L 98 47.07 14.24 6.30
C SER L 98 47.32 12.82 6.81
N ARG L 99 46.32 12.23 7.46
CA ARG L 99 46.48 10.87 7.96
C ARG L 99 45.20 10.06 7.92
N LYS L 100 45.35 8.76 7.70
CA LYS L 100 44.24 7.82 7.66
C LYS L 100 43.42 7.97 8.94
N ILE L 101 42.10 8.02 8.81
CA ILE L 101 41.23 8.19 9.97
C ILE L 101 40.35 6.94 10.20
N ASN L 102 40.02 6.69 11.47
CA ASN L 102 39.22 5.53 11.83
C ASN L 102 37.93 5.85 12.59
N ILE L 103 36.80 5.41 12.06
CA ILE L 103 35.51 5.63 12.70
C ILE L 103 35.18 4.24 13.24
N THR L 104 35.30 4.08 14.55
CA THR L 104 35.14 2.78 15.19
C THR L 104 34.08 2.59 16.25
N GLY L 105 33.14 3.53 16.37
CA GLY L 105 32.12 3.36 17.39
C GLY L 105 30.98 4.33 17.25
N MET L 106 29.80 3.93 17.74
CA MET L 106 28.62 4.75 17.68
C MET L 106 27.71 4.44 18.86
N GLN L 107 27.03 5.47 19.37
CA GLN L 107 26.11 5.33 20.47
C GLN L 107 24.96 6.30 20.29
N MET L 108 23.73 5.79 20.36
CA MET L 108 22.53 6.61 20.20
C MET L 108 21.97 6.99 21.55
N VAL L 109 22.11 8.25 21.91
CA VAL L 109 21.62 8.70 23.21
C VAL L 109 20.31 9.47 23.07
N PRO L 110 19.25 8.99 23.72
CA PRO L 110 17.94 9.66 23.65
C PRO L 110 18.08 11.07 24.21
N LYS L 111 17.49 12.04 23.53
CA LYS L 111 17.58 13.43 24.00
C LYS L 111 16.58 13.74 25.12
N ILE L 112 17.10 14.29 26.22
CA ILE L 112 16.24 14.67 27.34
C ILE L 112 15.45 15.87 26.84
N ASN L 113 14.11 15.79 26.90
CA ASN L 113 13.30 16.89 26.41
C ASN L 113 13.11 17.99 27.44
N PRO L 114 12.36 19.05 27.10
CA PRO L 114 12.11 20.19 28.00
C PRO L 114 11.43 19.79 29.30
N SER L 115 10.70 18.69 29.27
CA SER L 115 10.01 18.20 30.46
C SER L 115 10.92 17.34 31.31
N LYS L 116 12.18 17.23 30.90
CA LYS L 116 13.19 16.44 31.61
C LYS L 116 12.98 14.93 31.53
N ALA L 117 12.39 14.49 30.42
CA ALA L 117 12.16 13.07 30.21
C ALA L 117 12.90 12.63 28.95
N PHE L 118 13.06 11.33 28.79
CA PHE L 118 13.75 10.77 27.63
C PHE L 118 13.32 9.31 27.43
N VAL L 119 13.36 8.84 26.17
CA VAL L 119 12.96 7.47 25.86
C VAL L 119 13.95 6.48 26.48
N GLY L 120 13.45 5.69 27.43
CA GLY L 120 14.31 4.74 28.11
C GLY L 120 14.11 3.26 27.82
N SER L 121 13.54 2.93 26.67
CA SER L 121 13.36 1.53 26.30
C SER L 121 14.70 0.97 25.83
N SER L 122 14.80 -0.35 25.69
CA SER L 122 16.05 -0.96 25.24
C SER L 122 16.56 -0.21 24.02
N ASN L 123 17.87 -0.02 23.98
CA ASN L 123 18.54 0.72 22.90
C ASN L 123 19.78 -0.06 22.49
N THR L 124 19.72 -0.73 21.34
CA THR L 124 20.84 -1.52 20.86
C THR L 124 21.36 -1.05 19.51
N SER L 125 22.60 -0.59 19.48
CA SER L 125 23.20 -0.10 18.26
C SER L 125 24.21 -1.07 17.65
N SER L 126 24.38 -0.98 16.34
CA SER L 126 25.35 -1.80 15.63
C SER L 126 25.98 -0.93 14.56
N PHE L 127 27.18 -1.28 14.14
CA PHE L 127 27.89 -0.51 13.14
C PHE L 127 29.05 -1.30 12.57
N THR L 128 29.58 -0.85 11.45
CA THR L 128 30.71 -1.49 10.79
C THR L 128 31.85 -0.46 10.70
N PRO L 129 32.89 -0.63 11.52
CA PRO L 129 34.03 0.28 11.52
C PRO L 129 34.62 0.45 10.11
N VAL L 130 35.11 1.65 9.83
CA VAL L 130 35.72 1.92 8.54
C VAL L 130 36.96 2.78 8.79
N SER L 131 37.99 2.59 7.97
CA SER L 131 39.20 3.37 8.08
C SER L 131 39.31 4.06 6.72
N ILE L 132 39.58 5.36 6.74
CA ILE L 132 39.65 6.13 5.50
C ILE L 132 41.01 6.81 5.32
N ASP L 133 41.60 6.63 4.14
CA ASP L 133 42.90 7.22 3.85
C ASP L 133 42.77 8.66 3.43
N GLU L 134 43.92 9.33 3.34
CA GLU L 134 43.97 10.73 2.94
C GLU L 134 43.23 10.95 1.64
N ASP L 135 42.39 11.97 1.62
CA ASP L 135 41.61 12.35 0.45
C ASP L 135 40.60 11.30 -0.03
N GLU L 136 40.43 10.23 0.73
CA GLU L 136 39.47 9.20 0.32
C GLU L 136 38.11 9.34 0.99
N VAL L 137 37.13 8.66 0.43
CA VAL L 137 35.76 8.69 0.95
C VAL L 137 35.45 7.28 1.43
N GLY L 138 34.85 7.17 2.62
CA GLY L 138 34.51 5.89 3.17
C GLY L 138 33.14 5.95 3.80
N THR L 139 32.44 4.82 3.87
CA THR L 139 31.11 4.81 4.46
C THR L 139 31.08 4.09 5.79
N PHE L 140 30.39 4.70 6.75
CA PHE L 140 30.26 4.13 8.08
C PHE L 140 28.81 3.68 8.27
N VAL L 141 28.58 2.38 8.12
CA VAL L 141 27.25 1.82 8.28
C VAL L 141 26.93 1.70 9.76
N CYS L 142 25.78 2.24 10.16
CA CYS L 142 25.39 2.18 11.56
C CYS L 142 23.88 2.34 11.71
N GLY L 143 23.35 1.82 12.80
CA GLY L 143 21.93 1.91 13.06
C GLY L 143 21.62 1.49 14.48
N THR L 144 20.36 1.66 14.88
CA THR L 144 19.97 1.30 16.21
C THR L 144 18.59 0.67 16.20
N THR L 145 18.35 -0.23 17.15
CA THR L 145 17.06 -0.91 17.28
C THR L 145 16.56 -0.67 18.70
N PHE L 146 15.32 -0.21 18.81
CA PHE L 146 14.71 0.07 20.11
C PHE L 146 13.71 -1.02 20.53
N GLY L 147 13.46 -1.10 21.84
CA GLY L 147 12.55 -2.10 22.36
C GLY L 147 11.09 -1.73 22.24
N ALA L 148 10.82 -0.58 21.64
CA ALA L 148 9.45 -0.13 21.46
C ALA L 148 9.46 0.88 20.33
N PRO L 149 8.37 0.96 19.56
CA PRO L 149 8.25 1.89 18.44
C PRO L 149 8.57 3.32 18.82
N ILE L 150 9.28 4.01 17.93
CA ILE L 150 9.64 5.41 18.15
C ILE L 150 8.53 6.29 17.59
N ALA L 151 8.21 7.37 18.32
CA ALA L 151 7.20 8.31 17.89
C ALA L 151 7.70 9.73 18.14
N ALA L 152 7.19 10.68 17.37
CA ALA L 152 7.59 12.08 17.51
C ALA L 152 7.16 12.71 18.83
N THR L 153 6.12 12.13 19.44
CA THR L 153 5.58 12.63 20.70
C THR L 153 6.64 12.86 21.78
N ALA L 154 6.54 14.02 22.44
CA ALA L 154 7.45 14.39 23.52
C ALA L 154 8.93 14.33 23.11
N GLY L 155 9.19 14.58 21.83
CA GLY L 155 10.56 14.53 21.35
C GLY L 155 11.12 13.13 21.43
N GLY L 156 10.23 12.14 21.30
CA GLY L 156 10.63 10.76 21.41
C GLY L 156 11.48 10.24 20.27
N ASN L 157 11.59 11.03 19.20
CA ASN L 157 12.38 10.63 18.04
C ASN L 157 13.68 11.43 17.93
N LEU L 158 14.02 12.20 18.97
CA LEU L 158 15.24 13.01 18.96
C LEU L 158 16.37 12.32 19.74
N PHE L 159 17.56 12.32 19.14
CA PHE L 159 18.72 11.68 19.74
C PHE L 159 20.01 12.46 19.44
N ASP L 160 21.09 12.02 20.08
CA ASP L 160 22.39 12.60 19.84
C ASP L 160 23.27 11.39 19.52
N MET L 161 23.69 11.30 18.27
CA MET L 161 24.54 10.19 17.84
C MET L 161 26.00 10.56 18.11
N TYR L 162 26.66 9.74 18.93
CA TYR L 162 28.06 9.95 19.27
C TYR L 162 28.88 8.95 18.45
N VAL L 163 29.73 9.48 17.58
CA VAL L 163 30.56 8.64 16.72
C VAL L 163 32.00 8.74 17.19
N HIS L 164 32.65 7.60 17.39
CA HIS L 164 34.03 7.60 17.84
C HIS L 164 35.01 7.64 16.67
N VAL L 165 35.88 8.64 16.69
CA VAL L 165 36.87 8.84 15.64
C VAL L 165 38.24 8.76 16.29
N THR L 166 39.20 8.16 15.59
CA THR L 166 40.55 8.03 16.14
C THR L 166 41.57 7.92 15.02
N TYR L 167 42.75 8.49 15.26
CA TYR L 167 43.83 8.44 14.29
C TYR L 167 44.78 7.28 14.56
N SER L 168 44.60 6.60 15.69
CA SER L 168 45.47 5.48 16.00
C SER L 168 45.42 4.51 14.83
N GLY L 169 44.60 3.48 14.93
CA GLY L 169 44.51 2.52 13.83
C GLY L 169 45.09 1.17 14.17
N THR L 170 44.41 0.11 13.76
CA THR L 170 44.88 -1.24 14.02
C THR L 170 44.81 -2.06 12.75
#